data_7ZQP
#
_entry.id   7ZQP
#
_cell.length_a   1.00
_cell.length_b   1.00
_cell.length_c   1.00
_cell.angle_alpha   90.00
_cell.angle_beta   90.00
_cell.angle_gamma   90.00
#
_symmetry.space_group_name_H-M   'P 1'
#
loop_
_entity.id
_entity.type
_entity.pdbx_description
1 polymer 'Probable baseplate hub protein'
2 polymer 'Probable tape measure protein'
#
loop_
_entity_poly.entity_id
_entity_poly.type
_entity_poly.pdbx_seq_one_letter_code
_entity_poly.pdbx_strand_id
1 'polypeptide(L)'
;MKKILDSAKNYLNTHDKLKTACLIALELPSSSGSAATYIYLTDYFRDVTYNGILYRSGKVKSISSHKQNRQLSIGSLSFT
ITGTAEDEVLKLVQNGVSFLDRGITIHQAIINEEGNILPVDPDTDGPLLFFRGRITGGGIKDNVNTSGIGTSVITWNCSN
QFYDFDRVNGRYTDDASHRGLEVVNGTLQPSNGAKRPEYQEDYGFFHSNKSTTILAKYQVKEERYKLQSKKKLFGLSRSY
SLKKYYETVTKEVDLDFNLAAKFIPVVYGVQKIPGIPIFADTELNNPNIVYVVYAFAEGEIDGFLDFYIGDSPMICFDET
DSDTRTCFGRKKIVGDTMHRLAAGTSTSQPSVHGQEYKYNDGNGDIRIWTFHGKPDQTAAQVLVDIAKKKGFYLQNQNGN
GPEYWDSRYKLLDTAYAIVRFTINENRTEIPEISAEVQGKKVKVYNSDGTIKADKTSLNGIWQLMDYLTSDRYGADITLD
QFPLQKVISEAKILDIIDESYQTSWQPYWRYVGWNDPLSENRQIVQLNTILDTSESVFKNVQGILESFGGAINNLSGEYR
ITVEKYSTNPLRINFLDTYGDLDLSDTTGRNKFNSVQASLVDPALSWKTNSITFYNSKFKEQDKGLDKKLQLSFANITNY
YTARSYADRELKKSRYSRTLSFSVPYKFIGIEPNDPIAFTYERYGWKDKFFLVDEVENTRDGKINLVLQEYGEDVFINSE
QVDNSGNDIPDISNNVLPPRDFKYTPTPGGVVGAIGKNGELSWLPSLTNNVVYYSIAHSGHVNPYIVQQLENNPNERMIQ
EIIGEPAGLAIFELRAVDINGRRSSPVTLSVDLNSAKNLSVVSNFRVVNTASGDVTEFVGPDVKLAWDKIPEEEIIPEIY
YTLEIYDSQDRMLRSVRIEDVYTYDYLLTYNKADFALLNSGALGINRKLRFRIRAEGENGEQSVGWATI
;
d,c,b
2 'polypeptide(L)'
;MTDKLIRELLIDVKQKGATRTAKSIENVSDALENAAAASELTNEQLGKMPRTLYSIERAADRAAKSLTKMQASRGMAGIT
KSIDGIGDKLDYLAIQLIEVTDKLEIGFDGVSRSVKAMGNDVAAATEKVQDRLYDTNRALGGTSKGFNDTAGAAGRASRA
LGNTSGSARGATRDFAAMAKIGGRLPIMYAALASNVFVLQTAFESLKVGDQLNRLEQFGTIVGTMTGTPVQTLALSLQNA
TNGAISFEEAMRQASSASAYGFDSEQLEQFGLVARRAAAVLGVDMTDALNRVIKGVSKQEIELLDELGVTIRLNDAYENY
VKQLNATSTGIKYTVDSLTTYQKQQAYANEVIAESTRRFGYLDDALKATSWEQFAANANSALRSLQQSAATYLNPVMDTL
NTFLYQTKSSQMRVSAMARSASAKTTPAENVTALIENAVGAREDLDTYLKESEERVKKAQELKQQLDDLKAKQAATAPIA
NALTAGGIGGDESNKLVVQLTNELARQNKEIEERTKTEKVLRQAVQDTGEALLRNGKLAEQLGAKMKYADTAVPGDKGVF
EVDPNNLKAVSEIQKNFDFLKKSSSDTANNIRMAASSITNAKKASSDLNSVVKAVEDTSKVTGQSADTLVKNLNLGFSSL
DQMKAAQKGLSEYVTAMDKSEQNALEVAKRKDEVYNQTKDKAKAEAAAREVLLRQQQEQLTAAKALLAINPNDPEALKQV
AKIETEILNTKAQGFENAKKTKDYTDKILGVDREIALLNDRTMTSTQYRLAQLRLELQLEQEKTELYSKQADGQAKVEQS
RRAQAQISREIWEAEKQGTASHVSALMDALEVSQTQRNVTGQSQILTERLSILQQQLELSKGNTEEELKYRNEIYKTSAA
LEQLKKQRESQMQQQVGSSVGATYTPTTGLIGEDKDFADMQNRMASYDQAISKLSELNSEATAVAQSMGNLTNAMIQFSQ
GSLDTTSMIASGMQTVASMIQYSTSQQVSAIDQAIAAEQKRDGKSEASKAKLKKLEAEKLKIQQDAAKKQIIIQTAVAVM
QAATAVPYPFSIPLMVAAGLAGALALAQASSASGMSSIADSGADTTQYLTLGERQKNVDVSMQASSGELSYLRGDKGIGN
ANSFVPRAEGGMMYPGVSYQMGEHGTEVVTPMVPMKATPNDQLSDGSKTTSGRPIILNISTMDAASFRDFASNNSTAFRD
AVELALNENGTTLKSLGNS
;
j,h,i
#
# COMPACT_ATOMS: atom_id res chain seq x y z
N MET A 1 -0.23 -1.67 41.95
CA MET A 1 -0.84 -0.40 42.41
C MET A 1 0.05 0.26 43.45
N LYS A 2 0.13 1.59 43.40
CA LYS A 2 0.98 2.37 44.30
C LYS A 2 0.25 2.53 45.62
N LYS A 3 0.71 1.83 46.65
CA LYS A 3 0.17 2.04 47.98
C LYS A 3 0.65 3.36 48.54
N ILE A 4 -0.13 3.92 49.47
CA ILE A 4 0.18 5.18 50.11
C ILE A 4 0.26 4.94 51.61
N LEU A 5 0.88 5.90 52.30
CA LEU A 5 1.08 5.77 53.74
C LEU A 5 -0.27 5.56 54.44
N ASP A 6 -0.22 4.85 55.57
CA ASP A 6 -1.45 4.55 56.30
C ASP A 6 -2.13 5.84 56.77
N SER A 7 -1.35 6.76 57.33
CA SER A 7 -1.93 8.02 57.77
C SER A 7 -2.57 8.76 56.61
N ALA A 8 -2.03 8.60 55.40
CA ALA A 8 -2.66 9.22 54.23
C ALA A 8 -4.07 8.69 54.04
N LYS A 9 -4.24 7.37 54.08
CA LYS A 9 -5.57 6.79 53.92
C LYS A 9 -6.49 7.22 55.05
N ASN A 10 -5.97 7.27 56.28
CA ASN A 10 -6.81 7.68 57.40
C ASN A 10 -7.30 9.12 57.21
N TYR A 11 -6.41 10.02 56.80
CA TYR A 11 -6.81 11.40 56.56
C TYR A 11 -7.81 11.50 55.42
N LEU A 12 -7.58 10.75 54.34
CA LEU A 12 -8.48 10.82 53.20
C LEU A 12 -9.87 10.30 53.55
N ASN A 13 -9.94 9.22 54.34
CA ASN A 13 -11.24 8.71 54.75
C ASN A 13 -11.93 9.68 55.71
N THR A 14 -11.21 10.16 56.72
CA THR A 14 -11.86 10.92 57.79
C THR A 14 -12.25 12.31 57.33
N HIS A 15 -11.39 12.98 56.57
CA HIS A 15 -11.60 14.38 56.21
C HIS A 15 -12.32 14.46 54.86
N ASP A 16 -13.46 15.15 54.84
CA ASP A 16 -14.25 15.31 53.63
C ASP A 16 -13.84 16.52 52.81
N LYS A 17 -13.18 17.51 53.41
CA LYS A 17 -12.75 18.72 52.73
C LYS A 17 -11.24 18.65 52.54
N LEU A 18 -10.81 18.49 51.30
CA LEU A 18 -9.39 18.37 50.97
C LEU A 18 -8.94 19.63 50.24
N LYS A 19 -7.88 20.24 50.75
CA LYS A 19 -7.30 21.45 50.16
C LYS A 19 -6.06 21.03 49.35
N THR A 20 -6.32 20.54 48.15
CA THR A 20 -5.24 20.09 47.28
C THR A 20 -4.50 21.29 46.69
N ALA A 21 -3.24 21.06 46.34
CA ALA A 21 -2.43 22.06 45.66
C ALA A 21 -1.53 21.34 44.65
N CYS A 22 -1.44 21.89 43.45
CA CYS A 22 -0.56 21.36 42.42
C CYS A 22 0.72 22.18 42.40
N LEU A 23 1.84 21.53 42.68
CA LEU A 23 3.14 22.19 42.75
C LEU A 23 3.89 21.92 41.45
N ILE A 24 4.24 22.98 40.73
CA ILE A 24 4.90 22.88 39.44
C ILE A 24 6.33 23.36 39.59
N ALA A 25 7.28 22.57 39.10
CA ALA A 25 8.70 22.93 39.08
C ALA A 25 9.13 22.89 37.63
N LEU A 26 8.94 24.01 36.93
CA LEU A 26 9.22 24.09 35.50
C LEU A 26 10.68 24.46 35.25
N GLU A 27 11.29 23.76 34.30
CA GLU A 27 12.69 24.02 33.95
C GLU A 27 12.78 25.26 33.07
N LEU A 28 13.80 26.08 33.33
CA LEU A 28 13.96 27.36 32.68
C LEU A 28 15.15 27.31 31.73
N PRO A 29 15.01 27.78 30.50
CA PRO A 29 16.10 27.62 29.52
C PRO A 29 17.34 28.42 29.90
N SER A 30 18.50 27.89 29.52
CA SER A 30 19.78 28.54 29.73
C SER A 30 20.60 28.48 28.46
N SER A 31 21.31 29.57 28.16
CA SER A 31 22.10 29.61 26.93
C SER A 31 23.18 28.54 26.94
N SER A 32 23.90 28.40 28.05
CA SER A 32 24.97 27.42 28.18
C SER A 32 24.63 26.43 29.29
N GLY A 33 25.30 25.28 29.24
CA GLY A 33 25.10 24.28 30.28
C GLY A 33 25.57 24.69 31.65
N SER A 34 26.33 25.79 31.75
CA SER A 34 26.85 26.26 33.02
C SER A 34 25.76 26.78 33.96
N ALA A 35 24.54 26.97 33.47
CA ALA A 35 23.46 27.51 34.27
C ALA A 35 22.31 26.52 34.35
N ALA A 36 21.61 26.53 35.49
CA ALA A 36 20.45 25.68 35.70
C ALA A 36 19.50 26.42 36.63
N THR A 37 18.31 26.74 36.13
CA THR A 37 17.32 27.50 36.89
C THR A 37 15.95 26.88 36.71
N TYR A 38 15.10 27.04 37.73
CA TYR A 38 13.74 26.53 37.72
C TYR A 38 12.79 27.63 38.16
N ILE A 39 11.58 27.59 37.63
CA ILE A 39 10.50 28.48 38.05
C ILE A 39 9.43 27.62 38.68
N TYR A 40 9.08 27.93 39.93
CA TYR A 40 8.16 27.13 40.73
C TYR A 40 6.82 27.85 40.83
N LEU A 41 5.75 27.12 40.52
CA LEU A 41 4.40 27.69 40.49
C LEU A 41 3.45 26.75 41.20
N THR A 42 2.33 27.31 41.66
CA THR A 42 1.26 26.50 42.23
C THR A 42 -0.07 27.23 42.06
N ASP A 43 -1.15 26.47 42.09
CA ASP A 43 -2.49 27.03 41.98
C ASP A 43 -3.15 27.25 43.34
N TYR A 44 -2.48 26.86 44.42
CA TYR A 44 -2.99 27.15 45.75
C TYR A 44 -3.10 28.66 45.95
N PHE A 45 -3.72 29.07 47.05
CA PHE A 45 -3.93 30.50 47.28
C PHE A 45 -2.81 31.12 48.12
N ARG A 46 -1.77 30.37 48.46
CA ARG A 46 -0.62 30.95 49.13
C ARG A 46 0.62 30.13 48.79
N ASP A 47 1.78 30.74 48.93
CA ASP A 47 3.03 30.08 48.59
C ASP A 47 3.25 28.89 49.51
N VAL A 48 3.63 27.76 48.91
CA VAL A 48 3.87 26.51 49.62
C VAL A 48 5.36 26.25 49.64
N THR A 49 5.94 26.17 50.83
CA THR A 49 7.36 25.88 50.99
C THR A 49 7.51 24.37 51.16
N TYR A 50 7.85 23.69 50.08
CA TYR A 50 7.98 22.23 50.06
C TYR A 50 9.42 21.86 49.83
N ASN A 51 10.02 21.13 50.77
CA ASN A 51 11.41 20.71 50.68
C ASN A 51 12.33 21.91 50.47
N GLY A 52 12.04 23.00 51.17
CA GLY A 52 12.85 24.20 51.06
C GLY A 52 12.71 24.94 49.76
N ILE A 53 11.81 24.52 48.88
CA ILE A 53 11.56 25.15 47.60
C ILE A 53 10.27 25.95 47.71
N LEU A 54 10.33 27.24 47.37
CA LEU A 54 9.21 28.14 47.55
C LEU A 54 8.36 28.15 46.28
N TYR A 55 7.21 27.51 46.34
CA TYR A 55 6.29 27.45 45.20
C TYR A 55 5.36 28.65 45.24
N ARG A 56 5.59 29.62 44.35
CA ARG A 56 4.73 30.79 44.28
C ARG A 56 3.40 30.42 43.62
N SER A 57 2.38 31.25 43.88
CA SER A 57 1.01 30.88 43.60
C SER A 57 0.26 31.81 42.66
N GLY A 58 0.89 32.87 42.16
CA GLY A 58 0.13 33.90 41.47
C GLY A 58 -0.47 33.46 40.14
N LYS A 59 0.28 32.68 39.36
CA LYS A 59 0.06 32.61 37.92
C LYS A 59 -0.80 31.45 37.47
N VAL A 60 -0.43 30.20 37.81
CA VAL A 60 -1.11 29.04 37.23
C VAL A 60 -2.60 29.14 37.48
N LYS A 61 -3.40 28.89 36.44
CA LYS A 61 -4.86 28.93 36.53
C LYS A 61 -5.46 27.54 36.62
N SER A 62 -5.16 26.67 35.65
CA SER A 62 -5.83 25.38 35.56
C SER A 62 -4.88 24.37 34.95
N ILE A 63 -5.17 23.09 35.21
CA ILE A 63 -4.36 21.97 34.75
C ILE A 63 -5.29 20.95 34.11
N SER A 64 -4.80 20.24 33.10
CA SER A 64 -5.56 19.22 32.41
C SER A 64 -5.51 17.91 33.20
N SER A 65 -5.95 16.82 32.58
CA SER A 65 -6.02 15.52 33.22
C SER A 65 -4.96 14.59 32.65
N HIS A 66 -4.35 13.80 33.52
CA HIS A 66 -3.36 12.81 33.11
C HIS A 66 -4.05 11.48 32.89
N LYS A 67 -3.88 10.90 31.70
CA LYS A 67 -4.56 9.68 31.30
C LYS A 67 -3.56 8.68 30.75
N GLN A 68 -3.71 7.42 31.15
CA GLN A 68 -2.89 6.33 30.62
C GLN A 68 -3.72 5.07 30.58
N ASN A 69 -3.27 4.12 29.75
CA ASN A 69 -3.94 2.84 29.60
C ASN A 69 -2.86 1.77 29.43
N ARG A 70 -3.29 0.56 29.04
CA ARG A 70 -2.39 -0.58 29.00
C ARG A 70 -1.49 -0.60 27.79
N GLN A 71 -1.68 0.30 26.83
CA GLN A 71 -0.86 0.37 25.62
C GLN A 71 0.08 1.56 25.71
N LEU A 72 1.36 1.32 25.48
CA LEU A 72 2.36 2.37 25.62
C LEU A 72 2.11 3.47 24.59
N SER A 73 1.99 4.70 25.06
CA SER A 73 1.80 5.86 24.18
C SER A 73 2.23 7.10 24.93
N ILE A 74 2.54 8.15 24.17
CA ILE A 74 3.08 9.38 24.75
C ILE A 74 1.93 10.26 25.24
N GLY A 75 1.55 10.06 26.50
CA GLY A 75 0.50 10.88 27.07
C GLY A 75 0.87 12.35 27.11
N SER A 76 -0.14 13.20 27.14
CA SER A 76 0.03 14.64 27.07
C SER A 76 -0.80 15.34 28.13
N LEU A 77 -0.26 16.45 28.63
CA LEU A 77 -0.92 17.27 29.63
C LEU A 77 -0.69 18.74 29.30
N SER A 78 -1.73 19.54 29.45
CA SER A 78 -1.67 20.97 29.15
C SER A 78 -2.21 21.76 30.34
N PHE A 79 -1.47 22.78 30.75
CA PHE A 79 -1.87 23.66 31.84
C PHE A 79 -1.84 25.10 31.36
N THR A 80 -2.74 25.91 31.90
CA THR A 80 -2.93 27.29 31.47
C THR A 80 -2.27 28.26 32.45
N ILE A 81 -1.88 29.41 31.92
CA ILE A 81 -1.24 30.46 32.71
C ILE A 81 -1.97 31.76 32.42
N THR A 82 -2.11 32.60 33.43
CA THR A 82 -2.78 33.88 33.25
C THR A 82 -2.01 34.72 32.25
N GLY A 83 -2.71 35.17 31.20
CA GLY A 83 -2.07 35.98 30.18
C GLY A 83 -1.94 37.44 30.53
N THR A 84 -2.47 37.86 31.67
CA THR A 84 -2.27 39.23 32.13
C THR A 84 -0.93 39.43 32.80
N ALA A 85 -0.23 38.35 33.15
CA ALA A 85 1.11 38.48 33.69
C ALA A 85 2.07 38.88 32.59
N GLU A 86 2.90 39.88 32.86
CA GLU A 86 3.84 40.35 31.85
C GLU A 86 4.99 39.36 31.66
N ASP A 87 5.48 38.79 32.77
CA ASP A 87 6.58 37.84 32.68
C ASP A 87 6.25 36.70 31.73
N GLU A 88 5.10 36.06 31.93
CA GLU A 88 4.80 34.86 31.16
C GLU A 88 4.38 35.18 29.74
N VAL A 89 3.68 36.29 29.51
CA VAL A 89 3.36 36.65 28.13
C VAL A 89 4.64 36.91 27.36
N LEU A 90 5.58 37.66 27.94
CA LEU A 90 6.86 37.86 27.27
C LEU A 90 7.57 36.54 27.05
N LYS A 91 7.61 35.68 28.07
CA LYS A 91 8.35 34.42 27.95
C LYS A 91 7.79 33.57 26.83
N LEU A 92 6.47 33.36 26.81
CA LEU A 92 5.89 32.54 25.76
C LEU A 92 6.07 33.17 24.39
N VAL A 93 5.84 34.47 24.27
CA VAL A 93 5.84 35.09 22.95
C VAL A 93 7.24 35.10 22.36
N GLN A 94 8.24 35.53 23.13
CA GLN A 94 9.57 35.78 22.61
C GLN A 94 10.57 34.68 22.93
N ASN A 95 10.16 33.64 23.67
CA ASN A 95 11.03 32.51 23.95
C ASN A 95 10.29 31.18 23.92
N GLY A 96 9.07 31.15 23.36
CA GLY A 96 8.26 29.95 23.42
C GLY A 96 8.78 28.80 22.59
N VAL A 97 9.81 29.03 21.77
CA VAL A 97 10.40 27.94 20.99
C VAL A 97 11.63 27.37 21.67
N SER A 98 12.40 28.21 22.36
CA SER A 98 13.52 27.72 23.14
C SER A 98 13.07 26.92 24.36
N PHE A 99 11.80 27.01 24.74
CA PHE A 99 11.28 26.24 25.86
C PHE A 99 11.00 24.79 25.50
N LEU A 100 11.08 24.42 24.23
CA LEU A 100 10.77 23.06 23.82
C LEU A 100 11.72 22.07 24.49
N ASP A 101 11.17 20.91 24.85
CA ASP A 101 11.96 19.84 25.45
C ASP A 101 12.63 20.29 26.75
N ARG A 102 11.90 21.05 27.56
CA ARG A 102 12.35 21.43 28.89
C ARG A 102 11.44 20.79 29.93
N GLY A 103 12.04 20.28 30.99
CA GLY A 103 11.33 19.41 31.90
C GLY A 103 10.29 20.14 32.73
N ILE A 104 9.46 19.34 33.40
CA ILE A 104 8.42 19.87 34.29
C ILE A 104 8.01 18.73 35.22
N THR A 105 7.74 19.07 36.47
CA THR A 105 7.39 18.11 37.50
C THR A 105 6.22 18.67 38.31
N ILE A 106 5.04 18.10 38.12
CA ILE A 106 3.83 18.54 38.80
C ILE A 106 3.52 17.57 39.92
N HIS A 107 3.34 18.11 41.13
CA HIS A 107 3.04 17.32 42.32
C HIS A 107 1.62 17.63 42.79
N GLN A 108 0.90 16.59 43.18
CA GLN A 108 -0.43 16.73 43.78
C GLN A 108 -0.25 16.65 45.29
N ALA A 109 -0.39 17.78 45.97
CA ALA A 109 -0.10 17.90 47.39
C ALA A 109 -1.35 18.25 48.16
N ILE A 110 -1.63 17.48 49.22
CA ILE A 110 -2.71 17.79 50.15
C ILE A 110 -2.15 18.67 51.25
N ILE A 111 -2.85 19.76 51.56
CA ILE A 111 -2.44 20.67 52.61
C ILE A 111 -3.20 20.31 53.88
N ASN A 112 -2.46 20.07 54.96
CA ASN A 112 -3.07 19.65 56.21
C ASN A 112 -3.98 20.75 56.75
N GLU A 113 -4.63 20.47 57.88
CA GLU A 113 -5.40 21.52 58.54
C GLU A 113 -4.51 22.72 58.85
N GLU A 114 -3.24 22.48 59.18
CA GLU A 114 -2.23 23.52 59.19
C GLU A 114 -1.63 23.60 57.80
N GLY A 115 -0.67 24.50 57.60
CA GLY A 115 -0.13 24.65 56.27
C GLY A 115 0.81 23.57 55.82
N ASN A 116 1.10 22.59 56.68
CA ASN A 116 2.01 21.52 56.31
C ASN A 116 1.37 20.60 55.27
N ILE A 117 2.21 19.92 54.52
CA ILE A 117 1.78 19.04 53.44
C ILE A 117 1.63 17.62 53.97
N LEU A 118 0.47 17.04 53.77
CA LEU A 118 0.21 15.69 54.25
C LEU A 118 1.13 14.70 53.54
N PRO A 119 1.94 13.92 54.26
CA PRO A 119 2.89 13.01 53.60
C PRO A 119 2.22 11.77 53.02
N VAL A 120 1.71 11.88 51.80
CA VAL A 120 0.98 10.76 51.20
C VAL A 120 1.94 9.71 50.63
N ASP A 121 2.93 10.14 49.86
CA ASP A 121 3.80 9.19 49.17
C ASP A 121 4.81 8.59 50.15
N PRO A 122 4.84 7.26 50.32
CA PRO A 122 5.73 6.69 51.34
C PRO A 122 7.20 6.65 50.95
N ASP A 123 7.54 6.72 49.67
CA ASP A 123 8.93 6.62 49.27
C ASP A 123 9.74 7.83 49.73
N THR A 124 9.15 9.02 49.61
CA THR A 124 9.80 10.25 50.04
C THR A 124 9.11 10.90 51.23
N ASP A 125 8.01 10.33 51.71
CA ASP A 125 7.22 10.93 52.78
C ASP A 125 6.72 12.32 52.38
N GLY A 126 6.51 12.52 51.08
CA GLY A 126 6.08 13.80 50.56
C GLY A 126 4.80 13.69 49.76
N PRO A 127 4.59 14.62 48.83
CA PRO A 127 3.40 14.56 47.98
C PRO A 127 3.48 13.41 46.98
N LEU A 128 2.32 13.05 46.46
CA LEU A 128 2.21 12.01 45.44
C LEU A 128 2.42 12.66 44.08
N LEU A 129 3.46 12.22 43.36
CA LEU A 129 3.76 12.81 42.07
C LEU A 129 2.57 12.63 41.13
N PHE A 130 2.30 13.67 40.33
CA PHE A 130 1.16 13.68 39.43
C PHE A 130 1.55 13.63 37.97
N PHE A 131 2.69 14.20 37.60
CA PHE A 131 3.08 14.27 36.20
C PHE A 131 4.57 14.62 36.12
N ARG A 132 5.20 14.20 35.04
CA ARG A 132 6.58 14.54 34.77
C ARG A 132 6.84 14.33 33.29
N GLY A 133 7.61 15.22 32.69
CA GLY A 133 7.89 15.13 31.27
C GLY A 133 8.43 16.43 30.73
N ARG A 134 8.32 16.60 29.42
CA ARG A 134 8.92 17.70 28.71
C ARG A 134 7.85 18.52 28.01
N ILE A 135 8.11 19.82 27.88
CA ILE A 135 7.21 20.71 27.16
C ILE A 135 7.28 20.41 25.67
N THR A 136 6.16 20.61 24.97
CA THR A 136 6.11 20.54 23.51
C THR A 136 5.21 21.69 23.04
N GLY A 137 5.81 22.84 22.78
CA GLY A 137 5.08 23.96 22.24
C GLY A 137 4.28 24.73 23.28
N GLY A 138 3.73 25.85 22.84
CA GLY A 138 2.90 26.67 23.69
C GLY A 138 1.87 27.45 22.87
N GLY A 139 1.19 28.40 23.50
CA GLY A 139 0.22 29.19 22.78
C GLY A 139 -0.49 30.22 23.65
N ILE A 140 -0.66 31.42 23.12
CA ILE A 140 -1.38 32.49 23.79
C ILE A 140 -2.52 32.96 22.88
N LYS A 141 -3.66 33.27 23.48
CA LYS A 141 -4.86 33.67 22.75
C LYS A 141 -5.41 34.96 23.36
N ASP A 142 -4.92 36.10 22.88
CA ASP A 142 -5.49 37.38 23.29
C ASP A 142 -6.86 37.55 22.64
N ASN A 143 -7.86 37.90 23.45
CA ASN A 143 -9.24 37.99 22.97
C ASN A 143 -9.88 39.20 23.64
N VAL A 144 -9.92 40.31 22.92
CA VAL A 144 -10.50 41.55 23.43
C VAL A 144 -11.77 41.84 22.65
N ASN A 145 -12.69 42.54 23.29
CA ASN A 145 -13.92 42.99 22.67
C ASN A 145 -14.14 44.45 23.02
N THR A 146 -14.65 45.21 22.05
CA THR A 146 -14.85 46.64 22.27
C THR A 146 -15.93 46.91 23.31
N SER A 147 -16.69 45.89 23.70
CA SER A 147 -17.64 46.00 24.79
C SER A 147 -17.55 44.74 25.63
N GLY A 148 -17.30 44.91 26.93
CA GLY A 148 -17.23 43.79 27.86
C GLY A 148 -15.83 43.63 28.44
N ILE A 149 -15.50 42.39 28.77
CA ILE A 149 -14.24 42.04 29.42
C ILE A 149 -13.48 41.08 28.52
N GLY A 150 -12.25 41.45 28.17
CA GLY A 150 -11.42 40.63 27.32
C GLY A 150 -10.86 39.42 28.04
N THR A 151 -10.02 38.68 27.32
CA THR A 151 -9.43 37.46 27.85
C THR A 151 -8.03 37.29 27.28
N SER A 152 -7.13 36.73 28.08
CA SER A 152 -5.75 36.49 27.67
C SER A 152 -5.25 35.27 28.43
N VAL A 153 -5.18 34.13 27.75
CA VAL A 153 -4.83 32.86 28.38
C VAL A 153 -3.60 32.29 27.69
N ILE A 154 -2.59 31.95 28.48
CA ILE A 154 -1.39 31.27 27.99
C ILE A 154 -1.55 29.79 28.26
N THR A 155 -1.48 28.98 27.21
CA THR A 155 -1.66 27.54 27.30
C THR A 155 -0.36 26.85 26.95
N TRP A 156 0.17 26.07 27.89
CA TRP A 156 1.35 25.26 27.67
C TRP A 156 0.95 23.82 27.38
N ASN A 157 1.80 23.13 26.63
CA ASN A 157 1.57 21.74 26.26
C ASN A 157 2.75 20.90 26.70
N CYS A 158 2.48 19.72 27.24
CA CYS A 158 3.52 18.85 27.77
C CYS A 158 3.24 17.42 27.35
N SER A 159 4.31 16.61 27.36
CA SER A 159 4.21 15.18 27.09
C SER A 159 4.78 14.42 28.29
N ASN A 160 4.13 13.33 28.68
CA ASN A 160 4.53 12.61 29.87
C ASN A 160 5.89 11.95 29.64
N GLN A 161 6.37 11.23 30.66
CA GLN A 161 7.76 10.79 30.68
C GLN A 161 8.12 9.90 29.51
N PHE A 162 7.15 9.24 28.88
CA PHE A 162 7.47 8.41 27.72
C PHE A 162 7.97 9.23 26.54
N TYR A 163 7.81 10.54 26.57
CA TYR A 163 8.44 11.38 25.55
C TYR A 163 9.95 11.26 25.59
N ASP A 164 10.52 10.80 26.70
CA ASP A 164 11.95 10.53 26.75
C ASP A 164 12.31 9.22 26.05
N PHE A 165 11.33 8.43 25.65
CA PHE A 165 11.58 7.19 24.92
C PHE A 165 11.66 7.40 23.42
N ASP A 166 11.45 8.62 22.93
CA ASP A 166 11.60 8.90 21.52
C ASP A 166 13.07 8.99 21.09
N ARG A 167 13.99 8.97 22.04
CA ARG A 167 15.41 9.11 21.74
C ARG A 167 15.96 7.80 21.19
N VAL A 168 16.71 7.89 20.11
CA VAL A 168 17.44 6.73 19.58
C VAL A 168 18.84 6.74 20.19
N ASN A 169 19.15 5.72 20.98
CA ASN A 169 20.37 5.64 21.76
C ASN A 169 21.08 4.35 21.38
N GLY A 170 21.93 4.42 20.36
CA GLY A 170 22.65 3.25 19.90
C GLY A 170 24.07 3.56 19.51
N ARG A 171 25.02 2.77 20.01
CA ARG A 171 26.42 3.04 19.71
C ARG A 171 26.65 2.99 18.20
N TYR A 172 27.37 3.99 17.70
CA TYR A 172 27.61 4.16 16.28
C TYR A 172 29.07 3.82 16.00
N THR A 173 29.32 3.05 14.94
CA THR A 173 30.68 2.65 14.64
C THR A 173 31.58 3.82 14.26
N ASP A 174 31.00 4.99 13.97
CA ASP A 174 31.82 6.15 13.63
C ASP A 174 32.78 6.47 14.76
N ASP A 175 34.04 6.73 14.38
CA ASP A 175 35.06 7.03 15.39
C ASP A 175 34.72 8.28 16.17
N ALA A 176 34.25 9.33 15.47
CA ALA A 176 33.95 10.59 16.14
C ALA A 176 32.89 10.41 17.22
N SER A 177 31.84 9.65 16.91
CA SER A 177 30.77 9.44 17.89
C SER A 177 31.28 8.64 19.08
N HIS A 178 31.93 7.49 18.82
CA HIS A 178 32.31 6.60 19.91
C HIS A 178 33.32 7.27 20.85
N ARG A 179 34.30 7.97 20.30
CA ARG A 179 35.37 8.55 21.11
C ARG A 179 34.96 9.84 21.79
N GLY A 180 33.73 10.31 21.57
CA GLY A 180 33.28 11.53 22.19
C GLY A 180 33.63 12.80 21.45
N LEU A 181 34.23 12.69 20.26
CA LEU A 181 34.56 13.87 19.48
C LEU A 181 33.28 14.63 19.12
N GLU A 182 33.31 15.94 19.30
CA GLU A 182 32.16 16.77 19.02
C GLU A 182 31.81 16.73 17.54
N VAL A 183 30.71 17.38 17.19
CA VAL A 183 30.41 17.63 15.78
C VAL A 183 31.47 18.55 15.22
N VAL A 184 32.11 18.12 14.14
CA VAL A 184 33.20 18.88 13.53
C VAL A 184 32.65 20.22 13.05
N ASN A 185 33.12 21.31 13.66
CA ASN A 185 32.73 22.66 13.29
C ASN A 185 33.78 23.34 12.42
N GLY A 186 34.43 22.58 11.55
CA GLY A 186 35.62 23.05 10.86
C GLY A 186 36.89 22.84 11.65
N THR A 187 36.80 22.37 12.88
CA THR A 187 37.94 22.09 13.74
C THR A 187 37.61 20.89 14.59
N LEU A 188 38.65 20.26 15.14
CA LEU A 188 38.49 19.04 15.92
C LEU A 188 39.20 19.18 17.26
N GLN A 189 38.55 18.69 18.31
CA GLN A 189 39.14 18.61 19.65
C GLN A 189 38.37 17.56 20.43
N PRO A 190 38.95 17.02 21.52
CA PRO A 190 38.23 15.99 22.29
C PRO A 190 37.28 16.54 23.33
N SER A 191 36.90 17.82 23.22
CA SER A 191 36.19 18.48 24.32
C SER A 191 34.94 17.72 24.74
N ASN A 192 34.05 17.41 23.79
CA ASN A 192 32.76 16.84 24.15
C ASN A 192 32.93 15.48 24.82
N GLY A 193 31.97 15.14 25.68
CA GLY A 193 31.99 13.90 26.43
C GLY A 193 31.36 12.75 25.68
N ALA A 194 31.61 11.55 26.20
CA ALA A 194 31.15 10.31 25.58
C ALA A 194 30.35 9.49 26.58
N LYS A 195 30.00 8.27 26.19
CA LYS A 195 29.21 7.40 27.06
C LYS A 195 30.01 7.00 28.29
N ARG A 196 31.30 6.76 28.13
CA ARG A 196 32.19 6.47 29.25
C ARG A 196 33.46 7.27 29.11
N PRO A 197 34.07 7.69 30.21
CA PRO A 197 35.34 8.45 30.12
C PRO A 197 36.46 7.66 29.48
N GLU A 198 36.39 6.33 29.50
CA GLU A 198 37.42 5.50 28.90
C GLU A 198 37.25 5.31 27.40
N TYR A 199 36.15 5.80 26.81
CA TYR A 199 35.98 5.70 25.38
C TYR A 199 36.92 6.63 24.64
N GLN A 200 37.18 7.82 25.20
CA GLN A 200 37.97 8.81 24.49
C GLN A 200 39.35 8.28 24.11
N GLU A 201 39.88 7.35 24.90
CA GLU A 201 41.19 6.76 24.62
C GLU A 201 41.10 5.47 23.84
N ASP A 202 39.90 5.05 23.44
CA ASP A 202 39.71 3.82 22.67
C ASP A 202 39.65 4.16 21.19
N TYR A 203 40.57 3.58 20.41
CA TYR A 203 40.64 3.80 18.97
C TYR A 203 40.12 2.61 18.18
N GLY A 204 39.32 1.75 18.80
CA GLY A 204 38.87 0.55 18.13
C GLY A 204 38.11 0.83 16.84
N PHE A 205 37.33 1.90 16.82
CA PHE A 205 36.52 2.23 15.66
C PHE A 205 37.23 3.15 14.68
N PHE A 206 38.50 3.45 14.91
CA PHE A 206 39.32 4.04 13.87
C PHE A 206 39.33 3.10 12.65
N HIS A 207 39.64 3.67 11.49
CA HIS A 207 39.64 2.92 10.24
C HIS A 207 38.26 2.39 9.87
N SER A 208 37.22 2.93 10.49
CA SER A 208 35.85 2.56 10.17
C SER A 208 35.14 3.74 9.53
N ASN A 209 33.96 3.48 8.99
CA ASN A 209 33.16 4.52 8.33
C ASN A 209 33.96 5.18 7.22
N LYS A 210 34.72 4.36 6.48
CA LYS A 210 35.55 4.87 5.40
C LYS A 210 35.54 3.87 4.25
N SER A 211 35.91 4.37 3.07
CA SER A 211 35.97 3.56 1.86
C SER A 211 37.37 3.66 1.28
N THR A 212 37.87 2.53 0.78
CA THR A 212 39.22 2.46 0.19
C THR A 212 39.10 1.66 -1.11
N THR A 213 39.01 2.37 -2.23
CA THR A 213 38.82 1.76 -3.55
C THR A 213 39.94 2.26 -4.44
N ILE A 214 41.01 1.47 -4.56
CA ILE A 214 42.18 1.83 -5.33
C ILE A 214 42.63 0.65 -6.16
N LEU A 215 43.44 0.93 -7.19
CA LEU A 215 44.11 -0.10 -7.97
C LEU A 215 45.53 -0.24 -7.42
N ALA A 216 45.64 -0.93 -6.29
CA ALA A 216 46.90 -1.01 -5.56
C ALA A 216 47.87 -1.97 -6.25
N LYS A 217 49.15 -1.80 -5.91
CA LYS A 217 50.22 -2.67 -6.40
C LYS A 217 50.81 -3.41 -5.22
N TYR A 218 50.96 -4.72 -5.36
CA TYR A 218 51.50 -5.58 -4.32
C TYR A 218 52.77 -6.25 -4.82
N GLN A 219 53.78 -6.30 -3.96
CA GLN A 219 55.05 -6.96 -4.27
C GLN A 219 54.97 -8.37 -3.73
N VAL A 220 54.37 -9.26 -4.51
CA VAL A 220 54.18 -10.65 -4.11
C VAL A 220 55.48 -11.40 -4.34
N LYS A 221 55.92 -12.15 -3.34
CA LYS A 221 57.10 -12.99 -3.49
C LYS A 221 56.79 -14.13 -4.46
N GLU A 222 57.79 -14.99 -4.66
CA GLU A 222 57.65 -16.16 -5.53
C GLU A 222 57.54 -15.72 -6.99
N GLU A 223 57.72 -16.66 -7.91
CA GLU A 223 57.48 -16.43 -9.34
C GLU A 223 58.46 -15.43 -9.93
N ARG A 224 59.72 -15.47 -9.51
CA ARG A 224 60.68 -14.53 -10.08
C ARG A 224 62.08 -14.95 -9.69
N TYR A 225 62.95 -15.13 -10.70
CA TYR A 225 64.32 -15.59 -10.50
C TYR A 225 64.45 -16.76 -9.52
N LYS A 226 65.57 -16.80 -8.79
CA LYS A 226 65.87 -17.83 -7.80
C LYS A 226 65.95 -19.22 -8.42
N LEU A 227 64.99 -20.09 -8.16
CA LEU A 227 64.98 -21.43 -8.75
C LEU A 227 63.54 -21.83 -9.05
N GLN A 228 63.33 -22.44 -10.21
CA GLN A 228 62.00 -22.89 -10.61
C GLN A 228 61.71 -24.28 -10.05
N SER A 229 60.50 -24.44 -9.51
CA SER A 229 60.09 -25.73 -8.99
C SER A 229 60.03 -26.80 -10.06
N LYS A 230 59.79 -26.43 -11.32
CA LYS A 230 59.77 -27.39 -12.40
C LYS A 230 61.11 -28.11 -12.50
N LYS A 231 61.07 -29.43 -12.60
CA LYS A 231 62.27 -30.26 -12.64
C LYS A 231 62.43 -30.81 -14.05
N LYS A 232 63.48 -30.37 -14.74
CA LYS A 232 63.78 -30.91 -16.05
C LYS A 232 64.01 -32.41 -15.95
N LEU A 233 63.44 -33.15 -16.91
CA LEU A 233 63.45 -34.60 -16.82
C LEU A 233 64.85 -35.16 -16.65
N PHE A 234 65.84 -34.53 -17.26
CA PHE A 234 67.22 -35.01 -17.14
C PHE A 234 67.66 -34.95 -15.67
N GLY A 235 68.30 -36.02 -15.21
CA GLY A 235 68.67 -36.10 -13.80
C GLY A 235 69.71 -35.08 -13.41
N LEU A 236 70.73 -34.89 -14.24
CA LEU A 236 71.88 -34.06 -13.89
C LEU A 236 71.74 -32.61 -14.35
N SER A 237 70.58 -32.22 -14.89
CA SER A 237 70.34 -30.85 -15.32
C SER A 237 69.02 -30.35 -14.73
N ARG A 238 68.70 -29.10 -15.04
CA ARG A 238 67.49 -28.45 -14.53
C ARG A 238 66.93 -27.53 -15.60
N SER A 239 65.65 -27.20 -15.46
CA SER A 239 64.97 -26.40 -16.47
C SER A 239 65.65 -25.05 -16.65
N TYR A 240 65.85 -24.67 -17.91
CA TYR A 240 66.46 -23.38 -18.20
C TYR A 240 65.60 -22.22 -17.72
N SER A 241 64.28 -22.32 -17.92
CA SER A 241 63.38 -21.26 -17.48
C SER A 241 63.48 -21.06 -15.97
N LEU A 242 63.15 -19.85 -15.53
CA LEU A 242 63.32 -19.47 -14.13
C LEU A 242 62.21 -18.50 -13.74
N LYS A 243 61.13 -19.02 -13.18
CA LYS A 243 59.98 -18.20 -12.83
C LYS A 243 59.31 -18.67 -11.54
N LYS A 244 60.08 -18.94 -10.49
CA LYS A 244 59.51 -19.34 -9.21
C LYS A 244 60.48 -19.04 -8.07
N TYR A 245 60.02 -19.30 -6.84
CA TYR A 245 60.76 -19.09 -5.60
C TYR A 245 60.90 -17.61 -5.27
N TYR A 246 61.19 -17.32 -3.99
CA TYR A 246 60.98 -15.99 -3.42
C TYR A 246 61.74 -14.89 -4.14
N GLU A 247 60.98 -14.00 -4.79
CA GLU A 247 61.49 -12.74 -5.33
C GLU A 247 60.31 -11.92 -5.82
N THR A 248 60.39 -10.61 -5.63
CA THR A 248 59.23 -9.74 -5.84
C THR A 248 58.82 -9.73 -7.30
N VAL A 249 57.50 -9.75 -7.52
CA VAL A 249 56.92 -9.60 -8.85
C VAL A 249 55.72 -8.68 -8.74
N THR A 250 55.61 -7.72 -9.66
CA THR A 250 54.51 -6.77 -9.62
C THR A 250 53.18 -7.47 -9.87
N LYS A 251 52.15 -7.03 -9.15
CA LYS A 251 50.82 -7.59 -9.31
C LYS A 251 49.80 -6.51 -9.01
N GLU A 252 48.79 -6.40 -9.87
CA GLU A 252 47.73 -5.40 -9.71
C GLU A 252 46.53 -6.05 -9.04
N VAL A 253 46.17 -5.56 -7.88
CA VAL A 253 44.98 -6.01 -7.15
C VAL A 253 44.05 -4.82 -7.02
N ASP A 254 42.82 -4.98 -7.51
CA ASP A 254 41.83 -3.90 -7.52
C ASP A 254 40.92 -4.07 -6.31
N LEU A 255 41.45 -3.71 -5.15
CA LEU A 255 40.71 -3.87 -3.91
C LEU A 255 39.63 -2.81 -3.78
N ASP A 256 38.55 -3.17 -3.09
CA ASP A 256 37.42 -2.27 -2.88
C ASP A 256 36.79 -2.60 -1.54
N PHE A 257 37.18 -1.87 -0.50
CA PHE A 257 36.64 -2.06 0.85
C PHE A 257 35.76 -0.87 1.20
N ASN A 258 34.54 -1.16 1.66
CA ASN A 258 33.56 -0.14 2.03
C ASN A 258 33.07 -0.46 3.43
N LEU A 259 33.77 0.08 4.44
CA LEU A 259 33.46 -0.19 5.84
C LEU A 259 32.49 0.89 6.33
N ALA A 260 31.24 0.75 5.89
CA ALA A 260 30.22 1.71 6.27
C ALA A 260 29.99 1.69 7.78
N ALA A 261 29.31 2.72 8.26
CA ALA A 261 29.03 2.88 9.68
C ALA A 261 27.57 2.51 9.94
N LYS A 262 27.36 1.61 10.90
CA LYS A 262 26.04 1.08 11.21
C LYS A 262 25.83 1.06 12.71
N PHE A 263 24.65 0.63 13.13
CA PHE A 263 24.27 0.59 14.53
C PHE A 263 24.48 -0.82 15.06
N ILE A 264 25.27 -0.95 16.11
CA ILE A 264 25.54 -2.26 16.69
C ILE A 264 24.29 -2.77 17.40
N PRO A 265 23.81 -3.97 17.11
CA PRO A 265 22.60 -4.47 17.75
C PRO A 265 22.87 -4.97 19.16
N VAL A 266 21.78 -5.21 19.88
CA VAL A 266 21.82 -5.84 21.20
C VAL A 266 21.02 -7.12 21.10
N VAL A 267 21.59 -8.23 21.58
CA VAL A 267 21.02 -9.55 21.40
C VAL A 267 20.82 -10.21 22.76
N TYR A 268 19.65 -10.80 22.95
CA TYR A 268 19.35 -11.61 24.13
C TYR A 268 19.00 -13.02 23.68
N GLY A 269 19.42 -14.00 24.48
CA GLY A 269 19.21 -15.37 24.06
C GLY A 269 20.13 -15.72 22.90
N VAL A 270 19.68 -16.67 22.08
CA VAL A 270 20.43 -17.13 20.91
C VAL A 270 19.74 -16.62 19.67
N GLN A 271 20.48 -15.87 18.85
CA GLN A 271 19.95 -15.32 17.60
C GLN A 271 21.10 -15.22 16.61
N LYS A 272 20.74 -15.13 15.33
CA LYS A 272 21.72 -15.00 14.25
C LYS A 272 21.74 -13.56 13.76
N ILE A 273 22.93 -12.98 13.72
CA ILE A 273 23.08 -11.58 13.29
C ILE A 273 24.24 -11.50 12.30
N PRO A 274 24.25 -10.50 11.42
CA PRO A 274 25.37 -10.36 10.48
C PRO A 274 26.52 -9.58 11.10
N GLY A 275 27.62 -9.53 10.37
CA GLY A 275 28.75 -8.73 10.77
C GLY A 275 28.65 -7.30 10.27
N ILE A 276 29.45 -6.43 10.86
CA ILE A 276 29.53 -5.04 10.45
C ILE A 276 31.02 -4.71 10.27
N PRO A 277 31.62 -5.05 9.14
CA PRO A 277 33.08 -4.88 9.00
C PRO A 277 33.50 -3.45 9.34
N ILE A 278 34.37 -3.33 10.34
CA ILE A 278 34.80 -2.02 10.84
C ILE A 278 36.21 -1.74 10.38
N PHE A 279 37.04 -2.78 10.30
CA PHE A 279 38.41 -2.65 9.80
C PHE A 279 38.68 -3.79 8.82
N ALA A 280 39.07 -3.43 7.61
CA ALA A 280 39.41 -4.41 6.58
C ALA A 280 40.79 -4.06 6.04
N ASP A 281 41.59 -5.09 5.78
CA ASP A 281 42.95 -4.89 5.29
C ASP A 281 43.50 -6.23 4.84
N THR A 282 44.62 -6.16 4.12
CA THR A 282 45.31 -7.35 3.62
C THR A 282 46.77 -7.28 4.03
N GLU A 283 47.47 -8.39 3.80
CA GLU A 283 48.89 -8.45 4.14
C GLU A 283 49.69 -7.53 3.22
N LEU A 284 50.86 -7.11 3.71
CA LEU A 284 51.67 -6.17 2.96
C LEU A 284 52.13 -6.76 1.63
N ASN A 285 52.51 -8.03 1.62
CA ASN A 285 53.09 -8.67 0.45
C ASN A 285 52.11 -9.59 -0.28
N ASN A 286 51.33 -10.38 0.45
CA ASN A 286 50.42 -11.33 -0.17
C ASN A 286 49.01 -10.75 -0.14
N PRO A 287 48.38 -10.48 -1.29
CA PRO A 287 47.00 -9.98 -1.27
C PRO A 287 45.97 -11.07 -0.97
N ASN A 288 46.39 -12.33 -0.89
CA ASN A 288 45.46 -13.42 -0.68
C ASN A 288 45.07 -13.63 0.77
N ILE A 289 45.66 -12.86 1.70
CA ILE A 289 45.29 -12.90 3.10
C ILE A 289 44.68 -11.56 3.46
N VAL A 290 43.43 -11.58 3.90
CA VAL A 290 42.67 -10.37 4.23
C VAL A 290 42.17 -10.48 5.65
N TYR A 291 42.44 -9.45 6.45
CA TYR A 291 41.93 -9.34 7.81
C TYR A 291 40.69 -8.45 7.78
N VAL A 292 39.58 -8.95 8.30
CA VAL A 292 38.35 -8.18 8.42
C VAL A 292 37.79 -8.41 9.81
N VAL A 293 37.48 -7.33 10.51
CA VAL A 293 36.94 -7.38 11.87
C VAL A 293 35.49 -6.94 11.84
N TYR A 294 34.61 -7.77 12.39
CA TYR A 294 33.18 -7.55 12.35
C TYR A 294 32.68 -7.22 13.75
N ALA A 295 31.93 -6.14 13.87
CA ALA A 295 31.28 -5.77 15.13
C ALA A 295 29.90 -6.41 15.15
N PHE A 296 29.73 -7.43 15.99
CA PHE A 296 28.52 -8.24 15.95
C PHE A 296 27.47 -7.73 16.95
N ALA A 297 27.83 -7.68 18.23
CA ALA A 297 26.88 -7.31 19.27
C ALA A 297 27.52 -6.34 20.25
N GLU A 298 26.85 -6.08 21.37
CA GLU A 298 27.28 -5.07 22.32
C GLU A 298 27.22 -5.62 23.74
N GLY A 299 28.08 -5.09 24.60
CA GLY A 299 28.06 -5.41 26.00
C GLY A 299 28.72 -6.74 26.31
N GLU A 300 28.90 -6.99 27.61
CA GLU A 300 29.45 -8.27 28.04
C GLU A 300 28.56 -9.40 27.53
N ILE A 301 29.09 -10.20 26.62
CA ILE A 301 28.31 -11.20 25.92
C ILE A 301 28.88 -12.57 26.20
N ASP A 302 28.00 -13.57 26.27
CA ASP A 302 28.46 -14.95 26.25
C ASP A 302 29.09 -15.23 24.89
N GLY A 303 29.67 -16.41 24.75
CA GLY A 303 30.41 -16.70 23.54
C GLY A 303 29.50 -16.93 22.34
N PHE A 304 30.12 -16.90 21.16
CA PHE A 304 29.42 -17.28 19.95
C PHE A 304 29.16 -18.78 19.94
N LEU A 305 28.19 -19.18 19.12
CA LEU A 305 27.86 -20.58 18.95
C LEU A 305 28.34 -21.14 17.62
N ASP A 306 28.16 -20.39 16.54
CA ASP A 306 28.58 -20.83 15.22
C ASP A 306 28.74 -19.61 14.33
N PHE A 307 29.52 -19.79 13.26
CA PHE A 307 29.79 -18.73 12.29
C PHE A 307 29.28 -19.17 10.93
N TYR A 308 28.37 -18.39 10.35
CA TYR A 308 27.79 -18.70 9.05
C TYR A 308 28.66 -18.05 7.98
N ILE A 309 29.55 -18.83 7.38
CA ILE A 309 30.44 -18.35 6.34
C ILE A 309 29.66 -18.38 5.03
N GLY A 310 29.06 -17.24 4.68
CA GLY A 310 28.37 -17.11 3.41
C GLY A 310 27.20 -18.06 3.25
N ASP A 311 26.36 -18.16 4.28
CA ASP A 311 25.14 -18.97 4.27
C ASP A 311 25.41 -20.44 4.47
N SER A 312 26.66 -20.84 4.68
CA SER A 312 27.00 -22.25 4.94
C SER A 312 27.55 -22.36 6.35
N PRO A 313 26.73 -22.73 7.34
CA PRO A 313 27.24 -22.80 8.71
C PRO A 313 28.35 -23.82 8.85
N MET A 314 29.28 -23.51 9.74
CA MET A 314 30.42 -24.41 9.96
C MET A 314 29.96 -25.78 10.44
N ILE A 315 28.98 -25.81 11.34
CA ILE A 315 28.43 -27.05 11.87
C ILE A 315 27.18 -27.38 11.10
N CYS A 316 27.08 -28.63 10.65
CA CYS A 316 25.92 -29.06 9.87
C CYS A 316 24.73 -29.36 10.76
N PHE A 317 23.53 -29.11 10.24
CA PHE A 317 22.33 -29.24 11.03
C PHE A 317 22.07 -30.69 11.42
N ASP A 318 22.28 -31.63 10.52
CA ASP A 318 21.95 -33.03 10.76
C ASP A 318 22.69 -33.89 9.75
N GLU A 319 22.32 -35.17 9.68
CA GLU A 319 23.00 -36.09 8.77
C GLU A 319 22.91 -35.62 7.33
N THR A 320 21.72 -35.20 6.88
CA THR A 320 21.55 -34.84 5.48
C THR A 320 22.43 -33.66 5.11
N ASP A 321 22.48 -32.62 5.94
CA ASP A 321 23.33 -31.48 5.65
C ASP A 321 24.79 -31.89 5.60
N SER A 322 25.20 -32.81 6.48
CA SER A 322 26.57 -33.32 6.43
C SER A 322 26.84 -34.03 5.12
N ASP A 323 25.87 -34.80 4.62
CA ASP A 323 26.04 -35.46 3.33
C ASP A 323 26.18 -34.44 2.21
N THR A 324 25.39 -33.36 2.26
CA THR A 324 25.43 -32.37 1.18
C THR A 324 26.80 -31.72 1.08
N ARG A 325 27.41 -31.36 2.21
CA ARG A 325 28.69 -30.66 2.22
C ARG A 325 29.49 -31.08 3.45
N THR A 326 30.78 -30.81 3.40
CA THR A 326 31.65 -31.12 4.53
C THR A 326 31.27 -30.26 5.72
N CYS A 327 31.27 -30.85 6.91
CA CYS A 327 30.87 -30.17 8.12
C CYS A 327 31.66 -30.77 9.29
N PHE A 328 31.22 -30.46 10.51
CA PHE A 328 31.86 -30.94 11.73
C PHE A 328 30.81 -31.05 12.82
N GLY A 329 30.53 -32.28 13.26
CA GLY A 329 29.55 -32.47 14.31
C GLY A 329 28.13 -32.32 13.78
N ARG A 330 27.19 -32.26 14.72
CA ARG A 330 25.79 -32.04 14.40
C ARG A 330 25.18 -31.14 15.46
N LYS A 331 23.98 -30.66 15.18
CA LYS A 331 23.27 -29.80 16.12
C LYS A 331 21.78 -30.10 16.23
N LYS A 332 21.27 -31.13 15.55
CA LYS A 332 19.86 -31.47 15.68
C LYS A 332 19.56 -32.09 17.04
N ILE A 333 20.46 -32.92 17.54
CA ILE A 333 20.33 -33.52 18.87
C ILE A 333 21.56 -33.22 19.73
N VAL A 334 22.75 -33.37 19.18
CA VAL A 334 23.96 -33.10 19.95
C VAL A 334 24.04 -31.64 20.33
N GLY A 335 23.58 -30.75 19.45
CA GLY A 335 23.63 -29.33 19.74
C GLY A 335 25.02 -28.81 19.95
N ASP A 336 25.97 -29.27 19.13
CA ASP A 336 27.34 -28.82 19.27
C ASP A 336 27.47 -27.35 18.90
N THR A 337 28.34 -26.65 19.61
CA THR A 337 28.67 -25.26 19.33
C THR A 337 30.02 -25.20 18.65
N MET A 338 30.45 -23.98 18.31
CA MET A 338 31.71 -23.82 17.60
C MET A 338 32.89 -24.30 18.42
N HIS A 339 32.78 -24.25 19.75
CA HIS A 339 33.87 -24.73 20.60
C HIS A 339 34.15 -26.21 20.38
N ARG A 340 33.30 -26.91 19.62
CA ARG A 340 33.63 -28.27 19.20
C ARG A 340 34.87 -28.31 18.34
N LEU A 341 35.10 -27.25 17.54
CA LEU A 341 36.23 -27.26 16.61
C LEU A 341 37.57 -27.24 17.34
N ALA A 342 37.71 -26.36 18.33
CA ALA A 342 39.00 -26.23 19.01
C ALA A 342 39.38 -27.51 19.74
N ALA A 343 38.43 -28.12 20.44
CA ALA A 343 38.69 -29.33 21.20
C ALA A 343 37.37 -29.97 21.56
N GLY A 344 37.39 -31.31 21.67
CA GLY A 344 36.20 -32.06 21.98
C GLY A 344 35.50 -31.54 23.23
N THR A 345 34.21 -31.23 23.10
CA THR A 345 33.43 -30.64 24.18
C THR A 345 32.42 -31.66 24.68
N SER A 346 32.42 -31.91 25.98
CA SER A 346 31.36 -32.74 26.57
C SER A 346 30.04 -32.00 26.58
N THR A 347 30.08 -30.68 26.71
CA THR A 347 28.90 -29.83 26.68
C THR A 347 28.97 -28.89 25.48
N SER A 348 27.83 -28.26 25.17
CA SER A 348 27.77 -27.28 24.11
C SER A 348 28.23 -25.91 24.61
N GLN A 349 29.47 -25.83 25.08
CA GLN A 349 29.97 -24.58 25.61
C GLN A 349 30.10 -23.56 24.48
N PRO A 350 29.79 -22.28 24.74
CA PRO A 350 29.99 -21.27 23.70
C PRO A 350 31.45 -20.92 23.50
N SER A 351 31.75 -19.97 22.61
CA SER A 351 33.13 -19.63 22.31
C SER A 351 33.81 -19.04 23.55
N VAL A 352 35.12 -18.85 23.43
CA VAL A 352 35.95 -18.33 24.51
C VAL A 352 36.48 -16.97 24.10
N HIS A 353 36.49 -16.03 25.05
CA HIS A 353 37.00 -14.70 24.77
C HIS A 353 38.50 -14.76 24.50
N GLY A 354 38.91 -14.19 23.38
CA GLY A 354 40.31 -14.18 23.01
C GLY A 354 40.87 -15.55 22.68
N GLN A 355 40.12 -16.36 21.93
CA GLN A 355 40.56 -17.68 21.51
C GLN A 355 40.54 -17.74 19.99
N GLU A 356 41.52 -18.44 19.42
CA GLU A 356 41.62 -18.59 17.97
C GLU A 356 40.99 -19.91 17.54
N TYR A 357 40.19 -19.86 16.49
CA TYR A 357 39.52 -21.03 15.94
C TYR A 357 39.90 -21.17 14.48
N LYS A 358 40.20 -22.40 14.06
CA LYS A 358 40.60 -22.71 12.70
C LYS A 358 39.53 -23.55 12.03
N TYR A 359 39.04 -23.09 10.89
CA TYR A 359 38.01 -23.78 10.14
C TYR A 359 38.43 -23.92 8.70
N ASN A 360 38.15 -25.08 8.11
CA ASN A 360 38.46 -25.33 6.71
C ASN A 360 37.51 -26.40 6.18
N ASP A 361 36.76 -26.06 5.15
CA ASP A 361 35.84 -26.99 4.50
C ASP A 361 36.29 -27.19 3.06
N GLY A 362 37.58 -27.41 2.86
CA GLY A 362 38.15 -27.21 1.55
C GLY A 362 38.38 -25.73 1.33
N ASN A 363 38.46 -25.36 0.06
CA ASN A 363 38.61 -23.95 -0.27
C ASN A 363 39.88 -23.39 0.36
N GLY A 364 39.74 -22.54 1.38
CA GLY A 364 40.89 -21.94 2.02
C GLY A 364 40.74 -21.95 3.54
N ASP A 365 41.89 -21.89 4.21
CA ASP A 365 41.89 -21.87 5.66
C ASP A 365 41.27 -20.58 6.18
N ILE A 366 40.49 -20.70 7.25
CA ILE A 366 39.82 -19.57 7.89
C ILE A 366 40.26 -19.52 9.34
N ARG A 367 40.66 -18.34 9.80
CA ARG A 367 41.04 -18.12 11.19
C ARG A 367 40.04 -17.14 11.81
N ILE A 368 39.54 -17.48 12.99
CA ILE A 368 38.54 -16.68 13.69
C ILE A 368 39.00 -16.45 15.12
N TRP A 369 39.09 -15.19 15.51
CA TRP A 369 39.36 -14.79 16.88
C TRP A 369 38.07 -14.21 17.45
N THR A 370 37.51 -14.86 18.46
CA THR A 370 36.26 -14.43 19.08
C THR A 370 36.60 -13.58 20.30
N PHE A 371 36.45 -12.26 20.16
CA PHE A 371 36.60 -11.33 21.27
C PHE A 371 35.20 -10.95 21.75
N HIS A 372 34.78 -11.53 22.87
CA HIS A 372 33.51 -11.14 23.47
C HIS A 372 33.61 -9.72 24.00
N GLY A 373 32.50 -8.99 23.92
CA GLY A 373 32.47 -7.67 24.52
C GLY A 373 32.76 -7.77 26.01
N LYS A 374 33.47 -6.77 26.53
CA LYS A 374 33.81 -6.73 27.95
C LYS A 374 33.94 -5.28 28.39
N PRO A 375 33.71 -5.01 29.67
CA PRO A 375 33.91 -3.64 30.16
C PRO A 375 35.33 -3.14 29.99
N ASP A 376 36.32 -4.03 30.11
CA ASP A 376 37.74 -3.66 29.97
C ASP A 376 38.47 -4.85 29.35
N GLN A 377 38.64 -4.82 28.04
CA GLN A 377 39.37 -5.85 27.32
C GLN A 377 40.51 -5.22 26.53
N THR A 378 41.60 -5.96 26.40
CA THR A 378 42.79 -5.44 25.73
C THR A 378 42.62 -5.49 24.22
N ALA A 379 43.55 -4.86 23.51
CA ALA A 379 43.52 -4.84 22.06
C ALA A 379 43.82 -6.23 21.51
N ALA A 380 43.39 -6.46 20.27
CA ALA A 380 43.64 -7.72 19.60
C ALA A 380 45.14 -7.95 19.44
N GLN A 381 45.67 -8.95 20.15
CA GLN A 381 47.12 -9.14 20.17
C GLN A 381 47.66 -9.44 18.78
N VAL A 382 46.95 -10.27 18.01
CA VAL A 382 47.44 -10.63 16.69
C VAL A 382 47.55 -9.40 15.79
N LEU A 383 46.50 -8.57 15.79
CA LEU A 383 46.51 -7.38 14.93
C LEU A 383 47.60 -6.41 15.36
N VAL A 384 47.80 -6.22 16.67
CA VAL A 384 48.85 -5.34 17.15
C VAL A 384 50.22 -5.86 16.74
N ASP A 385 50.44 -7.17 16.89
CA ASP A 385 51.73 -7.74 16.53
C ASP A 385 52.00 -7.57 15.04
N ILE A 386 50.99 -7.78 14.20
CA ILE A 386 51.18 -7.54 12.77
C ILE A 386 51.47 -6.08 12.50
N ALA A 387 50.75 -5.18 13.17
CA ALA A 387 50.96 -3.75 12.94
C ALA A 387 52.38 -3.34 13.28
N LYS A 388 52.93 -3.87 14.37
CA LYS A 388 54.31 -3.54 14.72
C LYS A 388 55.28 -3.96 13.62
N LYS A 389 54.94 -4.99 12.86
CA LYS A 389 55.76 -5.43 11.73
C LYS A 389 55.40 -4.71 10.43
N LYS A 390 54.42 -3.81 10.45
CA LYS A 390 53.97 -3.10 9.26
C LYS A 390 53.54 -4.08 8.18
N GLY A 391 52.80 -5.11 8.60
CA GLY A 391 52.37 -6.16 7.68
C GLY A 391 51.13 -5.82 6.89
N PHE A 392 50.41 -4.75 7.24
CA PHE A 392 49.18 -4.38 6.56
C PHE A 392 49.50 -3.47 5.38
N TYR A 393 48.95 -3.81 4.21
CA TYR A 393 49.25 -3.02 3.02
C TYR A 393 48.74 -1.59 3.17
N LEU A 394 47.47 -1.43 3.52
CA LEU A 394 46.91 -0.09 3.62
C LEU A 394 47.63 0.75 4.65
N GLN A 395 48.25 0.12 5.65
CA GLN A 395 49.03 0.87 6.63
C GLN A 395 50.25 1.51 5.98
N ASN A 396 51.02 0.71 5.24
CA ASN A 396 52.23 1.23 4.60
C ASN A 396 51.86 2.23 3.49
N GLN A 397 50.81 1.93 2.73
CA GLN A 397 50.42 2.84 1.65
C GLN A 397 50.04 4.21 2.20
N ASN A 398 49.31 4.24 3.30
CA ASN A 398 48.94 5.50 3.94
C ASN A 398 50.07 6.09 4.77
N GLY A 399 51.16 5.35 4.95
CA GLY A 399 52.31 5.84 5.70
C GLY A 399 52.25 5.62 7.19
N ASN A 400 51.17 5.03 7.70
CA ASN A 400 51.05 4.81 9.13
C ASN A 400 52.11 3.82 9.62
N GLY A 401 52.52 4.00 10.87
CA GLY A 401 53.51 3.14 11.47
C GLY A 401 52.91 2.20 12.49
N PRO A 402 53.63 1.93 13.59
CA PRO A 402 53.08 1.01 14.60
C PRO A 402 51.79 1.50 15.23
N GLU A 403 51.51 2.80 15.16
CA GLU A 403 50.27 3.34 15.69
C GLU A 403 49.06 2.99 14.83
N TYR A 404 49.25 2.32 13.70
CA TYR A 404 48.13 1.97 12.83
C TYR A 404 47.09 1.15 13.59
N TRP A 405 47.54 0.10 14.28
CA TRP A 405 46.70 -0.66 15.19
C TRP A 405 47.49 -0.78 16.49
N ASP A 406 47.38 0.24 17.34
CA ASP A 406 48.14 0.32 18.57
C ASP A 406 47.43 -0.49 19.66
N SER A 407 48.06 -0.58 20.83
CA SER A 407 47.46 -1.25 21.98
C SER A 407 46.20 -0.55 22.47
N ARG A 408 45.96 0.68 22.04
CA ARG A 408 44.76 1.42 22.44
C ARG A 408 43.56 1.10 21.56
N TYR A 409 43.75 0.32 20.50
CA TYR A 409 42.63 -0.08 19.64
C TYR A 409 41.88 -1.24 20.28
N LYS A 410 41.37 -1.03 21.49
CA LYS A 410 40.67 -2.07 22.23
C LYS A 410 39.19 -1.74 22.22
N LEU A 411 38.46 -2.33 21.29
CA LEU A 411 37.03 -2.16 21.25
C LEU A 411 36.43 -2.45 22.61
N LEU A 412 35.83 -1.44 23.23
CA LEU A 412 35.26 -1.58 24.57
C LEU A 412 33.77 -1.82 24.44
N ASP A 413 33.28 -2.83 25.16
CA ASP A 413 31.86 -3.17 25.22
C ASP A 413 31.32 -3.65 23.88
N THR A 414 32.19 -3.89 22.90
CA THR A 414 31.78 -4.41 21.60
C THR A 414 32.27 -5.85 21.47
N ALA A 415 31.38 -6.72 21.00
CA ALA A 415 31.69 -8.13 20.82
C ALA A 415 32.10 -8.35 19.37
N TYR A 416 33.36 -8.10 19.08
CA TYR A 416 33.87 -8.18 17.71
C TYR A 416 34.64 -9.48 17.52
N ALA A 417 34.64 -9.97 16.28
CA ALA A 417 35.36 -11.18 15.91
C ALA A 417 36.27 -10.87 14.72
N ILE A 418 37.53 -11.28 14.84
CA ILE A 418 38.50 -11.10 13.75
C ILE A 418 38.48 -12.34 12.88
N VAL A 419 38.44 -12.15 11.57
CA VAL A 419 38.42 -13.24 10.61
C VAL A 419 39.55 -13.01 9.60
N ARG A 420 40.37 -14.03 9.40
CA ARG A 420 41.41 -14.01 8.38
C ARG A 420 41.05 -15.04 7.32
N PHE A 421 40.94 -14.57 6.07
CA PHE A 421 40.60 -15.43 4.94
C PHE A 421 41.85 -15.68 4.13
N THR A 422 42.10 -16.95 3.80
CA THR A 422 43.18 -17.32 2.89
C THR A 422 42.58 -17.40 1.50
N ILE A 423 42.49 -16.25 0.84
CA ILE A 423 41.84 -16.18 -0.47
C ILE A 423 42.56 -17.12 -1.43
N ASN A 424 41.79 -18.01 -2.06
CA ASN A 424 42.34 -18.99 -2.98
C ASN A 424 41.53 -19.01 -4.26
N GLU A 425 41.85 -19.93 -5.18
CA GLU A 425 41.07 -20.07 -6.40
C GLU A 425 39.70 -20.67 -6.16
N ASN A 426 39.45 -21.21 -4.97
CA ASN A 426 38.14 -21.73 -4.61
C ASN A 426 37.28 -20.70 -3.92
N ARG A 427 37.84 -20.00 -2.92
CA ARG A 427 37.18 -18.88 -2.26
C ARG A 427 37.77 -17.61 -2.87
N THR A 428 37.18 -17.17 -3.97
CA THR A 428 37.73 -16.08 -4.77
C THR A 428 37.49 -14.70 -4.18
N GLU A 429 36.59 -14.58 -3.21
CA GLU A 429 36.26 -13.28 -2.66
C GLU A 429 35.89 -13.43 -1.19
N ILE A 430 35.70 -12.29 -0.53
CA ILE A 430 35.37 -12.26 0.89
C ILE A 430 33.85 -12.35 1.02
N PRO A 431 33.30 -13.43 1.56
CA PRO A 431 31.85 -13.53 1.69
C PRO A 431 31.32 -12.91 2.96
N GLU A 432 30.14 -12.33 2.85
CA GLU A 432 29.50 -11.70 4.01
C GLU A 432 29.33 -12.72 5.12
N ILE A 433 29.69 -12.34 6.34
CA ILE A 433 29.75 -13.25 7.48
C ILE A 433 28.59 -12.94 8.41
N SER A 434 27.91 -13.99 8.86
CA SER A 434 26.92 -13.93 9.92
C SER A 434 27.26 -14.98 10.96
N ALA A 435 26.87 -14.74 12.20
CA ALA A 435 27.19 -15.62 13.30
C ALA A 435 25.97 -15.89 14.15
N GLU A 436 26.02 -16.98 14.90
CA GLU A 436 25.00 -17.31 15.88
C GLU A 436 25.55 -16.91 17.25
N VAL A 437 25.06 -15.80 17.77
CA VAL A 437 25.56 -15.24 19.01
C VAL A 437 24.63 -15.65 20.15
N GLN A 438 25.19 -15.73 21.35
CA GLN A 438 24.40 -15.85 22.56
C GLN A 438 24.28 -14.48 23.21
N GLY A 439 23.10 -14.20 23.73
CA GLY A 439 22.77 -12.84 24.12
C GLY A 439 23.70 -12.25 25.16
N LYS A 440 23.43 -10.98 25.46
CA LYS A 440 24.18 -10.26 26.48
C LYS A 440 23.85 -10.80 27.87
N LYS A 441 24.82 -10.74 28.77
CA LYS A 441 24.58 -11.08 30.16
C LYS A 441 23.59 -10.09 30.75
N VAL A 442 22.60 -10.62 31.47
CA VAL A 442 21.51 -9.83 32.02
C VAL A 442 21.39 -10.09 33.51
N LYS A 443 21.26 -9.03 34.29
CA LYS A 443 21.07 -9.18 35.73
C LYS A 443 19.70 -9.79 36.01
N VAL A 444 19.68 -10.82 36.86
CA VAL A 444 18.45 -11.41 37.35
C VAL A 444 18.41 -11.17 38.85
N TYR A 445 17.39 -10.45 39.31
CA TYR A 445 17.30 -10.04 40.70
C TYR A 445 16.46 -11.05 41.46
N ASN A 446 17.11 -11.80 42.36
CA ASN A 446 16.38 -12.68 43.25
C ASN A 446 15.76 -11.88 44.39
N SER A 447 14.69 -12.43 44.96
CA SER A 447 13.98 -11.73 46.03
C SER A 447 14.87 -11.52 47.25
N ASP A 448 15.67 -12.53 47.60
CA ASP A 448 16.46 -12.44 48.83
C ASP A 448 17.40 -11.25 48.82
N GLY A 449 17.85 -10.83 47.65
CA GLY A 449 18.78 -9.72 47.55
C GLY A 449 19.98 -10.07 46.67
N THR A 450 20.34 -11.34 46.65
CA THR A 450 21.43 -11.79 45.81
C THR A 450 21.04 -11.63 44.34
N ILE A 451 21.98 -11.13 43.54
CA ILE A 451 21.74 -10.87 42.12
C ILE A 451 22.86 -11.52 41.32
N LYS A 452 22.48 -12.23 40.27
CA LYS A 452 23.44 -12.90 39.41
C LYS A 452 23.26 -12.40 37.99
N ALA A 453 24.38 -12.02 37.37
CA ALA A 453 24.39 -11.53 35.99
C ALA A 453 25.43 -12.28 35.17
N ASP A 454 25.61 -13.57 35.44
CA ASP A 454 26.66 -14.36 34.82
C ASP A 454 26.22 -15.00 33.51
N LYS A 455 24.94 -14.93 33.16
CA LYS A 455 24.47 -15.56 31.94
C LYS A 455 23.27 -14.78 31.42
N THR A 456 23.03 -14.91 30.11
CA THR A 456 21.87 -14.28 29.51
C THR A 456 20.60 -15.04 29.89
N SER A 457 19.49 -14.31 29.89
CA SER A 457 18.21 -14.86 30.29
C SER A 457 17.17 -14.59 29.23
N LEU A 458 16.31 -15.58 28.99
CA LEU A 458 15.25 -15.46 28.00
C LEU A 458 14.01 -14.77 28.55
N ASN A 459 13.98 -14.48 29.86
CA ASN A 459 12.80 -13.87 30.46
C ASN A 459 12.59 -12.47 29.89
N GLY A 460 11.36 -12.17 29.49
CA GLY A 460 11.07 -10.87 28.91
C GLY A 460 11.24 -9.73 29.91
N ILE A 461 10.83 -9.96 31.15
CA ILE A 461 10.89 -8.88 32.15
C ILE A 461 12.34 -8.47 32.38
N TRP A 462 13.23 -9.45 32.54
CA TRP A 462 14.62 -9.11 32.83
C TRP A 462 15.31 -8.53 31.59
N GLN A 463 14.94 -8.98 30.39
CA GLN A 463 15.48 -8.35 29.19
C GLN A 463 15.07 -6.89 29.11
N LEU A 464 13.80 -6.59 29.38
CA LEU A 464 13.36 -5.21 29.37
C LEU A 464 14.06 -4.40 30.45
N MET A 465 14.26 -4.99 31.63
CA MET A 465 14.94 -4.27 32.70
C MET A 465 16.38 -3.96 32.30
N ASP A 466 17.06 -4.91 31.66
CA ASP A 466 18.41 -4.65 31.17
C ASP A 466 18.40 -3.54 30.14
N TYR A 467 17.42 -3.54 29.23
CA TYR A 467 17.36 -2.50 28.21
C TYR A 467 17.11 -1.13 28.83
N LEU A 468 16.26 -1.05 29.85
CA LEU A 468 15.84 0.22 30.40
C LEU A 468 16.79 0.75 31.48
N THR A 469 17.79 -0.02 31.87
CA THR A 469 18.73 0.42 32.91
C THR A 469 20.15 0.59 32.38
N SER A 470 20.36 0.41 31.08
CA SER A 470 21.68 0.60 30.48
C SER A 470 21.70 1.96 29.79
N ASP A 471 22.70 2.77 30.13
CA ASP A 471 22.74 4.14 29.66
C ASP A 471 23.39 4.30 28.29
N ARG A 472 23.97 3.25 27.73
CA ARG A 472 24.74 3.37 26.49
C ARG A 472 24.05 2.78 25.27
N TYR A 473 23.03 1.94 25.45
CA TYR A 473 22.26 1.45 24.31
C TYR A 473 20.75 1.49 24.53
N GLY A 474 20.28 1.70 25.76
CA GLY A 474 18.86 1.81 26.01
C GLY A 474 18.52 3.08 26.75
N ALA A 475 17.34 3.12 27.37
CA ALA A 475 16.97 4.30 28.14
C ALA A 475 17.88 4.43 29.36
N ASP A 476 18.10 5.68 29.77
CA ASP A 476 18.99 5.98 30.89
C ASP A 476 18.28 5.91 32.23
N ILE A 477 17.13 5.23 32.31
CA ILE A 477 16.37 5.17 33.55
C ILE A 477 17.21 4.51 34.63
N THR A 478 17.27 5.15 35.79
CA THR A 478 18.03 4.62 36.91
C THR A 478 17.22 3.55 37.63
N LEU A 479 17.93 2.63 38.29
CA LEU A 479 17.27 1.56 39.00
C LEU A 479 16.47 2.07 40.20
N ASP A 480 16.68 3.32 40.60
CA ASP A 480 15.94 3.90 41.71
C ASP A 480 14.45 4.09 41.40
N GLN A 481 14.06 3.96 40.14
CA GLN A 481 12.69 4.25 39.72
C GLN A 481 11.87 2.98 39.45
N PHE A 482 12.27 1.85 40.04
CA PHE A 482 11.59 0.59 39.80
C PHE A 482 11.22 -0.06 41.12
N PRO A 483 9.98 -0.57 41.27
CA PRO A 483 9.67 -1.41 42.44
C PRO A 483 10.23 -2.82 42.23
N LEU A 484 11.29 -3.15 42.96
CA LEU A 484 11.98 -4.40 42.72
C LEU A 484 11.09 -5.60 43.01
N GLN A 485 10.30 -5.53 44.08
CA GLN A 485 9.48 -6.68 44.46
C GLN A 485 8.46 -7.01 43.39
N LYS A 486 7.79 -6.00 42.85
CA LYS A 486 6.77 -6.25 41.83
C LYS A 486 7.42 -6.78 40.55
N VAL A 487 8.58 -6.24 40.18
CA VAL A 487 9.27 -6.72 39.00
C VAL A 487 9.67 -8.18 39.18
N ILE A 488 10.18 -8.53 40.36
CA ILE A 488 10.58 -9.90 40.63
C ILE A 488 9.38 -10.83 40.56
N SER A 489 8.26 -10.42 41.13
CA SER A 489 7.06 -11.25 41.08
C SER A 489 6.59 -11.44 39.65
N GLU A 490 6.66 -10.38 38.83
CA GLU A 490 6.26 -10.51 37.44
C GLU A 490 7.20 -11.43 36.68
N ALA A 491 8.49 -11.36 36.95
CA ALA A 491 9.43 -12.29 36.32
C ALA A 491 9.09 -13.72 36.70
N LYS A 492 8.77 -13.96 37.97
CA LYS A 492 8.35 -15.29 38.37
C LYS A 492 7.09 -15.72 37.62
N ILE A 493 6.15 -14.79 37.44
CA ILE A 493 4.91 -15.10 36.73
C ILE A 493 5.23 -15.53 35.30
N LEU A 494 6.11 -14.80 34.62
CA LEU A 494 6.48 -15.17 33.26
C LEU A 494 7.40 -16.38 33.20
N ASP A 495 7.94 -16.83 34.33
CA ASP A 495 8.76 -18.04 34.38
C ASP A 495 7.94 -19.25 34.81
N ILE A 496 6.63 -19.23 34.58
CA ILE A 496 5.76 -20.34 34.93
C ILE A 496 6.05 -21.51 33.99
N ILE A 497 6.25 -22.69 34.57
CA ILE A 497 6.56 -23.87 33.75
C ILE A 497 5.31 -24.30 33.00
N ASP A 498 5.46 -24.48 31.69
CA ASP A 498 4.36 -24.89 30.82
C ASP A 498 4.40 -26.39 30.62
N GLU A 499 3.23 -27.02 30.70
CA GLU A 499 3.11 -28.47 30.60
C GLU A 499 2.53 -28.92 29.27
N SER A 500 2.38 -28.01 28.31
CA SER A 500 1.81 -28.40 27.02
C SER A 500 2.70 -29.41 26.30
N TYR A 501 4.02 -29.21 26.35
CA TYR A 501 4.95 -29.99 25.54
C TYR A 501 6.10 -30.49 26.41
N GLN A 502 6.66 -31.63 26.01
CA GLN A 502 7.82 -32.17 26.68
C GLN A 502 9.09 -31.53 26.15
N THR A 503 10.19 -31.71 26.89
CA THR A 503 11.47 -31.13 26.48
C THR A 503 12.08 -31.89 25.31
N SER A 504 11.83 -33.19 25.23
CA SER A 504 12.39 -34.00 24.14
C SER A 504 11.80 -33.65 22.78
N TRP A 505 10.73 -32.86 22.74
CA TRP A 505 10.05 -32.58 21.47
C TRP A 505 10.73 -31.48 20.68
N GLN A 506 11.75 -30.82 21.22
CA GLN A 506 12.46 -29.76 20.51
C GLN A 506 13.87 -30.23 20.20
N PRO A 507 14.15 -30.72 18.99
CA PRO A 507 15.49 -31.19 18.68
C PRO A 507 16.57 -30.12 18.85
N TYR A 508 16.41 -28.98 18.18
CA TYR A 508 17.43 -27.94 18.18
C TYR A 508 17.38 -27.16 19.50
N TRP A 509 17.57 -27.89 20.59
CA TRP A 509 17.40 -27.30 21.92
C TRP A 509 18.45 -26.22 22.18
N ARG A 510 19.69 -26.45 21.75
CA ARG A 510 20.74 -25.49 22.08
C ARG A 510 20.50 -24.14 21.43
N TYR A 511 19.98 -24.13 20.21
CA TYR A 511 19.82 -22.90 19.45
C TYR A 511 18.44 -22.29 19.61
N VAL A 512 17.67 -22.72 20.60
CA VAL A 512 16.47 -22.02 21.04
C VAL A 512 16.67 -21.41 22.42
N GLY A 513 17.92 -21.23 22.84
CA GLY A 513 18.24 -20.61 24.11
C GLY A 513 18.40 -21.56 25.27
N TRP A 514 18.09 -22.83 25.11
CA TRP A 514 18.19 -23.78 26.21
C TRP A 514 19.65 -24.13 26.45
N ASN A 515 20.11 -23.93 27.68
CA ASN A 515 21.50 -24.13 28.05
C ASN A 515 21.77 -25.52 28.59
N ASP A 516 20.76 -26.36 28.73
CA ASP A 516 20.95 -27.70 29.29
C ASP A 516 19.89 -28.65 28.75
N PRO A 517 20.27 -29.74 28.09
CA PRO A 517 19.25 -30.65 27.54
C PRO A 517 18.37 -31.30 28.61
N LEU A 518 18.83 -31.36 29.85
CA LEU A 518 18.09 -32.05 30.90
C LEU A 518 17.34 -31.12 31.84
N SER A 519 17.90 -29.95 32.15
CA SER A 519 17.25 -29.04 33.08
C SER A 519 15.93 -28.53 32.51
N GLU A 520 15.05 -28.10 33.41
CA GLU A 520 13.70 -27.67 33.03
C GLU A 520 13.80 -26.36 32.26
N ASN A 521 13.72 -26.45 30.94
CA ASN A 521 13.76 -25.28 30.07
C ASN A 521 12.37 -24.88 29.58
N ARG A 522 11.31 -25.43 30.17
CA ARG A 522 9.95 -25.09 29.80
C ARG A 522 9.49 -23.88 30.60
N GLN A 523 9.41 -22.74 29.95
CA GLN A 523 8.86 -21.52 30.54
C GLN A 523 7.69 -21.06 29.69
N ILE A 524 6.69 -20.48 30.36
CA ILE A 524 5.47 -20.10 29.66
C ILE A 524 5.75 -19.03 28.59
N VAL A 525 6.92 -18.41 28.62
CA VAL A 525 7.32 -17.49 27.57
C VAL A 525 8.85 -17.37 27.56
N GLN A 526 9.43 -17.47 26.37
CA GLN A 526 10.86 -17.29 26.18
C GLN A 526 11.08 -16.39 24.98
N LEU A 527 11.93 -15.39 25.13
CA LEU A 527 12.20 -14.43 24.07
C LEU A 527 13.68 -14.45 23.72
N ASN A 528 13.98 -14.62 22.44
CA ASN A 528 15.33 -14.49 21.89
C ASN A 528 15.31 -13.24 21.02
N THR A 529 15.77 -12.13 21.57
CA THR A 529 15.52 -10.81 20.99
C THR A 529 16.75 -10.25 20.29
N ILE A 530 16.54 -9.70 19.11
CA ILE A 530 17.50 -8.83 18.44
C ILE A 530 16.95 -7.42 18.53
N LEU A 531 17.68 -6.53 19.18
CA LEU A 531 17.24 -5.16 19.40
C LEU A 531 18.03 -4.25 18.46
N ASP A 532 17.47 -3.98 17.29
CA ASP A 532 18.11 -3.08 16.33
C ASP A 532 18.10 -1.68 16.90
N THR A 533 19.25 -1.21 17.38
CA THR A 533 19.33 0.07 18.05
C THR A 533 19.07 1.25 17.12
N SER A 534 19.02 1.03 15.81
CA SER A 534 18.70 2.13 14.90
C SER A 534 17.30 2.68 15.18
N GLU A 535 16.36 1.79 15.48
CA GLU A 535 15.00 2.21 15.78
C GLU A 535 14.92 2.89 17.14
N SER A 536 13.89 3.71 17.32
CA SER A 536 13.72 4.45 18.55
C SER A 536 13.53 3.49 19.72
N VAL A 537 14.05 3.90 20.89
CA VAL A 537 13.93 3.06 22.07
C VAL A 537 12.47 2.83 22.42
N PHE A 538 11.61 3.79 22.11
CA PHE A 538 10.17 3.59 22.27
C PHE A 538 9.70 2.36 21.49
N LYS A 539 10.09 2.28 20.21
CA LYS A 539 9.66 1.16 19.38
C LYS A 539 10.20 -0.16 19.91
N ASN A 540 11.46 -0.18 20.36
CA ASN A 540 12.05 -1.40 20.87
C ASN A 540 11.34 -1.87 22.14
N VAL A 541 11.06 -0.94 23.06
CA VAL A 541 10.35 -1.29 24.28
C VAL A 541 8.97 -1.83 23.93
N GLN A 542 8.27 -1.18 23.01
CA GLN A 542 6.95 -1.67 22.61
C GLN A 542 7.05 -3.05 22.00
N GLY A 543 8.06 -3.30 21.18
CA GLY A 543 8.23 -4.61 20.58
C GLY A 543 8.48 -5.68 21.62
N ILE A 544 9.31 -5.39 22.62
CA ILE A 544 9.55 -6.37 23.68
C ILE A 544 8.26 -6.64 24.44
N LEU A 545 7.52 -5.57 24.77
CA LEU A 545 6.30 -5.76 25.56
C LEU A 545 5.25 -6.54 24.80
N GLU A 546 5.11 -6.29 23.49
CA GLU A 546 4.10 -6.99 22.70
C GLU A 546 4.33 -8.49 22.68
N SER A 547 5.55 -8.95 22.96
CA SER A 547 5.83 -10.38 22.86
C SER A 547 5.05 -11.17 23.90
N PHE A 548 5.03 -10.70 25.15
CA PHE A 548 4.31 -11.38 26.21
C PHE A 548 3.09 -10.61 26.70
N GLY A 549 2.63 -9.63 25.93
CA GLY A 549 1.42 -8.90 26.30
C GLY A 549 1.51 -8.18 27.63
N GLY A 550 2.68 -7.63 27.95
CA GLY A 550 2.86 -6.84 29.14
C GLY A 550 2.47 -5.40 28.92
N ALA A 551 2.76 -4.57 29.93
CA ALA A 551 2.46 -3.16 29.84
C ALA A 551 3.32 -2.40 30.83
N ILE A 552 3.81 -1.23 30.41
CA ILE A 552 4.63 -0.37 31.24
C ILE A 552 3.89 0.95 31.42
N ASN A 553 3.79 1.41 32.68
CA ASN A 553 3.10 2.64 33.00
C ASN A 553 3.94 3.45 33.95
N ASN A 554 3.83 4.77 33.86
CA ASN A 554 4.56 5.70 34.72
C ASN A 554 3.55 6.67 35.33
N LEU A 555 2.97 6.27 36.46
CA LEU A 555 2.08 7.11 37.23
C LEU A 555 2.63 7.24 38.64
N SER A 556 2.80 8.48 39.10
CA SER A 556 3.37 8.76 40.42
C SER A 556 4.87 8.47 40.46
N GLY A 557 5.53 8.59 39.32
CA GLY A 557 6.98 8.45 39.27
C GLY A 557 7.49 7.06 39.59
N GLU A 558 6.77 6.03 39.16
CA GLU A 558 7.23 4.65 39.27
C GLU A 558 7.09 4.00 37.91
N TYR A 559 8.15 3.33 37.46
CA TYR A 559 8.11 2.63 36.17
C TYR A 559 7.64 1.21 36.41
N ARG A 560 6.33 1.06 36.49
CA ARG A 560 5.70 -0.23 36.79
C ARG A 560 5.49 -1.01 35.50
N ILE A 561 6.02 -2.23 35.46
CA ILE A 561 5.80 -3.16 34.36
C ILE A 561 4.90 -4.27 34.88
N THR A 562 3.82 -4.54 34.16
CA THR A 562 2.82 -5.48 34.62
C THR A 562 2.20 -6.21 33.44
N VAL A 563 1.60 -7.36 33.72
CA VAL A 563 0.98 -8.21 32.72
C VAL A 563 -0.38 -8.64 33.24
N GLU A 564 -1.25 -9.05 32.33
CA GLU A 564 -2.61 -9.46 32.68
C GLU A 564 -2.53 -10.76 33.44
N LYS A 565 -2.60 -10.69 34.76
CA LYS A 565 -2.48 -11.86 35.62
C LYS A 565 -3.62 -11.89 36.62
N TYR A 566 -4.00 -13.10 37.01
CA TYR A 566 -5.01 -13.27 38.04
C TYR A 566 -4.44 -12.90 39.41
N SER A 567 -5.26 -12.28 40.24
CA SER A 567 -4.86 -11.87 41.58
C SER A 567 -5.87 -12.38 42.59
N THR A 568 -5.37 -12.86 43.73
CA THR A 568 -6.23 -13.35 44.80
C THR A 568 -6.57 -12.27 45.82
N ASN A 569 -6.01 -11.07 45.69
CA ASN A 569 -6.25 -9.97 46.62
C ASN A 569 -6.51 -8.68 45.84
N PRO A 570 -7.64 -8.61 45.13
CA PRO A 570 -7.96 -7.37 44.42
C PRO A 570 -8.49 -6.29 45.36
N LEU A 571 -8.45 -5.06 44.86
CA LEU A 571 -9.07 -3.96 45.58
C LEU A 571 -10.59 -4.04 45.45
N ARG A 572 -11.29 -3.95 46.56
CA ARG A 572 -12.74 -4.08 46.57
C ARG A 572 -13.39 -2.72 46.35
N ILE A 573 -14.15 -2.60 45.27
CA ILE A 573 -14.90 -1.40 44.94
C ILE A 573 -16.38 -1.78 44.90
N ASN A 574 -17.20 -0.98 45.58
CA ASN A 574 -18.64 -1.15 45.53
C ASN A 574 -19.25 -0.02 44.71
N PHE A 575 -20.47 -0.26 44.23
CA PHE A 575 -21.15 0.76 43.44
C PHE A 575 -21.34 2.04 44.23
N LEU A 576 -21.70 1.92 45.51
CA LEU A 576 -21.94 3.10 46.33
C LEU A 576 -20.65 3.91 46.50
N ASP A 577 -19.52 3.25 46.70
CA ASP A 577 -18.25 3.98 46.76
C ASP A 577 -18.01 4.73 45.46
N THR A 578 -18.31 4.10 44.33
CA THR A 578 -18.19 4.74 43.04
C THR A 578 -19.14 5.94 42.95
N TYR A 579 -18.84 6.87 42.06
CA TYR A 579 -19.81 7.90 41.72
C TYR A 579 -21.06 7.23 41.14
N GLY A 580 -22.10 8.04 40.95
CA GLY A 580 -23.38 7.47 40.54
C GLY A 580 -23.32 6.81 39.18
N ASP A 581 -22.71 7.48 38.20
CA ASP A 581 -22.81 7.04 36.83
C ASP A 581 -22.06 5.75 36.61
N LEU A 582 -22.66 4.84 35.84
CA LEU A 582 -22.06 3.56 35.48
C LEU A 582 -22.32 3.30 34.02
N ASP A 583 -21.50 2.46 33.41
CA ASP A 583 -21.60 2.19 31.98
C ASP A 583 -20.94 0.85 31.69
N LEU A 584 -21.75 -0.13 31.26
CA LEU A 584 -21.26 -1.43 30.86
C LEU A 584 -21.52 -1.63 29.38
N SER A 585 -20.50 -2.06 28.66
CA SER A 585 -20.59 -2.25 27.22
C SER A 585 -19.97 -3.59 26.85
N ASP A 586 -20.41 -4.13 25.71
CA ASP A 586 -19.96 -5.41 25.23
C ASP A 586 -19.19 -5.23 23.93
N THR A 587 -18.02 -5.87 23.84
CA THR A 587 -17.18 -5.81 22.65
C THR A 587 -16.83 -7.19 22.12
N THR A 588 -17.55 -8.23 22.57
CA THR A 588 -17.21 -9.59 22.16
C THR A 588 -17.37 -9.78 20.67
N GLY A 589 -18.43 -9.21 20.08
CA GLY A 589 -18.65 -9.38 18.66
C GLY A 589 -17.49 -8.89 17.82
N ARG A 590 -16.91 -7.76 18.21
CA ARG A 590 -15.82 -7.17 17.44
C ARG A 590 -14.50 -7.91 17.64
N ASN A 591 -14.24 -8.42 18.85
CA ASN A 591 -12.95 -8.95 19.21
C ASN A 591 -12.90 -10.48 19.20
N LYS A 592 -13.90 -11.13 18.64
CA LYS A 592 -13.84 -12.57 18.47
C LYS A 592 -12.74 -12.91 17.46
N PHE A 593 -11.83 -13.79 17.85
CA PHE A 593 -10.71 -14.18 16.99
C PHE A 593 -10.60 -15.70 17.00
N ASN A 594 -10.22 -16.26 15.86
CA ASN A 594 -10.13 -17.71 15.72
C ASN A 594 -8.91 -18.17 14.94
N SER A 595 -8.01 -17.28 14.55
CA SER A 595 -6.83 -17.68 13.80
C SER A 595 -5.73 -16.65 14.03
N VAL A 596 -4.51 -17.04 13.71
CA VAL A 596 -3.37 -16.13 13.81
C VAL A 596 -2.26 -16.66 12.92
N GLN A 597 -1.54 -15.74 12.29
CA GLN A 597 -0.42 -16.06 11.42
C GLN A 597 0.88 -15.80 12.18
N ALA A 598 1.78 -16.78 12.16
CA ALA A 598 3.00 -16.74 12.95
C ALA A 598 4.20 -16.85 12.01
N SER A 599 4.79 -15.71 11.66
CA SER A 599 6.00 -15.70 10.84
C SER A 599 7.24 -15.82 11.73
N LEU A 600 7.29 -16.92 12.47
CA LEU A 600 8.39 -17.17 13.39
C LEU A 600 9.59 -17.71 12.63
N VAL A 601 10.78 -17.27 13.04
CA VAL A 601 12.02 -17.75 12.44
C VAL A 601 12.43 -19.05 13.13
N ASP A 602 12.88 -20.01 12.34
CA ASP A 602 13.22 -21.34 12.85
C ASP A 602 14.71 -21.55 12.76
N PRO A 603 15.42 -21.80 13.87
CA PRO A 603 16.86 -22.07 13.77
C PRO A 603 17.18 -23.29 12.92
N ALA A 604 16.27 -24.25 12.85
CA ALA A 604 16.52 -25.46 12.06
C ALA A 604 16.69 -25.12 10.58
N LEU A 605 15.89 -24.19 10.07
CA LEU A 605 15.96 -23.80 8.66
C LEU A 605 16.89 -22.61 8.45
N SER A 606 18.14 -22.74 8.90
CA SER A 606 19.15 -21.70 8.69
C SER A 606 18.62 -20.32 9.05
N TRP A 607 17.77 -20.26 10.08
CA TRP A 607 17.21 -19.00 10.55
C TRP A 607 16.43 -18.28 9.46
N LYS A 608 15.62 -19.01 8.72
CA LYS A 608 14.69 -18.45 7.76
C LYS A 608 13.27 -18.49 8.31
N THR A 609 12.41 -17.66 7.75
CA THR A 609 11.06 -17.50 8.27
C THR A 609 10.15 -18.61 7.81
N ASN A 610 9.32 -19.11 8.72
CA ASN A 610 8.25 -20.03 8.39
C ASN A 610 6.91 -19.31 8.57
N SER A 611 6.07 -19.38 7.55
CA SER A 611 4.72 -18.83 7.64
C SER A 611 3.83 -19.92 8.22
N ILE A 612 3.67 -19.89 9.55
CA ILE A 612 2.90 -20.88 10.28
C ILE A 612 1.63 -20.22 10.76
N THR A 613 0.49 -20.89 10.56
CA THR A 613 -0.81 -20.35 10.92
C THR A 613 -1.42 -21.22 12.02
N PHE A 614 -1.79 -20.60 13.13
CA PHE A 614 -2.47 -21.28 14.22
C PHE A 614 -3.94 -20.86 14.20
N TYR A 615 -4.83 -21.83 14.18
CA TYR A 615 -6.26 -21.57 14.21
C TYR A 615 -6.93 -22.54 15.18
N ASN A 616 -7.98 -22.07 15.84
CA ASN A 616 -8.77 -22.89 16.75
C ASN A 616 -10.01 -23.35 15.99
N SER A 617 -10.09 -24.64 15.70
CA SER A 617 -11.18 -25.15 14.88
C SER A 617 -12.53 -24.91 15.54
N LYS A 618 -12.62 -25.13 16.84
CA LYS A 618 -13.89 -24.95 17.53
C LYS A 618 -14.37 -23.50 17.42
N PHE A 619 -13.46 -22.54 17.57
CA PHE A 619 -13.85 -21.14 17.44
C PHE A 619 -14.35 -20.83 16.04
N LYS A 620 -13.68 -21.37 15.01
CA LYS A 620 -14.14 -21.15 13.65
C LYS A 620 -15.54 -21.73 13.44
N GLU A 621 -15.79 -22.92 13.98
CA GLU A 621 -17.14 -23.49 13.87
C GLU A 621 -18.15 -22.60 14.58
N GLN A 622 -17.80 -22.08 15.76
CA GLN A 622 -18.67 -21.13 16.44
C GLN A 622 -18.76 -19.80 15.72
N ASP A 623 -17.82 -19.52 14.81
CA ASP A 623 -17.80 -18.27 14.04
C ASP A 623 -18.41 -18.44 12.66
N LYS A 624 -19.11 -19.54 12.42
CA LYS A 624 -19.67 -19.84 11.10
C LYS A 624 -18.57 -19.99 10.05
N GLY A 625 -17.42 -20.48 10.47
CA GLY A 625 -16.29 -20.69 9.57
C GLY A 625 -15.57 -19.43 9.16
N LEU A 626 -16.01 -18.26 9.61
CA LEU A 626 -15.37 -17.02 9.23
C LEU A 626 -13.98 -16.93 9.84
N ASP A 627 -13.05 -16.34 9.10
CA ASP A 627 -11.67 -16.21 9.53
C ASP A 627 -11.49 -14.85 10.22
N LYS A 628 -11.00 -14.87 11.46
CA LYS A 628 -10.77 -13.66 12.25
C LYS A 628 -9.36 -13.75 12.82
N LYS A 629 -8.40 -13.14 12.13
CA LYS A 629 -7.00 -13.20 12.50
C LYS A 629 -6.62 -11.97 13.30
N LEU A 630 -5.80 -12.15 14.33
CA LEU A 630 -5.31 -11.07 15.16
C LEU A 630 -3.82 -10.89 14.93
N GLN A 631 -3.42 -9.67 14.61
CA GLN A 631 -2.01 -9.37 14.35
C GLN A 631 -1.21 -9.57 15.62
N LEU A 632 -0.38 -10.61 15.64
CA LEU A 632 0.39 -10.99 16.82
C LEU A 632 1.87 -10.96 16.46
N SER A 633 2.67 -10.29 17.28
CA SER A 633 4.10 -10.13 17.01
C SER A 633 4.82 -11.38 17.46
N PHE A 634 5.22 -12.22 16.50
CA PHE A 634 5.95 -13.45 16.78
C PHE A 634 7.46 -13.28 16.64
N ALA A 635 7.93 -12.07 16.37
CA ALA A 635 9.35 -11.82 16.35
C ALA A 635 9.96 -12.14 17.72
N ASN A 636 11.29 -12.18 17.75
CA ASN A 636 12.05 -12.52 18.94
C ASN A 636 11.44 -13.70 19.68
N ILE A 637 10.95 -14.69 18.94
CA ILE A 637 10.48 -15.96 19.50
C ILE A 637 10.91 -17.05 18.53
N THR A 638 11.73 -18.00 19.01
CA THR A 638 12.24 -19.07 18.18
C THR A 638 11.78 -20.45 18.60
N ASN A 639 11.29 -20.62 19.81
CA ASN A 639 10.76 -21.91 20.25
C ASN A 639 9.35 -22.06 19.73
N TYR A 640 9.14 -23.02 18.83
CA TYR A 640 7.84 -23.17 18.19
C TYR A 640 6.75 -23.43 19.22
N TYR A 641 7.03 -24.25 20.23
CA TYR A 641 5.99 -24.62 21.17
C TYR A 641 5.55 -23.44 22.01
N THR A 642 6.50 -22.59 22.43
CA THR A 642 6.12 -21.39 23.16
C THR A 642 5.25 -20.50 22.28
N ALA A 643 5.60 -20.37 21.00
CA ALA A 643 4.79 -19.58 20.09
C ALA A 643 3.38 -20.13 19.98
N ARG A 644 3.26 -21.46 19.84
CA ARG A 644 1.93 -22.07 19.72
C ARG A 644 1.11 -21.87 20.99
N SER A 645 1.74 -22.06 22.15
CA SER A 645 1.01 -21.85 23.41
C SER A 645 0.57 -20.40 23.55
N TYR A 646 1.45 -19.47 23.17
CA TYR A 646 1.09 -18.05 23.20
C TYR A 646 -0.09 -17.77 22.28
N ALA A 647 -0.07 -18.32 21.08
CA ALA A 647 -1.16 -18.11 20.14
C ALA A 647 -2.48 -18.66 20.67
N ASP A 648 -2.45 -19.91 21.17
CA ASP A 648 -3.67 -20.51 21.70
C ASP A 648 -4.18 -19.73 22.90
N ARG A 649 -3.28 -19.29 23.78
CA ARG A 649 -3.71 -18.54 24.95
C ARG A 649 -4.36 -17.23 24.54
N GLU A 650 -3.78 -16.51 23.59
CA GLU A 650 -4.37 -15.25 23.16
C GLU A 650 -5.72 -15.48 22.50
N LEU A 651 -5.84 -16.52 21.67
CA LEU A 651 -7.13 -16.81 21.05
C LEU A 651 -8.18 -17.12 22.09
N LYS A 652 -7.83 -17.94 23.08
CA LYS A 652 -8.78 -18.24 24.15
C LYS A 652 -9.18 -16.98 24.89
N LYS A 653 -8.21 -16.11 25.20
CA LYS A 653 -8.49 -14.92 25.99
C LYS A 653 -9.34 -13.93 25.23
N SER A 654 -9.25 -13.91 23.90
CA SER A 654 -9.98 -12.94 23.10
C SER A 654 -11.42 -13.36 22.80
N ARG A 655 -12.01 -14.25 23.60
CA ARG A 655 -13.36 -14.73 23.34
C ARG A 655 -14.42 -14.04 24.18
N TYR A 656 -14.07 -13.57 25.37
CA TYR A 656 -14.99 -12.85 26.24
C TYR A 656 -14.38 -11.50 26.56
N SER A 657 -15.16 -10.43 26.40
CA SER A 657 -14.64 -9.09 26.61
C SER A 657 -15.77 -8.09 26.80
N ARG A 658 -15.70 -7.33 27.89
CA ARG A 658 -16.62 -6.23 28.14
C ARG A 658 -15.80 -5.05 28.67
N THR A 659 -16.35 -3.85 28.50
CA THR A 659 -15.69 -2.63 28.96
C THR A 659 -16.63 -1.92 29.93
N LEU A 660 -16.30 -2.01 31.22
CA LEU A 660 -17.08 -1.37 32.27
C LEU A 660 -16.32 -0.14 32.74
N SER A 661 -16.99 1.01 32.70
CA SER A 661 -16.36 2.29 33.05
C SER A 661 -17.24 3.04 34.03
N PHE A 662 -16.59 3.70 34.99
CA PHE A 662 -17.29 4.50 35.98
C PHE A 662 -16.30 5.52 36.53
N SER A 663 -16.69 6.21 37.60
CA SER A 663 -15.88 7.26 38.21
C SER A 663 -15.82 7.04 39.72
N VAL A 664 -14.62 7.15 40.28
CA VAL A 664 -14.38 6.84 41.67
C VAL A 664 -13.83 8.09 42.36
N PRO A 665 -14.17 8.36 43.63
CA PRO A 665 -13.64 9.55 44.29
C PRO A 665 -12.14 9.48 44.52
N TYR A 666 -11.56 10.58 45.02
CA TYR A 666 -10.13 10.68 45.22
C TYR A 666 -9.62 9.73 46.30
N LYS A 667 -10.51 9.16 47.11
CA LYS A 667 -10.08 8.21 48.13
C LYS A 667 -9.27 7.08 47.52
N PHE A 668 -9.66 6.61 46.33
CA PHE A 668 -8.98 5.50 45.66
C PHE A 668 -7.89 6.03 44.73
N ILE A 669 -6.92 6.71 45.31
CA ILE A 669 -5.83 7.31 44.55
C ILE A 669 -4.72 6.28 44.38
N GLY A 670 -4.20 6.17 43.17
CA GLY A 670 -3.11 5.28 42.87
C GLY A 670 -3.49 4.00 42.14
N ILE A 671 -4.66 3.95 41.52
CA ILE A 671 -5.12 2.75 40.81
C ILE A 671 -4.40 2.71 39.47
N GLU A 672 -3.32 1.92 39.40
CA GLU A 672 -2.56 1.80 38.17
C GLU A 672 -3.36 1.03 37.13
N PRO A 673 -3.08 1.25 35.85
CA PRO A 673 -3.71 0.42 34.81
C PRO A 673 -3.28 -1.04 34.94
N ASN A 674 -4.20 -1.92 34.55
CA ASN A 674 -3.95 -3.36 34.57
C ASN A 674 -3.82 -3.87 36.00
N ASP A 675 -4.64 -3.31 36.88
CA ASP A 675 -4.71 -3.62 38.30
C ASP A 675 -5.95 -4.48 38.58
N PRO A 676 -5.91 -5.39 39.56
CA PRO A 676 -7.06 -6.25 39.79
C PRO A 676 -8.12 -5.56 40.65
N ILE A 677 -9.36 -5.59 40.16
CA ILE A 677 -10.47 -4.91 40.80
C ILE A 677 -11.56 -5.94 41.09
N ALA A 678 -12.13 -5.88 42.29
CA ALA A 678 -13.23 -6.74 42.69
C ALA A 678 -14.46 -5.86 42.86
N PHE A 679 -15.20 -5.69 41.77
CA PHE A 679 -16.37 -4.81 41.75
C PHE A 679 -17.61 -5.59 42.19
N THR A 680 -18.31 -5.06 43.19
CA THR A 680 -19.51 -5.67 43.73
C THR A 680 -20.70 -4.73 43.55
N TYR A 681 -21.80 -5.27 43.02
CA TYR A 681 -22.98 -4.46 42.74
C TYR A 681 -24.21 -5.35 42.89
N GLU A 682 -25.00 -5.10 43.93
CA GLU A 682 -26.09 -6.02 44.28
C GLU A 682 -27.15 -6.09 43.18
N ARG A 683 -27.46 -4.97 42.53
CA ARG A 683 -28.54 -4.98 41.54
C ARG A 683 -28.27 -6.00 40.46
N TYR A 684 -27.01 -6.17 40.07
CA TYR A 684 -26.63 -7.24 39.15
C TYR A 684 -26.35 -8.51 39.97
N GLY A 685 -25.78 -9.52 39.31
CA GLY A 685 -25.37 -10.72 40.02
C GLY A 685 -23.91 -10.66 40.41
N TRP A 686 -23.35 -9.46 40.42
CA TRP A 686 -21.93 -9.26 40.69
C TRP A 686 -21.69 -9.17 42.19
N LYS A 687 -20.89 -10.10 42.72
CA LYS A 687 -20.38 -10.04 44.09
C LYS A 687 -18.87 -10.22 44.00
N ASP A 688 -18.13 -9.12 44.11
CA ASP A 688 -16.68 -9.14 43.98
C ASP A 688 -16.27 -9.73 42.64
N LYS A 689 -17.00 -9.38 41.59
CA LYS A 689 -16.64 -9.82 40.25
C LYS A 689 -15.23 -9.33 39.91
N PHE A 690 -14.45 -10.18 39.26
CA PHE A 690 -13.07 -9.85 38.95
C PHE A 690 -13.01 -9.04 37.67
N PHE A 691 -12.42 -7.85 37.74
CA PHE A 691 -12.20 -7.00 36.59
C PHE A 691 -10.72 -6.63 36.54
N LEU A 692 -10.31 -6.02 35.43
CA LEU A 692 -8.95 -5.52 35.28
C LEU A 692 -9.01 -4.09 34.76
N VAL A 693 -8.29 -3.19 35.44
CA VAL A 693 -8.26 -1.81 35.00
C VAL A 693 -7.63 -1.73 33.63
N ASP A 694 -8.08 -0.76 32.82
CA ASP A 694 -7.54 -0.61 31.48
C ASP A 694 -7.16 0.84 31.20
N GLU A 695 -7.81 1.79 31.87
CA GLU A 695 -7.55 3.20 31.62
C GLU A 695 -7.92 3.99 32.86
N VAL A 696 -6.93 4.47 33.59
CA VAL A 696 -7.12 5.32 34.76
C VAL A 696 -6.74 6.75 34.39
N GLU A 697 -7.62 7.69 34.70
CA GLU A 697 -7.38 9.11 34.44
C GLU A 697 -7.49 9.86 35.76
N ASN A 698 -6.47 10.65 36.06
CA ASN A 698 -6.43 11.47 37.27
C ASN A 698 -6.70 12.92 36.90
N THR A 699 -7.64 13.53 37.60
CA THR A 699 -7.98 14.94 37.42
C THR A 699 -7.46 15.74 38.61
N ARG A 700 -7.50 17.06 38.47
CA ARG A 700 -7.06 17.93 39.55
C ARG A 700 -8.13 18.11 40.62
N ASP A 701 -9.39 17.76 40.32
CA ASP A 701 -10.43 17.81 41.32
C ASP A 701 -10.45 16.55 42.20
N GLY A 702 -9.75 15.51 41.79
CA GLY A 702 -9.71 14.25 42.51
C GLY A 702 -10.56 13.16 41.90
N LYS A 703 -11.59 13.53 41.14
CA LYS A 703 -12.40 12.51 40.47
C LYS A 703 -11.52 11.68 39.56
N ILE A 704 -11.58 10.36 39.72
CA ILE A 704 -10.75 9.43 38.97
C ILE A 704 -11.64 8.65 38.03
N ASN A 705 -11.41 8.78 36.73
CA ASN A 705 -12.16 8.05 35.72
C ASN A 705 -11.50 6.70 35.47
N LEU A 706 -12.31 5.65 35.50
CA LEU A 706 -11.82 4.29 35.28
C LEU A 706 -12.53 3.67 34.08
N VAL A 707 -11.84 2.75 33.41
CA VAL A 707 -12.42 1.92 32.37
C VAL A 707 -11.89 0.51 32.61
N LEU A 708 -12.70 -0.33 33.24
CA LEU A 708 -12.28 -1.70 33.52
C LEU A 708 -12.41 -2.55 32.27
N GLN A 709 -12.15 -3.85 32.42
CA GLN A 709 -12.18 -4.78 31.31
C GLN A 709 -12.50 -6.16 31.86
N GLU A 710 -13.62 -6.74 31.43
CA GLU A 710 -14.00 -8.06 31.89
C GLU A 710 -13.43 -9.12 30.96
N TYR A 711 -13.10 -10.27 31.54
CA TYR A 711 -12.49 -11.37 30.82
C TYR A 711 -13.25 -12.65 31.10
N GLY A 712 -12.93 -13.69 30.34
CA GLY A 712 -13.52 -14.98 30.59
C GLY A 712 -13.07 -15.54 31.92
N GLU A 713 -13.25 -16.83 32.08
CA GLU A 713 -12.86 -17.53 33.30
C GLU A 713 -11.58 -18.33 33.06
N ASP A 714 -10.64 -18.22 33.99
CA ASP A 714 -9.36 -18.93 33.94
C ASP A 714 -8.72 -18.82 32.56
N VAL A 715 -8.68 -17.59 32.05
CA VAL A 715 -8.07 -17.29 30.76
C VAL A 715 -6.76 -16.52 30.91
N PHE A 716 -6.29 -16.32 32.13
CA PHE A 716 -5.08 -15.55 32.38
C PHE A 716 -3.86 -16.47 32.43
N ILE A 717 -2.70 -15.88 32.16
CA ILE A 717 -1.44 -16.63 32.22
C ILE A 717 -1.24 -17.18 33.63
N ASN A 718 -1.58 -16.39 34.65
CA ASN A 718 -1.37 -16.81 36.02
C ASN A 718 -2.38 -17.86 36.46
N SER A 719 -3.57 -17.85 35.88
CA SER A 719 -4.62 -18.75 36.31
C SER A 719 -4.31 -20.19 35.92
N GLU A 720 -5.05 -21.12 36.51
CA GLU A 720 -4.94 -22.52 36.16
C GLU A 720 -5.85 -22.78 34.97
N THR B 1085 47.23 -11.71 -12.70
CA THR B 1085 47.12 -10.49 -13.49
C THR B 1085 46.34 -9.42 -12.72
N THR B 1086 45.01 -9.50 -12.78
CA THR B 1086 44.14 -8.56 -12.10
C THR B 1086 43.17 -9.34 -11.21
N GLN B 1087 43.05 -8.89 -9.95
CA GLN B 1087 42.18 -9.54 -8.98
C GLN B 1087 41.55 -8.45 -8.13
N TYR B 1088 40.24 -8.54 -7.93
CA TYR B 1088 39.50 -7.52 -7.20
C TYR B 1088 38.89 -8.11 -5.94
N LEU B 1089 38.96 -7.34 -4.85
CA LEU B 1089 38.39 -7.73 -3.56
C LEU B 1089 37.36 -6.68 -3.17
N THR B 1090 36.09 -7.07 -3.13
CA THR B 1090 35.00 -6.16 -2.85
C THR B 1090 34.38 -6.49 -1.50
N LEU B 1091 33.95 -5.45 -0.78
CA LEU B 1091 33.37 -5.64 0.55
C LEU B 1091 32.53 -4.42 0.88
N GLY B 1092 31.27 -4.65 1.26
CA GLY B 1092 30.40 -3.58 1.68
C GLY B 1092 29.90 -2.74 0.51
N GLU B 1093 29.11 -1.73 0.86
CA GLU B 1093 28.54 -0.80 -0.11
C GLU B 1093 28.65 0.62 0.42
N ARG B 1094 28.92 1.56 -0.49
CA ARG B 1094 29.07 2.95 -0.10
C ARG B 1094 27.79 3.47 0.55
N GLN B 1095 27.95 4.29 1.57
CA GLN B 1095 26.84 4.95 2.25
C GLN B 1095 26.59 6.29 1.58
N LYS B 1096 25.38 6.47 1.05
CA LYS B 1096 25.01 7.69 0.36
C LYS B 1096 24.53 8.77 1.30
N ASN B 1097 24.60 8.56 2.61
CA ASN B 1097 24.24 9.59 3.56
C ASN B 1097 25.25 10.73 3.51
N VAL B 1098 24.74 11.96 3.39
CA VAL B 1098 25.58 13.16 3.34
C VAL B 1098 25.10 14.11 4.42
N ASP B 1099 26.04 14.60 5.23
CA ASP B 1099 25.72 15.54 6.30
C ASP B 1099 25.87 16.96 5.77
N VAL B 1100 24.74 17.64 5.55
CA VAL B 1100 24.76 18.98 4.95
C VAL B 1100 25.18 20.05 5.94
N SER B 1101 25.42 19.70 7.21
CA SER B 1101 25.89 20.71 8.17
C SER B 1101 27.26 21.22 7.78
N MET B 1102 28.15 20.34 7.34
CA MET B 1102 29.49 20.74 6.93
C MET B 1102 29.45 21.40 5.55
N GLN B 1103 30.45 22.23 5.29
CA GLN B 1103 30.52 22.93 4.01
C GLN B 1103 30.66 21.94 2.86
N ALA B 1104 30.22 22.37 1.68
CA ALA B 1104 30.27 21.52 0.51
C ALA B 1104 31.71 21.26 0.08
N SER B 1105 31.93 20.09 -0.53
CA SER B 1105 33.25 19.70 -0.99
C SER B 1105 33.11 18.81 -2.21
N SER B 1106 34.12 18.87 -3.09
CA SER B 1106 34.12 18.03 -4.28
C SER B 1106 34.24 16.56 -3.94
N GLY B 1107 34.82 16.24 -2.77
CA GLY B 1107 34.89 14.86 -2.36
C GLY B 1107 33.54 14.19 -2.33
N GLU B 1108 32.48 14.95 -2.04
CA GLU B 1108 31.14 14.38 -2.06
C GLU B 1108 30.75 13.90 -3.45
N LEU B 1109 30.95 14.74 -4.47
CA LEU B 1109 30.66 14.32 -5.83
C LEU B 1109 31.53 13.12 -6.22
N SER B 1110 32.81 13.13 -5.86
CA SER B 1110 33.65 12.00 -6.21
C SER B 1110 33.14 10.72 -5.55
N TYR B 1111 32.72 10.81 -4.29
CA TYR B 1111 32.34 9.61 -3.54
C TYR B 1111 30.99 9.07 -3.99
N LEU B 1112 30.01 9.95 -4.19
CA LEU B 1112 28.66 9.48 -4.47
C LEU B 1112 28.52 8.88 -5.87
N ARG B 1113 29.50 9.09 -6.74
CA ARG B 1113 29.50 8.50 -8.07
C ARG B 1113 30.40 7.28 -8.17
N GLY B 1114 30.89 6.77 -7.05
CA GLY B 1114 31.71 5.57 -7.07
C GLY B 1114 33.06 5.75 -7.74
N ASP B 1115 33.76 6.85 -7.46
CA ASP B 1115 35.09 7.07 -7.99
C ASP B 1115 36.14 6.43 -7.07
N LYS B 1116 37.34 6.24 -7.62
CA LYS B 1116 38.43 5.69 -6.83
C LYS B 1116 38.99 6.75 -5.89
N GLY B 1117 39.11 6.40 -4.62
CA GLY B 1117 39.62 7.33 -3.64
C GLY B 1117 39.57 6.74 -2.25
N ILE B 1118 39.96 7.55 -1.28
CA ILE B 1118 40.09 7.14 0.11
C ILE B 1118 39.28 8.10 0.97
N GLY B 1119 38.20 7.61 1.56
CA GLY B 1119 37.41 8.43 2.46
C GLY B 1119 35.92 8.16 2.37
N ASN B 1120 35.15 8.77 3.26
CA ASN B 1120 33.70 8.64 3.27
C ASN B 1120 33.08 9.82 2.54
N ALA B 1121 31.75 9.94 2.64
CA ALA B 1121 31.05 10.99 1.92
C ALA B 1121 31.49 12.38 2.38
N ASN B 1122 31.67 12.56 3.69
CA ASN B 1122 31.97 13.88 4.22
C ASN B 1122 33.43 14.28 4.03
N SER B 1123 34.31 13.33 3.70
CA SER B 1123 35.71 13.64 3.44
C SER B 1123 36.25 12.56 2.52
N PHE B 1124 36.37 12.89 1.23
CA PHE B 1124 36.80 11.95 0.21
C PHE B 1124 37.92 12.57 -0.61
N VAL B 1125 39.00 11.84 -0.78
CA VAL B 1125 40.12 12.27 -1.62
C VAL B 1125 39.87 11.71 -3.03
N PRO B 1126 39.79 12.57 -4.06
CA PRO B 1126 39.41 12.07 -5.38
C PRO B 1126 40.40 11.11 -6.00
N ARG B 1127 41.65 11.11 -5.57
CA ARG B 1127 42.67 10.27 -6.16
C ARG B 1127 42.97 10.69 -7.60
N THR C 1085 16.53 -17.69 -44.22
CA THR C 1085 15.24 -18.37 -44.17
C THR C 1085 14.15 -17.38 -43.75
N THR C 1086 14.05 -17.12 -42.45
CA THR C 1086 13.05 -16.21 -41.90
C THR C 1086 13.74 -15.22 -40.98
N GLN C 1087 13.38 -13.94 -41.12
CA GLN C 1087 13.94 -12.86 -40.33
C GLN C 1087 12.79 -11.99 -39.84
N TYR C 1088 12.88 -11.54 -38.60
CA TYR C 1088 11.83 -10.75 -37.97
C TYR C 1088 12.39 -9.42 -37.46
N LEU C 1089 11.64 -8.35 -37.72
CA LEU C 1089 11.97 -7.03 -37.22
C LEU C 1089 10.81 -6.57 -36.34
N THR C 1090 11.11 -6.14 -35.12
CA THR C 1090 10.10 -5.86 -34.12
C THR C 1090 10.29 -4.45 -33.59
N LEU C 1091 9.18 -3.83 -33.18
CA LEU C 1091 9.22 -2.47 -32.65
C LEU C 1091 7.88 -2.15 -31.99
N GLY C 1092 7.94 -1.53 -30.82
CA GLY C 1092 6.75 -1.06 -30.16
C GLY C 1092 5.94 -2.16 -29.51
N GLU C 1093 4.77 -1.76 -28.99
CA GLU C 1093 3.85 -2.67 -28.33
C GLU C 1093 2.43 -2.24 -28.64
N ARG C 1094 1.56 -3.22 -28.86
CA ARG C 1094 0.17 -2.92 -29.20
C ARG C 1094 -0.50 -2.13 -28.09
N GLN C 1095 -1.36 -1.19 -28.48
CA GLN C 1095 -2.07 -0.34 -27.53
C GLN C 1095 -3.45 -0.93 -27.29
N LYS C 1096 -3.74 -1.23 -26.03
CA LYS C 1096 -4.98 -1.89 -25.66
C LYS C 1096 -6.11 -0.92 -25.37
N ASN C 1097 -5.90 0.37 -25.57
CA ASN C 1097 -6.97 1.34 -25.38
C ASN C 1097 -8.02 1.20 -26.46
N VAL C 1098 -9.28 1.14 -26.06
CA VAL C 1098 -10.41 0.98 -26.97
C VAL C 1098 -11.39 2.11 -26.73
N ASP C 1099 -11.84 2.76 -27.81
CA ASP C 1099 -12.81 3.84 -27.72
C ASP C 1099 -14.21 3.27 -27.91
N VAL C 1100 -14.96 3.14 -26.82
CA VAL C 1100 -16.29 2.55 -26.89
C VAL C 1100 -17.33 3.49 -27.46
N SER C 1101 -16.96 4.73 -27.77
CA SER C 1101 -17.92 5.64 -28.37
C SER C 1101 -18.33 5.19 -29.77
N MET C 1102 -17.40 4.61 -30.52
CA MET C 1102 -17.68 4.09 -31.84
C MET C 1102 -18.21 2.66 -31.75
N GLN C 1103 -18.97 2.26 -32.77
CA GLN C 1103 -19.61 0.96 -32.75
C GLN C 1103 -18.56 -0.16 -32.70
N ALA C 1104 -19.00 -1.32 -32.19
CA ALA C 1104 -18.10 -2.44 -32.03
C ALA C 1104 -17.77 -3.06 -33.39
N SER C 1105 -16.61 -3.72 -33.44
CA SER C 1105 -16.13 -4.32 -34.67
C SER C 1105 -15.28 -5.55 -34.35
N SER C 1106 -15.17 -6.46 -35.31
CA SER C 1106 -14.32 -7.62 -35.17
C SER C 1106 -12.85 -7.25 -35.16
N GLY C 1107 -12.49 -6.12 -35.77
CA GLY C 1107 -11.11 -5.67 -35.73
C GLY C 1107 -10.59 -5.53 -34.32
N GLU C 1108 -11.46 -5.16 -33.38
CA GLU C 1108 -11.03 -5.07 -31.99
C GLU C 1108 -10.61 -6.42 -31.44
N LEU C 1109 -11.41 -7.46 -31.69
CA LEU C 1109 -11.00 -8.80 -31.25
C LEU C 1109 -9.70 -9.23 -31.91
N SER C 1110 -9.57 -8.99 -33.22
CA SER C 1110 -8.34 -9.37 -33.89
C SER C 1110 -7.14 -8.65 -33.30
N TYR C 1111 -7.29 -7.35 -33.01
CA TYR C 1111 -6.16 -6.54 -32.57
C TYR C 1111 -5.81 -6.85 -31.11
N LEU C 1112 -6.81 -7.18 -30.30
CA LEU C 1112 -6.58 -7.36 -28.86
C LEU C 1112 -6.06 -8.75 -28.52
N ARG C 1113 -6.05 -9.68 -29.47
CA ARG C 1113 -5.56 -11.03 -29.24
C ARG C 1113 -4.24 -11.29 -29.94
N GLY C 1114 -3.61 -10.27 -30.51
CA GLY C 1114 -2.32 -10.44 -31.15
C GLY C 1114 -2.38 -11.07 -32.53
N ASP C 1115 -3.42 -10.78 -33.30
CA ASP C 1115 -3.50 -11.29 -34.66
C ASP C 1115 -2.65 -10.44 -35.60
N LYS C 1116 -2.30 -11.02 -36.74
CA LYS C 1116 -1.48 -10.34 -37.72
C LYS C 1116 -2.37 -9.54 -38.66
N GLY C 1117 -2.19 -8.23 -38.68
CA GLY C 1117 -3.01 -7.37 -39.52
C GLY C 1117 -2.57 -5.93 -39.44
N ILE C 1118 -3.25 -5.10 -40.23
CA ILE C 1118 -2.88 -3.70 -40.43
C ILE C 1118 -4.00 -2.85 -39.85
N GLY C 1119 -3.69 -2.09 -38.82
CA GLY C 1119 -4.64 -1.13 -38.28
C GLY C 1119 -4.41 -0.91 -36.80
N ASN C 1120 -5.30 -0.11 -36.22
CA ASN C 1120 -5.29 0.26 -34.82
C ASN C 1120 -6.41 -0.50 -34.12
N ALA C 1121 -6.52 -0.30 -32.80
CA ALA C 1121 -7.56 -0.98 -32.04
C ALA C 1121 -8.95 -0.60 -32.52
N ASN C 1122 -9.17 0.68 -32.82
CA ASN C 1122 -10.48 1.13 -33.26
C ASN C 1122 -10.76 0.81 -34.72
N SER C 1123 -9.75 0.40 -35.48
CA SER C 1123 -9.97 -0.01 -36.87
C SER C 1123 -8.83 -0.95 -37.25
N PHE C 1124 -9.10 -2.25 -37.27
CA PHE C 1124 -8.09 -3.26 -37.54
C PHE C 1124 -8.55 -4.17 -38.67
N VAL C 1125 -7.66 -4.43 -39.62
CA VAL C 1125 -7.90 -5.37 -40.71
C VAL C 1125 -7.08 -6.62 -40.42
N PRO C 1126 -7.69 -7.78 -40.23
CA PRO C 1126 -6.93 -8.95 -39.75
C PRO C 1126 -6.30 -9.82 -40.82
N ARG C 1127 -6.25 -9.39 -42.08
CA ARG C 1127 -5.71 -10.22 -43.15
C ARG C 1127 -6.54 -11.49 -43.31
N THR D 1085 18.58 -45.61 -10.64
CA THR D 1085 19.26 -45.49 -9.35
C THR D 1085 18.35 -44.81 -8.34
N THR D 1086 18.24 -43.48 -8.44
CA THR D 1086 17.39 -42.70 -7.54
C THR D 1086 16.44 -41.86 -8.38
N GLN D 1087 15.15 -41.95 -8.05
CA GLN D 1087 14.10 -41.22 -8.76
C GLN D 1087 13.14 -40.67 -7.71
N TYR D 1088 12.66 -39.44 -7.94
CA TYR D 1088 11.79 -38.77 -7.00
C TYR D 1088 10.57 -38.21 -7.72
N LEU D 1089 9.40 -38.49 -7.16
CA LEU D 1089 8.13 -37.96 -7.66
C LEU D 1089 7.54 -37.06 -6.60
N THR D 1090 7.17 -35.85 -7.00
CA THR D 1090 6.68 -34.83 -6.08
C THR D 1090 5.26 -34.43 -6.46
N LEU D 1091 4.53 -33.88 -5.49
CA LEU D 1091 3.17 -33.41 -5.74
C LEU D 1091 2.72 -32.55 -4.56
N GLY D 1092 2.22 -31.36 -4.87
CA GLY D 1092 1.66 -30.50 -3.85
C GLY D 1092 2.72 -29.88 -2.95
N GLU D 1093 2.25 -29.23 -1.89
CA GLU D 1093 3.10 -28.59 -0.91
C GLU D 1093 2.54 -28.83 0.49
N ARG D 1094 3.44 -28.88 1.46
CA ARG D 1094 3.04 -29.11 2.84
C ARG D 1094 2.15 -27.97 3.31
N GLN D 1095 1.12 -28.31 4.09
CA GLN D 1095 0.17 -27.34 4.61
C GLN D 1095 0.59 -26.92 6.01
N LYS D 1096 0.87 -25.63 6.19
CA LYS D 1096 1.42 -25.13 7.44
C LYS D 1096 0.36 -24.72 8.44
N ASN D 1097 -0.92 -24.90 8.12
CA ASN D 1097 -1.97 -24.60 9.08
C ASN D 1097 -1.95 -25.61 10.21
N VAL D 1098 -2.02 -25.11 11.44
CA VAL D 1098 -1.99 -25.95 12.64
C VAL D 1098 -3.22 -25.63 13.47
N ASP D 1099 -3.91 -26.67 13.93
CA ASP D 1099 -5.09 -26.51 14.78
C ASP D 1099 -4.64 -26.60 16.22
N VAL D 1100 -4.57 -25.46 16.90
CA VAL D 1100 -4.09 -25.43 18.29
C VAL D 1100 -5.13 -25.92 19.28
N SER D 1101 -6.34 -26.24 18.83
CA SER D 1101 -7.33 -26.79 19.74
C SER D 1101 -6.90 -28.15 20.27
N MET D 1102 -6.16 -28.92 19.48
CA MET D 1102 -5.68 -30.21 19.89
C MET D 1102 -4.38 -30.06 20.68
N GLN D 1103 -4.08 -31.05 21.51
CA GLN D 1103 -2.88 -31.00 22.32
C GLN D 1103 -1.63 -31.05 21.43
N ALA D 1104 -0.56 -30.45 21.93
CA ALA D 1104 0.68 -30.37 21.16
C ALA D 1104 1.29 -31.76 20.96
N SER D 1105 2.05 -31.89 19.89
CA SER D 1105 2.69 -33.16 19.57
C SER D 1105 3.94 -32.90 18.72
N SER D 1106 4.91 -33.80 18.84
CA SER D 1106 6.15 -33.68 18.07
C SER D 1106 5.90 -33.82 16.58
N GLY D 1107 4.81 -34.47 16.18
CA GLY D 1107 4.50 -34.56 14.77
C GLY D 1107 4.39 -33.21 14.10
N GLU D 1108 3.96 -32.19 14.85
CA GLU D 1108 3.89 -30.85 14.28
C GLU D 1108 5.28 -30.33 13.94
N LEU D 1109 6.25 -30.52 14.85
CA LEU D 1109 7.62 -30.09 14.55
C LEU D 1109 8.17 -30.86 13.36
N SER D 1110 7.93 -32.18 13.32
CA SER D 1110 8.43 -32.97 12.21
C SER D 1110 7.84 -32.49 10.88
N TYR D 1111 6.53 -32.24 10.86
CA TYR D 1111 5.87 -31.81 9.63
C TYR D 1111 6.31 -30.43 9.20
N LEU D 1112 6.40 -29.49 10.14
CA LEU D 1112 6.66 -28.10 9.79
C LEU D 1112 8.08 -27.87 9.29
N ARG D 1113 9.03 -28.73 9.68
CA ARG D 1113 10.41 -28.59 9.24
C ARG D 1113 10.75 -29.46 8.04
N GLY D 1114 9.77 -30.15 7.47
CA GLY D 1114 10.02 -30.94 6.29
C GLY D 1114 10.69 -32.27 6.55
N ASP D 1115 10.44 -32.88 7.70
CA ASP D 1115 10.97 -34.20 7.98
C ASP D 1115 10.25 -35.25 7.14
N LYS D 1116 10.93 -36.36 6.89
CA LYS D 1116 10.39 -37.42 6.04
C LYS D 1116 9.50 -38.32 6.88
N GLY D 1117 8.19 -38.22 6.66
CA GLY D 1117 7.24 -39.01 7.42
C GLY D 1117 5.88 -38.99 6.77
N ILE D 1118 4.94 -39.71 7.39
CA ILE D 1118 3.60 -39.90 6.85
C ILE D 1118 2.60 -39.33 7.84
N GLY D 1119 1.80 -38.39 7.40
CA GLY D 1119 0.75 -37.83 8.23
C GLY D 1119 0.55 -36.36 7.95
N ASN D 1120 -0.45 -35.80 8.62
CA ASN D 1120 -0.85 -34.41 8.47
C ASN D 1120 -0.13 -33.56 9.52
N ALA D 1121 -0.39 -32.26 9.48
CA ALA D 1121 0.19 -31.36 10.48
C ALA D 1121 -0.32 -31.69 11.88
N ASN D 1122 -1.58 -32.09 11.99
CA ASN D 1122 -2.16 -32.43 13.28
C ASN D 1122 -1.84 -33.86 13.71
N SER D 1123 -1.32 -34.70 12.81
CA SER D 1123 -0.93 -36.05 13.17
C SER D 1123 0.12 -36.50 12.17
N PHE D 1124 1.38 -36.53 12.61
CA PHE D 1124 2.51 -36.82 11.74
C PHE D 1124 3.40 -37.87 12.40
N VAL D 1125 3.74 -38.91 11.64
CA VAL D 1125 4.68 -39.94 12.08
C VAL D 1125 6.00 -39.68 11.39
N PRO D 1126 7.09 -39.40 12.11
CA PRO D 1126 8.33 -38.95 11.46
C PRO D 1126 9.24 -40.06 10.95
N ARG D 1127 8.97 -41.32 11.26
CA ARG D 1127 9.87 -42.41 10.91
C ARG D 1127 11.22 -42.23 11.60
N MET E 1 -41.35 -3.29 -5.10
CA MET E 1 -42.37 -2.97 -4.07
C MET E 1 -43.04 -4.24 -3.57
N LYS E 2 -43.44 -4.23 -2.30
CA LYS E 2 -44.17 -5.33 -1.69
C LYS E 2 -45.64 -4.96 -1.66
N LYS E 3 -46.42 -5.56 -2.54
CA LYS E 3 -47.85 -5.32 -2.52
C LYS E 3 -48.45 -5.83 -1.22
N ILE E 4 -49.40 -5.05 -0.69
CA ILE E 4 -50.12 -5.42 0.52
C ILE E 4 -51.58 -5.64 0.16
N LEU E 5 -52.26 -6.42 0.99
CA LEU E 5 -53.66 -6.73 0.73
C LEU E 5 -54.45 -5.45 0.47
N ASP E 6 -55.47 -5.57 -0.37
CA ASP E 6 -56.28 -4.39 -0.70
C ASP E 6 -56.97 -3.83 0.53
N SER E 7 -57.47 -4.70 1.40
CA SER E 7 -58.10 -4.23 2.63
C SER E 7 -57.12 -3.42 3.47
N ALA E 8 -55.84 -3.80 3.46
CA ALA E 8 -54.84 -3.03 4.18
C ALA E 8 -54.75 -1.61 3.64
N LYS E 9 -54.69 -1.47 2.31
CA LYS E 9 -54.63 -0.14 1.73
C LYS E 9 -55.88 0.67 2.07
N ASN E 10 -57.04 0.02 2.01
CA ASN E 10 -58.29 0.74 2.32
C ASN E 10 -58.28 1.23 3.77
N TYR E 11 -57.86 0.38 4.70
CA TYR E 11 -57.80 0.79 6.10
C TYR E 11 -56.79 1.91 6.30
N LEU E 12 -55.62 1.81 5.66
CA LEU E 12 -54.60 2.83 5.84
C LEU E 12 -55.07 4.18 5.30
N ASN E 13 -55.72 4.17 4.14
CA ASN E 13 -56.23 5.43 3.59
C ASN E 13 -57.33 5.99 4.46
N THR E 14 -58.28 5.15 4.88
CA THR E 14 -59.47 5.65 5.57
C THR E 14 -59.16 6.11 6.98
N HIS E 15 -58.38 5.31 7.72
CA HIS E 15 -58.18 5.55 9.15
C HIS E 15 -56.96 6.45 9.36
N ASP E 16 -57.14 7.51 10.14
CA ASP E 16 -56.08 8.46 10.44
C ASP E 16 -55.37 8.20 11.75
N LYS E 17 -55.89 7.28 12.58
CA LYS E 17 -55.28 6.93 13.85
C LYS E 17 -54.97 5.44 13.82
N LEU E 18 -53.70 5.10 13.63
CA LEU E 18 -53.27 3.71 13.55
C LEU E 18 -52.60 3.32 14.85
N LYS E 19 -53.08 2.23 15.45
CA LYS E 19 -52.55 1.75 16.72
C LYS E 19 -51.53 0.65 16.47
N THR E 20 -50.41 1.05 15.86
CA THR E 20 -49.36 0.11 15.51
C THR E 20 -48.76 -0.51 16.77
N ALA E 21 -48.40 -1.78 16.67
CA ALA E 21 -47.68 -2.48 17.73
C ALA E 21 -46.57 -3.30 17.10
N CYS E 22 -45.41 -3.32 17.74
CA CYS E 22 -44.27 -4.08 17.28
C CYS E 22 -44.16 -5.35 18.12
N LEU E 23 -44.20 -6.50 17.46
CA LEU E 23 -44.12 -7.80 18.13
C LEU E 23 -42.71 -8.34 17.98
N ILE E 24 -42.06 -8.60 19.12
CA ILE E 24 -40.67 -9.04 19.15
C ILE E 24 -40.65 -10.48 19.63
N ALA E 25 -40.03 -11.36 18.84
CA ALA E 25 -39.82 -12.75 19.21
C ALA E 25 -38.32 -12.98 19.31
N LEU E 26 -37.83 -13.22 20.51
CA LEU E 26 -36.40 -13.31 20.78
C LEU E 26 -36.04 -14.72 21.25
N GLU E 27 -34.88 -15.20 20.82
CA GLU E 27 -34.44 -16.57 21.09
C GLU E 27 -33.51 -16.57 22.30
N LEU E 28 -33.91 -17.27 23.34
CA LEU E 28 -33.07 -17.38 24.54
C LEU E 28 -32.06 -18.50 24.35
N PRO E 29 -30.80 -18.32 24.74
CA PRO E 29 -29.87 -19.44 24.75
C PRO E 29 -30.28 -20.46 25.79
N SER E 30 -30.04 -21.74 25.48
CA SER E 30 -30.43 -22.80 26.39
C SER E 30 -29.91 -24.12 25.87
N SER E 31 -29.77 -25.09 26.79
CA SER E 31 -29.46 -26.44 26.41
C SER E 31 -30.67 -27.09 25.73
N SER E 32 -30.44 -28.24 25.12
CA SER E 32 -31.47 -28.93 24.35
C SER E 32 -32.00 -28.03 23.23
N GLY E 33 -31.09 -27.74 22.29
CA GLY E 33 -31.37 -26.76 21.26
C GLY E 33 -32.67 -27.03 20.52
N SER E 34 -33.00 -28.29 20.27
CA SER E 34 -34.31 -28.60 19.71
C SER E 34 -35.42 -27.99 20.55
N ALA E 35 -35.25 -28.00 21.87
CA ALA E 35 -36.13 -27.25 22.77
C ALA E 35 -35.62 -25.82 22.89
N ALA E 36 -35.88 -25.05 21.82
CA ALA E 36 -35.45 -23.66 21.75
C ALA E 36 -36.55 -22.78 22.32
N THR E 37 -36.28 -22.14 23.45
CA THR E 37 -37.26 -21.32 24.15
C THR E 37 -37.18 -19.89 23.63
N TYR E 38 -38.34 -19.28 23.42
CA TYR E 38 -38.45 -17.92 22.90
C TYR E 38 -39.11 -17.03 23.93
N ILE E 39 -38.64 -15.79 24.02
CA ILE E 39 -39.27 -14.78 24.87
C ILE E 39 -39.87 -13.72 23.97
N TYR E 40 -41.17 -13.51 24.11
CA TYR E 40 -41.94 -12.62 23.24
C TYR E 40 -42.24 -11.32 23.97
N LEU E 41 -42.13 -10.20 23.25
CA LEU E 41 -42.31 -8.88 23.84
C LEU E 41 -43.01 -7.98 22.84
N THR E 42 -43.62 -6.92 23.37
CA THR E 42 -44.27 -5.92 22.52
C THR E 42 -44.38 -4.62 23.29
N ASP E 43 -44.35 -3.51 22.57
CA ASP E 43 -44.45 -2.18 23.18
C ASP E 43 -45.89 -1.67 23.23
N TYR E 44 -46.86 -2.48 22.79
CA TYR E 44 -48.25 -2.12 22.96
C TYR E 44 -48.62 -2.12 24.43
N PHE E 45 -49.65 -1.35 24.79
CA PHE E 45 -50.02 -1.22 26.19
C PHE E 45 -50.66 -2.47 26.76
N ARG E 46 -51.06 -3.43 25.92
CA ARG E 46 -51.66 -4.67 26.37
C ARG E 46 -51.06 -5.84 25.61
N ASP E 47 -51.10 -7.00 26.24
CA ASP E 47 -50.56 -8.20 25.62
C ASP E 47 -51.32 -8.52 24.34
N VAL E 48 -50.58 -8.86 23.29
CA VAL E 48 -51.14 -9.13 21.98
C VAL E 48 -50.97 -10.62 21.68
N THR E 49 -52.09 -11.29 21.41
CA THR E 49 -52.09 -12.70 21.04
C THR E 49 -52.12 -12.81 19.52
N TYR E 50 -51.11 -13.43 18.94
CA TYR E 50 -50.95 -13.50 17.49
C TYR E 50 -50.54 -14.92 17.12
N ASN E 51 -51.48 -15.66 16.53
CA ASN E 51 -51.23 -17.04 16.09
C ASN E 51 -50.84 -17.93 17.27
N GLY E 52 -51.58 -17.80 18.36
CA GLY E 52 -51.36 -18.63 19.52
C GLY E 52 -50.13 -18.30 20.32
N ILE E 53 -49.47 -17.18 20.02
CA ILE E 53 -48.28 -16.74 20.75
C ILE E 53 -48.64 -15.44 21.45
N LEU E 54 -48.51 -15.41 22.77
CA LEU E 54 -48.87 -14.24 23.56
C LEU E 54 -47.65 -13.36 23.74
N TYR E 55 -47.69 -12.17 23.19
CA TYR E 55 -46.58 -11.22 23.27
C TYR E 55 -46.81 -10.31 24.46
N ARG E 56 -46.07 -10.54 25.54
CA ARG E 56 -46.27 -9.78 26.77
C ARG E 56 -45.93 -8.31 26.56
N SER E 57 -46.74 -7.44 27.15
CA SER E 57 -46.51 -6.00 27.05
C SER E 57 -45.46 -5.55 28.05
N GLY E 58 -44.86 -4.41 27.78
CA GLY E 58 -43.85 -3.86 28.64
C GLY E 58 -42.46 -4.32 28.27
N LYS E 59 -41.48 -3.76 28.97
CA LYS E 59 -40.08 -4.15 28.84
C LYS E 59 -39.45 -3.66 27.54
N VAL E 60 -40.24 -3.08 26.64
CA VAL E 60 -39.73 -2.58 25.36
C VAL E 60 -40.01 -1.08 25.32
N LYS E 61 -38.95 -0.28 25.42
CA LYS E 61 -39.09 1.16 25.48
C LYS E 61 -39.05 1.80 24.10
N SER E 62 -38.16 1.33 23.22
CA SER E 62 -38.00 1.96 21.93
C SER E 62 -37.38 0.96 20.96
N ILE E 63 -37.50 1.27 19.68
CA ILE E 63 -36.92 0.47 18.60
C ILE E 63 -36.34 1.43 17.58
N SER E 64 -35.14 1.13 17.09
CA SER E 64 -34.49 1.97 16.10
C SER E 64 -35.15 1.76 14.74
N SER E 65 -34.59 2.37 13.71
CA SER E 65 -35.17 2.35 12.37
C SER E 65 -34.34 1.47 11.44
N HIS E 66 -35.02 0.57 10.74
CA HIS E 66 -34.37 -0.29 9.76
C HIS E 66 -34.06 0.51 8.51
N LYS E 67 -32.86 0.34 7.96
CA LYS E 67 -32.41 1.09 6.81
C LYS E 67 -31.73 0.16 5.81
N GLN E 68 -31.96 0.39 4.53
CA GLN E 68 -31.35 -0.40 3.47
C GLN E 68 -31.16 0.45 2.24
N ASN E 69 -30.27 0.01 1.37
CA ASN E 69 -29.95 0.74 0.13
C ASN E 69 -29.59 -0.28 -0.94
N ARG E 70 -29.13 0.21 -2.09
CA ARG E 70 -28.89 -0.65 -3.23
C ARG E 70 -27.56 -1.38 -3.17
N GLN E 71 -26.72 -1.09 -2.20
CA GLN E 71 -25.44 -1.77 -2.02
C GLN E 71 -25.54 -2.74 -0.86
N LEU E 72 -25.14 -3.99 -1.09
CA LEU E 72 -25.29 -5.03 -0.09
C LEU E 72 -24.40 -4.74 1.12
N SER E 73 -25.02 -4.67 2.29
CA SER E 73 -24.28 -4.44 3.53
C SER E 73 -25.13 -4.94 4.69
N ILE E 74 -24.46 -5.23 5.80
CA ILE E 74 -25.11 -5.83 6.97
C ILE E 74 -25.80 -4.70 7.74
N GLY E 75 -27.10 -4.53 7.50
CA GLY E 75 -27.85 -3.55 8.24
C GLY E 75 -27.90 -3.86 9.73
N SER E 76 -28.06 -2.81 10.52
CA SER E 76 -28.02 -2.92 11.97
C SER E 76 -29.24 -2.24 12.58
N LEU E 77 -29.81 -2.89 13.60
CA LEU E 77 -30.93 -2.36 14.35
C LEU E 77 -30.67 -2.54 15.83
N SER E 78 -31.01 -1.53 16.62
CA SER E 78 -30.85 -1.56 18.06
C SER E 78 -32.16 -1.19 18.72
N PHE E 79 -32.59 -1.99 19.69
CA PHE E 79 -33.79 -1.73 20.45
C PHE E 79 -33.47 -1.77 21.95
N THR E 80 -34.21 -0.98 22.72
CA THR E 80 -33.92 -0.79 24.13
C THR E 80 -34.90 -1.57 25.00
N ILE E 81 -34.44 -1.92 26.19
CA ILE E 81 -35.23 -2.63 27.19
C ILE E 81 -35.16 -1.85 28.49
N THR E 82 -36.28 -1.77 29.21
CA THR E 82 -36.28 -1.05 30.47
C THR E 82 -35.29 -1.68 31.43
N GLY E 83 -34.38 -0.86 31.96
CA GLY E 83 -33.35 -1.37 32.83
C GLY E 83 -33.78 -1.56 34.27
N THR E 84 -35.00 -1.15 34.61
CA THR E 84 -35.50 -1.34 35.96
C THR E 84 -36.08 -2.74 36.17
N ALA E 85 -36.32 -3.49 35.09
CA ALA E 85 -36.78 -4.86 35.23
C ALA E 85 -35.63 -5.75 35.68
N GLU E 86 -35.92 -6.63 36.64
CA GLU E 86 -34.87 -7.48 37.19
C GLU E 86 -34.45 -8.58 36.22
N ASP E 87 -35.43 -9.22 35.57
CA ASP E 87 -35.10 -10.31 34.66
C ASP E 87 -34.17 -9.84 33.55
N GLU E 88 -34.49 -8.70 32.94
CA GLU E 88 -33.71 -8.24 31.80
C GLU E 88 -32.31 -7.79 32.23
N VAL E 89 -32.20 -7.10 33.37
CA VAL E 89 -30.88 -6.66 33.82
C VAL E 89 -30.01 -7.87 34.14
N LEU E 90 -30.55 -8.86 34.85
CA LEU E 90 -29.78 -10.07 35.09
C LEU E 90 -29.38 -10.75 33.79
N LYS E 91 -30.32 -10.89 32.86
CA LYS E 91 -30.00 -11.58 31.61
C LYS E 91 -28.87 -10.87 30.88
N LEU E 92 -28.97 -9.55 30.71
CA LEU E 92 -27.93 -8.83 29.99
C LEU E 92 -26.60 -8.91 30.72
N VAL E 93 -26.60 -8.74 32.04
CA VAL E 93 -25.34 -8.62 32.76
C VAL E 93 -24.63 -9.97 32.84
N GLN E 94 -25.34 -11.01 33.25
CA GLN E 94 -24.71 -12.30 33.50
C GLN E 94 -24.84 -13.29 32.36
N ASN E 95 -25.51 -12.91 31.26
CA ASN E 95 -25.61 -13.78 30.10
C ASN E 95 -25.55 -12.99 28.79
N GLY E 96 -25.24 -11.69 28.84
CA GLY E 96 -25.29 -10.87 27.63
C GLY E 96 -24.33 -11.31 26.55
N VAL E 97 -23.37 -12.17 26.88
CA VAL E 97 -22.44 -12.67 25.88
C VAL E 97 -22.95 -13.96 25.25
N SER E 98 -23.62 -14.81 26.01
CA SER E 98 -24.22 -16.01 25.46
C SER E 98 -25.37 -15.72 24.52
N PHE E 99 -25.89 -14.49 24.52
CA PHE E 99 -26.97 -14.10 23.62
C PHE E 99 -26.50 -13.82 22.20
N LEU E 100 -25.19 -13.79 21.97
CA LEU E 100 -24.69 -13.44 20.65
C LEU E 100 -25.17 -14.45 19.61
N ASP E 101 -25.45 -13.95 18.40
CA ASP E 101 -25.87 -14.80 17.28
C ASP E 101 -27.12 -15.60 17.63
N ARG E 102 -28.10 -14.95 18.27
CA ARG E 102 -29.38 -15.56 18.57
C ARG E 102 -30.48 -14.80 17.85
N GLY E 103 -31.43 -15.54 17.29
CA GLY E 103 -32.39 -14.93 16.38
C GLY E 103 -33.34 -13.98 17.08
N ILE E 104 -33.75 -12.96 16.33
CA ILE E 104 -34.77 -12.01 16.75
C ILE E 104 -35.63 -11.68 15.54
N THR E 105 -36.94 -11.61 15.73
CA THR E 105 -37.90 -11.40 14.64
C THR E 105 -38.92 -10.35 15.08
N ILE E 106 -38.78 -9.14 14.57
CA ILE E 106 -39.66 -8.03 14.93
C ILE E 106 -40.72 -7.90 13.85
N HIS E 107 -41.99 -7.90 14.26
CA HIS E 107 -43.12 -7.76 13.35
C HIS E 107 -43.82 -6.44 13.61
N GLN E 108 -44.28 -5.79 12.54
CA GLN E 108 -45.04 -4.55 12.63
C GLN E 108 -46.52 -4.90 12.46
N ALA E 109 -47.33 -4.60 13.47
CA ALA E 109 -48.71 -5.03 13.52
C ALA E 109 -49.63 -3.82 13.74
N ILE E 110 -50.60 -3.66 12.85
CA ILE E 110 -51.65 -2.65 13.01
C ILE E 110 -52.84 -3.31 13.68
N ILE E 111 -53.36 -2.67 14.72
CA ILE E 111 -54.42 -3.24 15.56
C ILE E 111 -55.74 -2.61 15.14
N ASN E 112 -56.73 -3.45 14.86
CA ASN E 112 -58.05 -2.98 14.48
C ASN E 112 -58.69 -2.24 15.65
N GLU E 113 -59.88 -1.70 15.41
CA GLU E 113 -60.62 -1.05 16.49
C GLU E 113 -61.10 -2.05 17.52
N GLU E 114 -61.07 -3.34 17.21
CA GLU E 114 -61.50 -4.40 18.10
C GLU E 114 -60.34 -5.16 18.72
N GLY E 115 -59.11 -4.64 18.59
CA GLY E 115 -57.96 -5.28 19.16
C GLY E 115 -57.35 -6.39 18.33
N ASN E 116 -57.97 -6.74 17.20
CA ASN E 116 -57.40 -7.74 16.31
C ASN E 116 -56.33 -7.10 15.43
N ILE E 117 -55.51 -7.96 14.83
CA ILE E 117 -54.40 -7.51 14.00
C ILE E 117 -54.86 -7.46 12.56
N LEU E 118 -54.73 -6.30 11.94
CA LEU E 118 -55.14 -6.14 10.55
C LEU E 118 -54.22 -6.96 9.65
N PRO E 119 -54.77 -7.83 8.78
CA PRO E 119 -53.91 -8.68 7.93
C PRO E 119 -53.28 -7.94 6.76
N VAL E 120 -52.14 -7.31 7.01
CA VAL E 120 -51.48 -6.53 5.98
C VAL E 120 -50.80 -7.44 4.96
N ASP E 121 -49.97 -8.36 5.44
CA ASP E 121 -49.14 -9.17 4.55
C ASP E 121 -50.00 -10.15 3.78
N PRO E 122 -50.03 -10.10 2.44
CA PRO E 122 -50.85 -11.05 1.68
C PRO E 122 -50.35 -12.48 1.72
N ASP E 123 -49.07 -12.70 2.05
CA ASP E 123 -48.53 -14.05 2.01
C ASP E 123 -49.00 -14.88 3.19
N THR E 124 -49.35 -14.24 4.30
CA THR E 124 -49.79 -14.94 5.50
C THR E 124 -51.07 -14.37 6.08
N ASP E 125 -51.59 -13.27 5.53
CA ASP E 125 -52.73 -12.57 6.12
C ASP E 125 -52.42 -12.18 7.56
N GLY E 126 -51.18 -11.76 7.79
CA GLY E 126 -50.73 -11.37 9.10
C GLY E 126 -50.04 -10.03 9.08
N PRO E 127 -49.15 -9.79 10.05
CA PRO E 127 -48.40 -8.55 10.07
C PRO E 127 -47.35 -8.50 8.97
N LEU E 128 -46.76 -7.33 8.80
CA LEU E 128 -45.72 -7.09 7.82
C LEU E 128 -44.38 -7.13 8.53
N LEU E 129 -43.56 -8.14 8.22
CA LEU E 129 -42.31 -8.33 8.93
C LEU E 129 -41.45 -7.08 8.85
N PHE E 130 -40.94 -6.64 9.99
CA PHE E 130 -40.17 -5.40 10.09
C PHE E 130 -38.67 -5.64 10.16
N PHE E 131 -38.25 -6.72 10.82
CA PHE E 131 -36.83 -6.99 11.00
C PHE E 131 -36.64 -8.46 11.29
N ARG E 132 -35.44 -8.95 11.00
CA ARG E 132 -35.06 -10.31 11.36
C ARG E 132 -33.55 -10.41 11.36
N GLY E 133 -32.98 -11.04 12.37
CA GLY E 133 -31.55 -11.13 12.46
C GLY E 133 -31.10 -11.74 13.76
N ARG E 134 -29.83 -11.53 14.07
CA ARG E 134 -29.18 -12.14 15.22
C ARG E 134 -28.54 -11.06 16.08
N ILE E 135 -28.72 -11.18 17.40
CA ILE E 135 -28.11 -10.23 18.31
C ILE E 135 -26.59 -10.22 18.09
N THR E 136 -25.97 -9.06 18.30
CA THR E 136 -24.53 -8.93 18.16
C THR E 136 -23.90 -8.07 19.25
N GLY E 137 -24.63 -7.76 20.31
CA GLY E 137 -24.04 -6.93 21.35
C GLY E 137 -24.98 -6.76 22.51
N GLY E 138 -24.51 -5.99 23.49
CA GLY E 138 -25.29 -5.66 24.67
C GLY E 138 -24.96 -4.28 25.16
N GLY E 139 -25.31 -3.99 26.42
CA GLY E 139 -24.98 -2.71 27.02
C GLY E 139 -26.07 -2.19 27.93
N ILE E 140 -25.70 -1.78 29.13
CA ILE E 140 -26.62 -1.21 30.11
C ILE E 140 -25.97 0.02 30.72
N LYS E 141 -26.76 1.08 30.88
CA LYS E 141 -26.28 2.35 31.42
C LYS E 141 -27.11 2.71 32.63
N ASP E 142 -26.61 2.39 33.82
CA ASP E 142 -27.24 2.79 35.07
C ASP E 142 -26.69 4.16 35.46
N ASN E 143 -27.45 5.20 35.17
CA ASN E 143 -27.06 6.57 35.48
C ASN E 143 -27.83 7.02 36.71
N VAL E 144 -27.10 7.26 37.80
CA VAL E 144 -27.70 7.62 39.08
C VAL E 144 -27.22 9.02 39.44
N ASN E 145 -28.17 9.93 39.66
CA ASN E 145 -27.88 11.28 40.07
C ASN E 145 -28.58 11.56 41.39
N THR E 146 -27.82 12.04 42.37
CA THR E 146 -28.41 12.41 43.65
C THR E 146 -29.39 13.55 43.47
N SER E 147 -30.46 13.53 44.26
CA SER E 147 -31.51 14.54 44.19
C SER E 147 -32.12 14.61 42.79
N GLY E 148 -32.74 13.51 42.39
CA GLY E 148 -33.34 13.46 41.08
C GLY E 148 -33.88 12.08 40.78
N ILE E 149 -34.09 11.82 39.49
CA ILE E 149 -34.63 10.55 39.01
C ILE E 149 -33.55 9.85 38.20
N GLY E 150 -33.18 8.65 38.62
CA GLY E 150 -32.16 7.89 37.93
C GLY E 150 -32.66 7.36 36.61
N THR E 151 -31.78 6.62 35.93
CA THR E 151 -32.07 6.07 34.63
C THR E 151 -31.33 4.75 34.47
N SER E 152 -32.03 3.74 33.95
CA SER E 152 -31.46 2.43 33.70
C SER E 152 -32.01 1.92 32.38
N VAL E 153 -31.17 1.90 31.34
CA VAL E 153 -31.60 1.55 29.99
C VAL E 153 -30.74 0.39 29.50
N ILE E 154 -31.40 -0.65 29.00
CA ILE E 154 -30.72 -1.80 28.41
C ILE E 154 -30.83 -1.69 26.89
N THR E 155 -29.69 -1.76 26.21
CA THR E 155 -29.63 -1.61 24.77
C THR E 155 -29.15 -2.92 24.15
N TRP E 156 -29.91 -3.43 23.19
CA TRP E 156 -29.56 -4.64 22.46
C TRP E 156 -29.24 -4.26 21.01
N ASN E 157 -28.08 -4.69 20.54
CA ASN E 157 -27.63 -4.41 19.19
C ASN E 157 -27.86 -5.63 18.31
N CYS E 158 -28.37 -5.40 17.11
CA CYS E 158 -28.74 -6.49 16.20
C CYS E 158 -28.25 -6.16 14.80
N SER E 159 -28.14 -7.22 13.99
CA SER E 159 -27.81 -7.11 12.58
C SER E 159 -28.95 -7.72 11.76
N ASN E 160 -29.21 -7.14 10.59
CA ASN E 160 -30.38 -7.51 9.81
C ASN E 160 -30.16 -8.86 9.14
N GLN E 161 -31.08 -9.24 8.25
CA GLN E 161 -31.10 -10.61 7.74
C GLN E 161 -29.77 -11.01 7.09
N PHE E 162 -29.01 -10.03 6.59
CA PHE E 162 -27.79 -10.33 5.84
C PHE E 162 -26.62 -10.75 6.71
N TYR E 163 -26.77 -10.69 8.04
CA TYR E 163 -25.71 -11.22 8.90
C TYR E 163 -25.54 -12.72 8.72
N ASP E 164 -26.54 -13.40 8.17
CA ASP E 164 -26.41 -14.81 7.85
C ASP E 164 -25.49 -15.06 6.67
N PHE E 165 -25.08 -14.01 5.96
CA PHE E 165 -24.20 -14.14 4.81
C PHE E 165 -22.72 -14.08 5.18
N ASP E 166 -22.40 -13.85 6.45
CA ASP E 166 -21.00 -13.87 6.87
C ASP E 166 -20.44 -15.28 6.93
N ARG E 167 -21.30 -16.29 6.89
CA ARG E 167 -20.86 -17.67 6.95
C ARG E 167 -20.04 -18.02 5.71
N VAL E 168 -19.04 -18.88 5.89
CA VAL E 168 -18.35 -19.50 4.77
C VAL E 168 -18.82 -20.95 4.70
N ASN E 169 -19.54 -21.28 3.63
CA ASN E 169 -20.21 -22.57 3.51
C ASN E 169 -19.70 -23.23 2.23
N GLY E 170 -18.61 -23.99 2.37
CA GLY E 170 -18.01 -24.64 1.22
C GLY E 170 -17.46 -26.00 1.56
N ARG E 171 -17.78 -27.01 0.75
CA ARG E 171 -17.29 -28.35 1.00
C ARG E 171 -15.77 -28.34 1.07
N TYR E 172 -15.23 -29.02 2.07
CA TYR E 172 -13.80 -28.99 2.38
C TYR E 172 -13.28 -30.41 2.24
N THR E 173 -12.18 -30.58 1.50
CA THR E 173 -11.78 -31.91 1.07
C THR E 173 -11.40 -32.83 2.22
N ASP E 174 -11.17 -32.29 3.41
CA ASP E 174 -10.78 -33.14 4.54
C ASP E 174 -11.84 -34.20 4.80
N ASP E 175 -11.38 -35.42 5.08
CA ASP E 175 -12.32 -36.51 5.32
C ASP E 175 -13.16 -36.26 6.56
N ALA E 176 -12.55 -35.77 7.64
CA ALA E 176 -13.28 -35.58 8.88
C ALA E 176 -14.44 -34.60 8.70
N SER E 177 -14.19 -33.49 7.99
CA SER E 177 -15.24 -32.50 7.80
C SER E 177 -16.32 -33.02 6.85
N HIS E 178 -15.91 -33.61 5.73
CA HIS E 178 -16.89 -34.04 4.72
C HIS E 178 -17.82 -35.09 5.28
N ARG E 179 -17.29 -36.09 5.98
CA ARG E 179 -18.10 -37.17 6.51
C ARG E 179 -18.84 -36.78 7.78
N GLY E 180 -18.59 -35.60 8.34
CA GLY E 180 -19.28 -35.17 9.53
C GLY E 180 -18.78 -35.77 10.82
N LEU E 181 -17.54 -36.28 10.83
CA LEU E 181 -16.97 -36.78 12.07
C LEU E 181 -16.88 -35.66 13.10
N GLU E 182 -17.13 -36.00 14.36
CA GLU E 182 -17.08 -34.99 15.41
C GLU E 182 -15.67 -34.44 15.56
N VAL E 183 -15.58 -33.21 16.06
CA VAL E 183 -14.29 -32.61 16.38
C VAL E 183 -13.55 -33.57 17.28
N VAL E 184 -12.39 -34.05 16.82
CA VAL E 184 -11.72 -35.15 17.51
C VAL E 184 -11.20 -34.66 18.85
N ASN E 185 -11.55 -35.39 19.91
CA ASN E 185 -11.02 -35.18 21.25
C ASN E 185 -10.37 -36.50 21.67
N GLY E 186 -9.08 -36.64 21.37
CA GLY E 186 -8.40 -37.91 21.56
C GLY E 186 -8.70 -38.85 20.42
N THR E 187 -9.52 -39.88 20.68
CA THR E 187 -9.96 -40.76 19.62
C THR E 187 -11.06 -40.10 18.80
N LEU E 188 -11.35 -40.69 17.64
CA LEU E 188 -12.38 -40.17 16.75
C LEU E 188 -13.75 -40.73 17.13
N GLN E 189 -14.79 -40.08 16.63
CA GLN E 189 -16.15 -40.51 16.92
C GLN E 189 -17.13 -39.90 15.91
N PRO E 190 -17.96 -40.71 15.24
CA PRO E 190 -18.92 -40.15 14.29
C PRO E 190 -19.98 -39.31 14.97
N SER E 191 -20.50 -38.34 14.21
CA SER E 191 -21.53 -37.42 14.69
C SER E 191 -22.52 -37.20 13.56
N ASN E 192 -23.39 -36.20 13.73
CA ASN E 192 -24.46 -35.89 12.79
C ASN E 192 -24.22 -34.57 12.07
N GLY E 193 -22.95 -34.19 11.88
CA GLY E 193 -22.61 -32.96 11.21
C GLY E 193 -22.61 -33.01 9.70
N ALA E 194 -22.92 -34.17 9.12
CA ALA E 194 -22.89 -34.31 7.67
C ALA E 194 -23.94 -33.41 7.02
N LYS E 195 -23.58 -32.81 5.88
CA LYS E 195 -24.54 -32.01 5.14
C LYS E 195 -25.70 -32.87 4.65
N ARG E 196 -25.41 -34.08 4.19
CA ARG E 196 -26.41 -35.03 3.76
C ARG E 196 -26.27 -36.33 4.54
N PRO E 197 -27.37 -37.03 4.81
CA PRO E 197 -27.27 -38.29 5.57
C PRO E 197 -26.45 -39.35 4.85
N GLU E 198 -26.33 -39.26 3.52
CA GLU E 198 -25.57 -40.24 2.76
C GLU E 198 -24.08 -39.96 2.71
N TYR E 199 -23.64 -38.80 3.20
CA TYR E 199 -22.21 -38.51 3.22
C TYR E 199 -21.47 -39.42 4.19
N GLN E 200 -22.08 -39.73 5.33
CA GLN E 200 -21.37 -40.47 6.38
C GLN E 200 -20.77 -41.77 5.85
N GLU E 201 -21.44 -42.43 4.93
CA GLU E 201 -20.94 -43.66 4.34
C GLU E 201 -20.01 -43.40 3.16
N ASP E 202 -19.79 -42.15 2.79
CA ASP E 202 -18.92 -41.81 1.67
C ASP E 202 -17.51 -41.55 2.20
N TYR E 203 -16.64 -42.55 2.06
CA TYR E 203 -15.24 -42.43 2.43
C TYR E 203 -14.39 -41.90 1.30
N GLY E 204 -15.00 -41.21 0.33
CA GLY E 204 -14.27 -40.81 -0.87
C GLY E 204 -13.08 -39.93 -0.58
N PHE E 205 -13.22 -39.01 0.37
CA PHE E 205 -12.16 -38.06 0.70
C PHE E 205 -11.15 -38.66 1.66
N PHE E 206 -11.13 -39.97 1.83
CA PHE E 206 -10.07 -40.60 2.59
C PHE E 206 -8.75 -40.43 1.84
N HIS E 207 -7.65 -40.38 2.61
CA HIS E 207 -6.34 -40.08 2.06
C HIS E 207 -6.26 -38.67 1.50
N SER E 208 -7.11 -37.76 2.01
CA SER E 208 -7.18 -36.42 1.42
C SER E 208 -6.04 -35.53 1.89
N ASN E 209 -5.97 -35.26 3.19
CA ASN E 209 -5.00 -34.32 3.75
C ASN E 209 -3.91 -35.13 4.44
N LYS E 210 -2.87 -35.49 3.70
CA LYS E 210 -1.73 -36.18 4.26
C LYS E 210 -0.52 -35.92 3.37
N SER E 211 0.67 -36.09 3.96
CA SER E 211 1.93 -35.78 3.29
C SER E 211 2.85 -36.99 3.43
N THR E 212 2.75 -37.92 2.49
CA THR E 212 3.58 -39.13 2.49
C THR E 212 4.88 -38.81 1.76
N THR E 213 5.91 -38.42 2.51
CA THR E 213 7.22 -38.09 1.97
C THR E 213 8.20 -39.10 2.55
N ILE E 214 8.46 -40.17 1.80
CA ILE E 214 9.28 -41.28 2.26
C ILE E 214 10.26 -41.67 1.15
N LEU E 215 11.29 -42.42 1.55
CA LEU E 215 12.22 -43.02 0.59
C LEU E 215 11.78 -44.47 0.38
N ALA E 216 10.71 -44.63 -0.38
CA ALA E 216 10.17 -45.95 -0.65
C ALA E 216 11.12 -46.76 -1.53
N LYS E 217 11.08 -48.08 -1.35
CA LYS E 217 11.84 -49.01 -2.15
C LYS E 217 10.87 -49.92 -2.91
N TYR E 218 11.03 -49.97 -4.23
CA TYR E 218 10.13 -50.71 -5.10
C TYR E 218 10.85 -51.90 -5.71
N GLN E 219 10.08 -52.91 -6.07
CA GLN E 219 10.58 -54.08 -6.79
C GLN E 219 10.05 -54.00 -8.23
N VAL E 220 10.95 -53.77 -9.18
CA VAL E 220 10.60 -53.59 -10.57
C VAL E 220 10.95 -54.87 -11.32
N LYS E 221 9.98 -55.42 -12.03
CA LYS E 221 10.17 -56.67 -12.79
C LYS E 221 10.84 -56.31 -14.11
N GLU E 222 12.14 -56.06 -14.05
CA GLU E 222 12.89 -55.70 -15.25
C GLU E 222 14.38 -55.65 -14.93
N GLU E 223 15.20 -55.95 -15.94
CA GLU E 223 16.64 -55.71 -15.89
C GLU E 223 17.32 -56.57 -14.82
N ARG E 224 16.91 -57.84 -14.69
CA ARG E 224 17.58 -58.74 -13.77
C ARG E 224 17.82 -60.15 -14.29
N TYR E 225 17.10 -60.63 -15.29
CA TYR E 225 17.24 -62.02 -15.73
C TYR E 225 16.54 -62.20 -17.08
N LYS E 226 16.65 -63.41 -17.62
CA LYS E 226 15.92 -63.86 -18.81
C LYS E 226 16.48 -63.25 -20.09
N LEU E 227 15.92 -63.66 -21.23
CA LEU E 227 16.50 -63.31 -22.52
C LEU E 227 16.62 -61.80 -22.67
N GLN E 228 17.75 -61.38 -23.23
CA GLN E 228 18.03 -59.97 -23.48
C GLN E 228 18.22 -59.76 -24.98
N SER E 229 17.63 -58.70 -25.51
CA SER E 229 17.66 -58.44 -26.95
C SER E 229 18.97 -57.74 -27.32
N LYS E 230 20.05 -58.52 -27.30
CA LYS E 230 21.37 -58.05 -27.69
C LYS E 230 22.08 -59.17 -28.43
N LYS E 231 22.27 -58.99 -29.74
CA LYS E 231 22.97 -59.96 -30.58
C LYS E 231 24.26 -59.34 -31.06
N LYS E 232 25.38 -60.01 -30.79
CA LYS E 232 26.68 -59.50 -31.19
C LYS E 232 26.82 -59.54 -32.71
N LEU E 233 27.78 -58.78 -33.21
CA LEU E 233 28.02 -58.76 -34.65
C LEU E 233 28.41 -60.14 -35.16
N PHE E 234 29.24 -60.86 -34.40
CA PHE E 234 29.67 -62.19 -34.81
C PHE E 234 28.48 -63.15 -34.81
N GLY E 235 28.51 -64.10 -35.76
CA GLY E 235 27.39 -65.01 -35.89
C GLY E 235 27.16 -65.85 -34.66
N LEU E 236 28.24 -66.33 -34.04
CA LEU E 236 28.12 -67.24 -32.91
C LEU E 236 28.10 -66.50 -31.57
N SER E 237 28.80 -65.38 -31.46
CA SER E 237 28.92 -64.69 -30.19
C SER E 237 27.55 -64.21 -29.71
N ARG E 238 27.31 -64.33 -28.41
CA ARG E 238 26.03 -63.96 -27.81
C ARG E 238 26.29 -63.29 -26.46
N SER E 239 25.30 -62.52 -26.00
CA SER E 239 25.36 -61.85 -24.72
C SER E 239 24.80 -62.78 -23.65
N TYR E 240 25.69 -63.33 -22.82
CA TYR E 240 25.28 -64.26 -21.78
C TYR E 240 24.64 -63.58 -20.58
N SER E 241 24.82 -62.27 -20.42
CA SER E 241 24.15 -61.55 -19.34
C SER E 241 22.66 -61.45 -19.66
N LEU E 242 21.83 -61.95 -18.74
CA LEU E 242 20.40 -62.06 -18.94
C LEU E 242 19.68 -60.96 -18.17
N LYS E 243 18.93 -60.13 -18.88
CA LYS E 243 18.20 -59.02 -18.28
C LYS E 243 17.21 -58.51 -19.32
N LYS E 244 16.62 -57.34 -19.04
CA LYS E 244 15.57 -56.74 -19.87
C LYS E 244 14.34 -57.64 -19.92
N TYR E 245 13.94 -58.16 -18.77
CA TYR E 245 12.77 -59.01 -18.69
C TYR E 245 12.31 -59.08 -17.23
N TYR E 246 11.11 -59.61 -17.04
CA TYR E 246 10.44 -59.54 -15.74
C TYR E 246 11.17 -60.35 -14.67
N GLU E 247 11.80 -59.66 -13.73
CA GLU E 247 12.40 -60.28 -12.56
C GLU E 247 12.81 -59.18 -11.59
N THR E 248 12.64 -59.44 -10.30
CA THR E 248 12.72 -58.40 -9.29
C THR E 248 14.12 -57.80 -9.20
N VAL E 249 14.17 -56.49 -8.97
CA VAL E 249 15.42 -55.77 -8.71
C VAL E 249 15.11 -54.57 -7.84
N THR E 250 15.95 -54.33 -6.85
CA THR E 250 15.72 -53.23 -5.92
C THR E 250 15.86 -51.88 -6.62
N LYS E 251 15.09 -50.90 -6.14
CA LYS E 251 15.11 -49.56 -6.72
C LYS E 251 14.52 -48.60 -5.69
N GLU E 252 15.26 -47.54 -5.39
CA GLU E 252 14.83 -46.55 -4.41
C GLU E 252 14.16 -45.39 -5.13
N VAL E 253 12.92 -45.10 -4.75
CA VAL E 253 12.16 -43.98 -5.29
C VAL E 253 11.85 -43.04 -4.15
N ASP E 254 12.22 -41.77 -4.30
CA ASP E 254 12.03 -40.76 -3.27
C ASP E 254 10.76 -39.97 -3.59
N LEU E 255 9.62 -40.58 -3.32
CA LEU E 255 8.34 -39.94 -3.59
C LEU E 255 8.04 -38.89 -2.51
N ASP E 256 7.29 -37.87 -2.91
CA ASP E 256 6.88 -36.80 -1.99
C ASP E 256 5.52 -36.30 -2.45
N PHE E 257 4.46 -36.87 -1.87
CA PHE E 257 3.09 -36.51 -2.18
C PHE E 257 2.54 -35.68 -1.03
N ASN E 258 2.18 -34.43 -1.31
CA ASN E 258 1.65 -33.51 -0.32
C ASN E 258 0.23 -33.13 -0.75
N LEU E 259 -0.73 -33.95 -0.35
CA LEU E 259 -2.15 -33.71 -0.66
C LEU E 259 -2.72 -32.86 0.47
N ALA E 260 -2.95 -31.58 0.17
CA ALA E 260 -3.51 -30.67 1.16
C ALA E 260 -5.03 -30.65 1.05
N ALA E 261 -5.66 -29.90 1.96
CA ALA E 261 -7.12 -29.79 2.00
C ALA E 261 -7.50 -28.38 1.62
N LYS E 262 -7.85 -28.19 0.35
CA LYS E 262 -8.26 -26.90 -0.19
C LYS E 262 -9.75 -26.90 -0.43
N PHE E 263 -10.36 -25.72 -0.33
CA PHE E 263 -11.79 -25.59 -0.54
C PHE E 263 -12.14 -25.80 -2.00
N ILE E 264 -13.15 -26.62 -2.25
CA ILE E 264 -13.55 -26.93 -3.62
C ILE E 264 -14.30 -25.74 -4.21
N PRO E 265 -14.08 -25.40 -5.48
CA PRO E 265 -14.77 -24.26 -6.07
C PRO E 265 -16.12 -24.67 -6.68
N VAL E 266 -16.83 -23.65 -7.18
CA VAL E 266 -18.06 -23.84 -7.93
C VAL E 266 -17.96 -23.01 -9.20
N VAL E 267 -18.31 -23.62 -10.33
CA VAL E 267 -18.18 -22.99 -11.64
C VAL E 267 -19.55 -22.93 -12.30
N TYR E 268 -19.88 -21.76 -12.85
CA TYR E 268 -21.17 -21.49 -13.46
C TYR E 268 -20.99 -21.07 -14.92
N GLY E 269 -20.15 -21.80 -15.64
CA GLY E 269 -19.91 -21.49 -17.04
C GLY E 269 -18.69 -22.22 -17.53
N VAL E 270 -18.22 -21.83 -18.71
CA VAL E 270 -17.01 -22.41 -19.29
C VAL E 270 -15.83 -21.65 -18.70
N GLN E 271 -15.23 -22.21 -17.65
CA GLN E 271 -14.11 -21.58 -16.97
C GLN E 271 -13.01 -22.62 -16.76
N LYS E 272 -11.78 -22.13 -16.66
CA LYS E 272 -10.61 -22.98 -16.44
C LYS E 272 -10.25 -22.95 -14.97
N ILE E 273 -10.15 -24.12 -14.35
CA ILE E 273 -9.86 -24.23 -12.92
C ILE E 273 -8.76 -25.25 -12.72
N PRO E 274 -7.99 -25.16 -11.64
CA PRO E 274 -6.96 -26.15 -11.37
C PRO E 274 -7.55 -27.38 -10.70
N GLY E 275 -6.69 -28.36 -10.43
CA GLY E 275 -7.07 -29.56 -9.73
C GLY E 275 -6.65 -29.51 -8.27
N ILE E 276 -7.42 -30.20 -7.43
CA ILE E 276 -7.09 -30.34 -6.01
C ILE E 276 -6.83 -31.82 -5.76
N PRO E 277 -5.58 -32.27 -5.84
CA PRO E 277 -5.31 -33.72 -5.75
C PRO E 277 -5.76 -34.27 -4.40
N ILE E 278 -6.68 -35.24 -4.44
CA ILE E 278 -7.21 -35.84 -3.22
C ILE E 278 -6.63 -37.23 -2.96
N PHE E 279 -6.23 -37.96 -3.98
CA PHE E 279 -5.60 -39.27 -3.82
C PHE E 279 -4.41 -39.33 -4.76
N ALA E 280 -3.26 -39.78 -4.24
CA ALA E 280 -2.07 -39.97 -5.04
C ALA E 280 -1.47 -41.33 -4.71
N ASP E 281 -0.88 -41.98 -5.72
CA ASP E 281 -0.30 -43.30 -5.52
C ASP E 281 0.40 -43.72 -6.80
N THR E 282 1.21 -44.77 -6.68
CA THR E 282 1.90 -45.37 -7.82
C THR E 282 1.77 -46.88 -7.74
N GLU E 283 1.85 -47.53 -8.90
CA GLU E 283 1.68 -48.96 -8.96
C GLU E 283 2.63 -49.67 -8.00
N LEU E 284 2.26 -50.89 -7.61
CA LEU E 284 3.05 -51.61 -6.62
C LEU E 284 4.44 -51.92 -7.14
N ASN E 285 4.56 -52.36 -8.39
CA ASN E 285 5.83 -52.79 -8.95
C ASN E 285 6.51 -51.72 -9.80
N ASN E 286 5.75 -50.97 -10.59
CA ASN E 286 6.33 -49.97 -11.46
C ASN E 286 6.10 -48.59 -10.88
N PRO E 287 7.14 -47.90 -10.38
CA PRO E 287 6.96 -46.52 -9.92
C PRO E 287 6.58 -45.56 -11.02
N ASN E 288 6.81 -45.91 -12.29
CA ASN E 288 6.58 -45.00 -13.40
C ASN E 288 5.11 -44.75 -13.68
N ILE E 289 4.21 -45.51 -13.08
CA ILE E 289 2.77 -45.32 -13.25
C ILE E 289 2.22 -44.75 -11.95
N VAL E 290 1.68 -43.54 -12.02
CA VAL E 290 1.18 -42.82 -10.86
C VAL E 290 -0.28 -42.46 -11.10
N TYR E 291 -1.13 -42.76 -10.11
CA TYR E 291 -2.53 -42.37 -10.13
C TYR E 291 -2.71 -41.17 -9.23
N VAL E 292 -3.33 -40.11 -9.76
CA VAL E 292 -3.67 -38.93 -8.99
C VAL E 292 -5.10 -38.53 -9.35
N VAL E 293 -5.93 -38.37 -8.34
CA VAL E 293 -7.33 -37.99 -8.52
C VAL E 293 -7.46 -36.53 -8.11
N TYR E 294 -7.95 -35.70 -9.01
CA TYR E 294 -8.12 -34.28 -8.79
C TYR E 294 -9.59 -33.95 -8.63
N ALA E 295 -9.89 -33.00 -7.75
CA ALA E 295 -11.26 -32.57 -7.49
C ALA E 295 -11.53 -31.27 -8.22
N PHE E 296 -12.57 -31.25 -9.05
CA PHE E 296 -12.98 -30.06 -9.79
C PHE E 296 -14.44 -29.77 -9.50
N ALA E 297 -14.75 -28.52 -9.18
CA ALA E 297 -16.12 -28.06 -9.11
C ALA E 297 -16.97 -28.93 -8.18
N GLU E 298 -18.29 -28.76 -8.26
CA GLU E 298 -19.22 -29.48 -7.40
C GLU E 298 -20.46 -29.87 -8.20
N GLY E 299 -21.31 -30.68 -7.57
CA GLY E 299 -22.62 -30.98 -8.11
C GLY E 299 -22.59 -31.61 -9.47
N GLU E 300 -23.77 -31.90 -10.03
CA GLU E 300 -23.84 -32.40 -11.39
C GLU E 300 -23.26 -31.36 -12.34
N ILE E 301 -22.29 -31.77 -13.13
CA ILE E 301 -21.55 -30.86 -13.99
C ILE E 301 -21.72 -31.31 -15.43
N ASP E 302 -21.93 -30.35 -16.33
CA ASP E 302 -22.20 -30.68 -17.71
C ASP E 302 -21.06 -31.46 -18.36
N GLY E 303 -19.86 -31.38 -17.79
CA GLY E 303 -18.73 -32.13 -18.29
C GLY E 303 -17.50 -31.28 -18.51
N PHE E 304 -16.38 -31.94 -18.81
CA PHE E 304 -15.11 -31.28 -19.06
C PHE E 304 -14.99 -30.95 -20.54
N LEU E 305 -14.36 -29.83 -20.85
CA LEU E 305 -14.15 -29.46 -22.24
C LEU E 305 -12.75 -29.85 -22.70
N ASP E 306 -11.74 -29.60 -21.87
CA ASP E 306 -10.35 -29.84 -22.24
C ASP E 306 -9.53 -29.88 -20.95
N PHE E 307 -8.36 -30.51 -21.04
CA PHE E 307 -7.45 -30.67 -19.91
C PHE E 307 -6.13 -29.99 -20.25
N TYR E 308 -5.58 -29.26 -19.28
CA TYR E 308 -4.32 -28.54 -19.44
C TYR E 308 -3.23 -29.30 -18.70
N ILE E 309 -2.34 -29.93 -19.45
CA ILE E 309 -1.24 -30.70 -18.88
C ILE E 309 -0.03 -29.76 -18.81
N GLY E 310 0.17 -29.15 -17.65
CA GLY E 310 1.33 -28.30 -17.44
C GLY E 310 1.38 -27.11 -18.38
N ASP E 311 0.25 -26.41 -18.50
CA ASP E 311 0.11 -25.21 -19.30
C ASP E 311 -0.01 -25.50 -20.79
N SER E 312 0.10 -26.76 -21.22
CA SER E 312 -0.04 -27.11 -22.62
C SER E 312 -1.35 -27.85 -22.82
N PRO E 313 -2.40 -27.23 -23.34
CA PRO E 313 -3.67 -27.93 -23.50
C PRO E 313 -3.58 -29.00 -24.58
N MET E 314 -4.48 -29.97 -24.48
CA MET E 314 -4.49 -31.09 -25.40
C MET E 314 -4.98 -30.69 -26.79
N ILE E 315 -5.62 -29.53 -26.92
CA ILE E 315 -6.16 -29.05 -28.18
C ILE E 315 -5.50 -27.72 -28.49
N CYS E 316 -5.03 -27.57 -29.73
CA CYS E 316 -4.33 -26.35 -30.11
C CYS E 316 -5.33 -25.22 -30.39
N PHE E 317 -4.96 -24.01 -29.98
CA PHE E 317 -5.88 -22.88 -30.07
C PHE E 317 -6.20 -22.53 -31.52
N ASP E 318 -5.20 -22.53 -32.39
CA ASP E 318 -5.40 -22.08 -33.76
C ASP E 318 -4.69 -22.99 -34.75
N GLU E 319 -4.65 -22.58 -36.01
CA GLU E 319 -3.78 -23.24 -36.98
C GLU E 319 -2.32 -23.05 -36.62
N THR E 320 -1.95 -21.83 -36.20
CA THR E 320 -0.56 -21.53 -35.93
C THR E 320 0.01 -22.39 -34.81
N ASP E 321 -0.74 -22.54 -33.72
CA ASP E 321 -0.23 -23.26 -32.57
C ASP E 321 0.09 -24.72 -32.87
N SER E 322 -0.60 -25.32 -33.84
CA SER E 322 -0.44 -26.75 -34.06
C SER E 322 0.98 -27.11 -34.49
N ASP E 323 1.68 -26.20 -35.16
CA ASP E 323 3.04 -26.49 -35.60
C ASP E 323 4.01 -26.54 -34.44
N THR E 324 3.79 -25.73 -33.41
CA THR E 324 4.72 -25.69 -32.28
C THR E 324 4.74 -27.01 -31.53
N ARG E 325 3.58 -27.64 -31.36
CA ARG E 325 3.49 -28.89 -30.62
C ARG E 325 2.34 -29.71 -31.16
N THR E 326 2.34 -30.99 -30.82
CA THR E 326 1.28 -31.88 -31.25
C THR E 326 -0.05 -31.45 -30.63
N CYS E 327 -1.12 -31.51 -31.42
CA CYS E 327 -2.46 -31.16 -30.96
C CYS E 327 -3.47 -32.03 -31.69
N PHE E 328 -4.74 -31.81 -31.40
CA PHE E 328 -5.83 -32.56 -32.03
C PHE E 328 -7.01 -31.62 -32.19
N GLY E 329 -7.22 -31.13 -33.42
CA GLY E 329 -8.29 -30.20 -33.69
C GLY E 329 -7.96 -28.79 -33.24
N ARG E 330 -8.81 -27.86 -33.66
CA ARG E 330 -8.67 -26.46 -33.32
C ARG E 330 -9.71 -26.05 -32.30
N LYS E 331 -9.50 -24.88 -31.71
CA LYS E 331 -10.50 -24.24 -30.86
C LYS E 331 -10.98 -22.91 -31.41
N LYS E 332 -10.24 -22.31 -32.35
CA LYS E 332 -10.56 -20.97 -32.81
C LYS E 332 -11.93 -20.90 -33.46
N ILE E 333 -12.18 -21.76 -34.45
CA ILE E 333 -13.40 -21.71 -35.25
C ILE E 333 -14.20 -22.99 -35.12
N VAL E 334 -13.55 -24.15 -35.21
CA VAL E 334 -14.25 -25.41 -34.99
C VAL E 334 -14.67 -25.52 -33.53
N GLY E 335 -13.84 -25.07 -32.61
CA GLY E 335 -14.21 -25.01 -31.21
C GLY E 335 -14.61 -26.34 -30.63
N ASP E 336 -13.90 -27.41 -30.98
CA ASP E 336 -14.23 -28.72 -30.47
C ASP E 336 -13.69 -28.90 -29.06
N THR E 337 -14.38 -29.72 -28.27
CA THR E 337 -13.99 -30.00 -26.91
C THR E 337 -13.10 -31.24 -26.88
N MET E 338 -12.85 -31.77 -25.67
CA MET E 338 -12.02 -32.95 -25.53
C MET E 338 -12.69 -34.20 -26.08
N HIS E 339 -14.00 -34.22 -26.18
CA HIS E 339 -14.72 -35.42 -26.57
C HIS E 339 -14.47 -35.81 -28.04
N ARG E 340 -13.60 -35.12 -28.77
CA ARG E 340 -13.25 -35.59 -30.11
C ARG E 340 -12.32 -36.80 -30.04
N LEU E 341 -11.53 -36.92 -28.96
CA LEU E 341 -10.55 -38.00 -28.88
C LEU E 341 -11.22 -39.36 -28.90
N ALA E 342 -12.31 -39.53 -28.14
CA ALA E 342 -13.01 -40.80 -28.14
C ALA E 342 -13.81 -40.99 -29.42
N ALA E 343 -14.42 -39.92 -29.93
CA ALA E 343 -15.23 -39.95 -31.14
C ALA E 343 -14.60 -38.98 -32.13
N GLY E 344 -13.66 -39.47 -32.93
CA GLY E 344 -12.93 -38.60 -33.82
C GLY E 344 -13.86 -37.93 -34.83
N THR E 345 -13.52 -36.69 -35.18
CA THR E 345 -14.28 -35.91 -36.17
C THR E 345 -15.76 -35.90 -35.85
N SER E 346 -16.08 -35.73 -34.56
CA SER E 346 -17.46 -35.58 -34.12
C SER E 346 -17.79 -34.10 -33.97
N THR E 347 -18.94 -33.81 -33.37
CA THR E 347 -19.31 -32.45 -33.05
C THR E 347 -18.65 -32.02 -31.74
N SER E 348 -18.79 -30.74 -31.42
CA SER E 348 -18.34 -30.22 -30.13
C SER E 348 -19.31 -30.65 -29.05
N GLN E 349 -18.78 -31.17 -27.94
CA GLN E 349 -19.62 -31.69 -26.88
C GLN E 349 -18.78 -31.89 -25.64
N PRO E 350 -19.33 -31.67 -24.43
CA PRO E 350 -18.54 -31.91 -23.22
C PRO E 350 -18.22 -33.37 -23.01
N SER E 351 -17.43 -33.68 -21.98
CA SER E 351 -17.01 -35.04 -21.72
C SER E 351 -18.20 -35.89 -21.27
N VAL E 352 -17.93 -37.16 -20.97
CA VAL E 352 -18.96 -38.13 -20.60
C VAL E 352 -18.62 -38.66 -19.21
N HIS E 353 -19.65 -38.82 -18.38
CA HIS E 353 -19.43 -39.32 -17.02
C HIS E 353 -18.98 -40.77 -17.05
N GLY E 354 -17.86 -41.05 -16.40
CA GLY E 354 -17.32 -42.40 -16.37
C GLY E 354 -16.80 -42.91 -17.70
N GLN E 355 -16.15 -42.05 -18.47
CA GLN E 355 -15.55 -42.42 -19.74
C GLN E 355 -14.08 -42.05 -19.74
N GLU E 356 -13.25 -42.93 -20.29
CA GLU E 356 -11.80 -42.77 -20.26
C GLU E 356 -11.32 -42.18 -21.58
N TYR E 357 -10.39 -41.24 -21.49
CA TYR E 357 -9.80 -40.59 -22.67
C TYR E 357 -8.30 -40.83 -22.64
N LYS E 358 -7.78 -41.40 -23.73
CA LYS E 358 -6.35 -41.73 -23.84
C LYS E 358 -5.69 -40.62 -24.65
N TYR E 359 -5.17 -39.61 -23.96
CA TYR E 359 -4.51 -38.50 -24.60
C TYR E 359 -3.08 -38.89 -24.94
N ASN E 360 -2.85 -39.36 -26.17
CA ASN E 360 -1.54 -39.77 -26.63
C ASN E 360 -0.81 -38.55 -27.15
N ASP E 361 0.37 -38.29 -26.60
CA ASP E 361 1.15 -37.11 -26.95
C ASP E 361 2.62 -37.45 -26.81
N GLY E 362 3.47 -36.60 -27.38
CA GLY E 362 4.89 -36.72 -27.12
C GLY E 362 5.19 -36.62 -25.63
N ASN E 363 6.30 -37.25 -25.24
CA ASN E 363 6.79 -37.34 -23.87
C ASN E 363 6.05 -38.41 -23.07
N GLY E 364 5.07 -39.10 -23.64
CA GLY E 364 4.38 -40.16 -22.94
C GLY E 364 2.90 -40.21 -23.22
N ASP E 365 2.17 -41.11 -22.57
CA ASP E 365 0.74 -41.23 -22.74
C ASP E 365 0.03 -40.93 -21.42
N ILE E 366 -1.19 -40.43 -21.54
CA ILE E 366 -1.98 -40.01 -20.39
C ILE E 366 -3.36 -40.64 -20.50
N ARG E 367 -3.83 -41.26 -19.42
CA ARG E 367 -5.16 -41.84 -19.34
C ARG E 367 -5.97 -41.02 -18.34
N ILE E 368 -7.12 -40.52 -18.77
CA ILE E 368 -7.95 -39.63 -17.98
C ILE E 368 -9.36 -40.19 -17.91
N TRP E 369 -9.88 -40.33 -16.70
CA TRP E 369 -11.27 -40.70 -16.45
C TRP E 369 -12.01 -39.46 -15.99
N THR E 370 -13.08 -39.11 -16.68
CA THR E 370 -13.88 -37.93 -16.35
C THR E 370 -15.11 -38.38 -15.59
N PHE E 371 -15.08 -38.17 -14.27
CA PHE E 371 -16.21 -38.48 -13.39
C PHE E 371 -16.92 -37.18 -13.06
N HIS E 372 -17.97 -36.87 -13.80
CA HIS E 372 -18.80 -35.72 -13.48
C HIS E 372 -19.43 -35.90 -12.10
N GLY E 373 -19.57 -34.80 -11.37
CA GLY E 373 -20.25 -34.87 -10.09
C GLY E 373 -21.68 -35.36 -10.28
N LYS E 374 -22.19 -36.01 -9.24
CA LYS E 374 -23.54 -36.55 -9.29
C LYS E 374 -24.04 -36.75 -7.87
N PRO E 375 -25.33 -36.54 -7.60
CA PRO E 375 -25.85 -36.79 -6.25
C PRO E 375 -25.67 -38.21 -5.79
N ASP E 376 -25.73 -39.19 -6.71
CA ASP E 376 -25.57 -40.60 -6.37
C ASP E 376 -24.80 -41.26 -7.52
N GLN E 377 -23.49 -41.34 -7.39
CA GLN E 377 -22.63 -41.98 -8.37
C GLN E 377 -21.74 -43.01 -7.70
N THR E 378 -21.48 -44.10 -8.42
CA THR E 378 -20.72 -45.21 -7.87
C THR E 378 -19.23 -44.86 -7.80
N ALA E 379 -18.49 -45.72 -7.11
CA ALA E 379 -17.06 -45.51 -6.94
C ALA E 379 -16.33 -45.67 -8.27
N ALA E 380 -15.10 -45.18 -8.31
CA ALA E 380 -14.27 -45.30 -9.51
C ALA E 380 -13.93 -46.76 -9.75
N GLN E 381 -14.52 -47.35 -10.78
CA GLN E 381 -14.38 -48.78 -10.99
C GLN E 381 -12.93 -49.19 -11.18
N VAL E 382 -12.17 -48.41 -11.95
CA VAL E 382 -10.77 -48.77 -12.19
C VAL E 382 -10.00 -48.82 -10.88
N LEU E 383 -10.15 -47.81 -10.04
CA LEU E 383 -9.41 -47.78 -8.78
C LEU E 383 -9.83 -48.92 -7.86
N VAL E 384 -11.13 -49.23 -7.83
CA VAL E 384 -11.60 -50.34 -7.01
C VAL E 384 -10.98 -51.66 -7.49
N ASP E 385 -10.98 -51.86 -8.81
CA ASP E 385 -10.40 -53.09 -9.35
C ASP E 385 -8.93 -53.20 -9.03
N ILE E 386 -8.19 -52.09 -9.16
CA ILE E 386 -6.77 -52.11 -8.81
C ILE E 386 -6.60 -52.42 -7.34
N ALA E 387 -7.42 -51.81 -6.47
CA ALA E 387 -7.28 -52.04 -5.04
C ALA E 387 -7.53 -53.50 -4.69
N LYS E 388 -8.51 -54.12 -5.34
CA LYS E 388 -8.79 -55.53 -5.05
C LYS E 388 -7.56 -56.40 -5.32
N LYS E 389 -6.71 -56.00 -6.25
CA LYS E 389 -5.49 -56.73 -6.55
C LYS E 389 -4.28 -56.21 -5.78
N LYS E 390 -4.47 -55.23 -4.90
CA LYS E 390 -3.37 -54.67 -4.12
C LYS E 390 -2.27 -54.11 -5.03
N GLY E 391 -2.68 -53.46 -6.12
CA GLY E 391 -1.73 -52.90 -7.06
C GLY E 391 -1.08 -51.61 -6.63
N PHE E 392 -1.64 -50.92 -5.65
CA PHE E 392 -1.10 -49.65 -5.19
C PHE E 392 0.04 -49.89 -4.21
N TYR E 393 1.16 -49.20 -4.41
CA TYR E 393 2.31 -49.39 -3.53
C TYR E 393 1.97 -48.97 -2.11
N LEU E 394 1.46 -47.74 -1.93
CA LEU E 394 1.19 -47.26 -0.59
C LEU E 394 0.13 -48.09 0.11
N GLN E 395 -0.65 -48.87 -0.65
CA GLN E 395 -1.59 -49.79 -0.03
C GLN E 395 -0.85 -50.93 0.67
N ASN E 396 0.11 -51.55 -0.01
CA ASN E 396 0.86 -52.64 0.60
C ASN E 396 1.83 -52.12 1.66
N GLN E 397 2.41 -50.95 1.44
CA GLN E 397 3.35 -50.40 2.43
C GLN E 397 2.64 -50.15 3.76
N ASN E 398 1.43 -49.60 3.70
CA ASN E 398 0.65 -49.39 4.92
C ASN E 398 -0.12 -50.63 5.35
N GLY E 399 -0.13 -51.69 4.53
CA GLY E 399 -0.77 -52.93 4.89
C GLY E 399 -2.25 -53.01 4.59
N ASN E 400 -2.85 -51.96 4.05
CA ASN E 400 -4.27 -51.97 3.77
C ASN E 400 -4.62 -53.05 2.74
N GLY E 401 -5.73 -53.73 2.97
CA GLY E 401 -6.18 -54.78 2.09
C GLY E 401 -7.05 -54.26 0.97
N PRO E 402 -8.09 -55.01 0.59
CA PRO E 402 -8.95 -54.55 -0.52
C PRO E 402 -9.79 -53.33 -0.18
N GLU E 403 -9.69 -52.80 1.03
CA GLU E 403 -10.42 -51.61 1.41
C GLU E 403 -9.66 -50.32 1.14
N TYR E 404 -8.46 -50.41 0.54
CA TYR E 404 -7.68 -49.20 0.28
C TYR E 404 -8.44 -48.26 -0.64
N TRP E 405 -9.07 -48.80 -1.68
CA TRP E 405 -10.03 -48.06 -2.49
C TRP E 405 -11.24 -48.98 -2.64
N ASP E 406 -12.17 -48.88 -1.69
CA ASP E 406 -13.31 -49.75 -1.62
C ASP E 406 -14.46 -49.18 -2.45
N SER E 407 -15.50 -50.01 -2.65
CA SER E 407 -16.68 -49.56 -3.37
C SER E 407 -17.39 -48.43 -2.65
N ARG E 408 -17.09 -48.22 -1.36
CA ARG E 408 -17.73 -47.17 -0.59
C ARG E 408 -17.10 -45.80 -0.80
N TYR E 409 -16.03 -45.70 -1.58
CA TYR E 409 -15.42 -44.40 -1.86
C TYR E 409 -16.11 -43.72 -3.02
N LYS E 410 -17.42 -43.54 -2.92
CA LYS E 410 -18.20 -42.90 -3.97
C LYS E 410 -18.21 -41.41 -3.72
N LEU E 411 -17.27 -40.70 -4.34
CA LEU E 411 -17.22 -39.26 -4.23
C LEU E 411 -18.54 -38.68 -4.71
N LEU E 412 -19.32 -38.10 -3.80
CA LEU E 412 -20.63 -37.58 -4.13
C LEU E 412 -20.57 -36.07 -4.32
N ASP E 413 -21.27 -35.59 -5.34
CA ASP E 413 -21.33 -34.15 -5.62
C ASP E 413 -19.93 -33.57 -5.77
N THR E 414 -19.10 -34.19 -6.58
CA THR E 414 -17.77 -33.67 -6.87
C THR E 414 -17.34 -34.19 -8.24
N ALA E 415 -17.03 -33.26 -9.16
CA ALA E 415 -16.62 -33.62 -10.50
C ALA E 415 -15.11 -33.84 -10.51
N TYR E 416 -14.70 -34.99 -10.01
CA TYR E 416 -13.30 -35.35 -9.95
C TYR E 416 -12.87 -36.07 -11.22
N ALA E 417 -11.58 -36.02 -11.50
CA ALA E 417 -11.01 -36.68 -12.68
C ALA E 417 -9.80 -37.49 -12.26
N ILE E 418 -9.76 -38.75 -12.67
CA ILE E 418 -8.63 -39.64 -12.42
C ILE E 418 -7.68 -39.54 -13.59
N VAL E 419 -6.44 -39.17 -13.33
CA VAL E 419 -5.42 -39.01 -14.35
C VAL E 419 -4.29 -40.00 -14.04
N ARG E 420 -4.03 -40.90 -14.98
CA ARG E 420 -2.95 -41.88 -14.85
C ARG E 420 -1.81 -41.46 -15.75
N PHE E 421 -0.70 -41.07 -15.14
CA PHE E 421 0.50 -40.67 -15.87
C PHE E 421 1.42 -41.87 -16.05
N THR E 422 2.21 -41.83 -17.11
CA THR E 422 3.23 -42.83 -17.38
C THR E 422 4.58 -42.12 -17.37
N ILE E 423 5.17 -42.02 -16.18
CA ILE E 423 6.44 -41.33 -16.03
C ILE E 423 7.49 -42.00 -16.90
N ASN E 424 8.21 -41.21 -17.68
CA ASN E 424 9.25 -41.71 -18.58
C ASN E 424 10.45 -40.78 -18.47
N GLU E 425 11.45 -41.00 -19.32
CA GLU E 425 12.61 -40.13 -19.35
C GLU E 425 12.29 -38.77 -19.96
N ASN E 426 11.14 -38.61 -20.61
CA ASN E 426 10.70 -37.32 -21.13
C ASN E 426 9.77 -36.59 -20.15
N ARG E 427 8.75 -37.27 -19.63
CA ARG E 427 7.91 -36.72 -18.58
C ARG E 427 8.44 -37.24 -17.25
N THR E 428 9.46 -36.56 -16.75
CA THR E 428 10.19 -37.01 -15.57
C THR E 428 9.45 -36.76 -14.26
N GLU E 429 8.33 -36.05 -14.28
CA GLU E 429 7.63 -35.73 -13.05
C GLU E 429 6.14 -35.54 -13.35
N ILE E 430 5.37 -35.35 -12.30
CA ILE E 430 3.92 -35.16 -12.40
C ILE E 430 3.64 -33.66 -12.48
N PRO E 431 3.13 -33.15 -13.60
CA PRO E 431 2.87 -31.72 -13.70
C PRO E 431 1.47 -31.34 -13.23
N GLU E 432 1.38 -30.14 -12.67
CA GLU E 432 0.09 -29.65 -12.17
C GLU E 432 -0.93 -29.61 -13.29
N ILE E 433 -2.13 -30.12 -13.01
CA ILE E 433 -3.18 -30.30 -14.00
C ILE E 433 -4.25 -29.24 -13.78
N SER E 434 -4.70 -28.65 -14.89
CA SER E 434 -5.87 -27.77 -14.90
C SER E 434 -6.78 -28.21 -16.03
N ALA E 435 -8.06 -27.86 -15.92
CA ALA E 435 -9.05 -28.31 -16.89
C ALA E 435 -10.03 -27.18 -17.18
N GLU E 436 -10.67 -27.28 -18.35
CA GLU E 436 -11.73 -26.36 -18.74
C GLU E 436 -13.05 -27.10 -18.55
N VAL E 437 -13.81 -26.69 -17.54
CA VAL E 437 -15.03 -27.37 -17.17
C VAL E 437 -16.22 -26.48 -17.43
N GLN E 438 -17.30 -27.09 -17.92
CA GLN E 438 -18.58 -26.39 -17.97
C GLN E 438 -19.16 -26.27 -16.57
N GLY E 439 -20.02 -25.29 -16.39
CA GLY E 439 -20.51 -24.95 -15.06
C GLY E 439 -21.44 -26.01 -14.51
N LYS E 440 -21.82 -25.80 -13.25
CA LYS E 440 -22.80 -26.65 -12.62
C LYS E 440 -24.15 -26.52 -13.32
N LYS E 441 -24.90 -27.62 -13.35
CA LYS E 441 -26.27 -27.56 -13.83
C LYS E 441 -27.10 -26.65 -12.93
N VAL E 442 -27.86 -25.76 -13.53
CA VAL E 442 -28.57 -24.71 -12.81
C VAL E 442 -30.04 -24.73 -13.21
N LYS E 443 -30.91 -24.60 -12.22
CA LYS E 443 -32.35 -24.59 -12.47
C LYS E 443 -32.76 -23.27 -13.12
N VAL E 444 -33.57 -23.37 -14.17
CA VAL E 444 -34.17 -22.21 -14.81
C VAL E 444 -35.68 -22.36 -14.65
N TYR E 445 -36.31 -21.36 -14.03
CA TYR E 445 -37.73 -21.42 -13.70
C TYR E 445 -38.51 -20.65 -14.77
N ASN E 446 -39.18 -21.40 -15.65
CA ASN E 446 -40.06 -20.77 -16.63
C ASN E 446 -41.29 -20.20 -15.92
N SER E 447 -41.89 -19.19 -16.57
CA SER E 447 -43.00 -18.49 -15.95
C SER E 447 -44.21 -19.41 -15.77
N ASP E 448 -44.45 -20.33 -16.71
CA ASP E 448 -45.61 -21.20 -16.61
C ASP E 448 -45.57 -22.06 -15.36
N GLY E 449 -44.39 -22.50 -14.94
CA GLY E 449 -44.26 -23.33 -13.76
C GLY E 449 -43.24 -24.43 -13.94
N THR E 450 -43.10 -24.92 -15.17
CA THR E 450 -42.11 -25.95 -15.45
C THR E 450 -40.70 -25.40 -15.29
N ILE E 451 -39.80 -26.27 -14.82
CA ILE E 451 -38.40 -25.92 -14.63
C ILE E 451 -37.57 -26.79 -15.57
N LYS E 452 -36.28 -26.47 -15.64
CA LYS E 452 -35.34 -27.30 -16.39
C LYS E 452 -33.95 -27.05 -15.82
N ALA E 453 -33.29 -28.14 -15.42
CA ALA E 453 -31.96 -28.09 -14.83
C ALA E 453 -31.02 -29.04 -15.55
N ASP E 454 -31.20 -29.17 -16.86
CA ASP E 454 -30.43 -30.10 -17.65
C ASP E 454 -29.15 -29.51 -18.22
N LYS E 455 -28.90 -28.22 -18.01
CA LYS E 455 -27.70 -27.58 -18.51
C LYS E 455 -27.36 -26.39 -17.64
N THR E 456 -26.10 -25.96 -17.71
CA THR E 456 -25.68 -24.75 -17.04
C THR E 456 -26.18 -23.53 -17.80
N SER E 457 -26.29 -22.42 -17.08
CA SER E 457 -26.80 -21.18 -17.64
C SER E 457 -25.86 -20.03 -17.33
N LEU E 458 -25.74 -19.11 -18.27
CA LEU E 458 -24.91 -17.93 -18.12
C LEU E 458 -25.65 -16.77 -17.45
N ASN E 459 -26.96 -16.89 -17.27
CA ASN E 459 -27.73 -15.80 -16.69
C ASN E 459 -27.27 -15.53 -15.25
N GLY E 460 -27.05 -14.26 -14.95
CA GLY E 460 -26.61 -13.90 -13.60
C GLY E 460 -27.68 -14.15 -12.56
N ILE E 461 -28.93 -13.85 -12.89
CA ILE E 461 -30.01 -14.01 -11.91
C ILE E 461 -30.14 -15.46 -11.49
N TRP E 462 -30.14 -16.38 -12.46
CA TRP E 462 -30.33 -17.78 -12.13
C TRP E 462 -29.10 -18.37 -11.47
N GLN E 463 -27.90 -17.91 -11.84
CA GLN E 463 -26.71 -18.35 -11.12
C GLN E 463 -26.77 -17.93 -9.66
N LEU E 464 -27.17 -16.69 -9.40
CA LEU E 464 -27.31 -16.24 -8.02
C LEU E 464 -28.39 -17.04 -7.29
N MET E 465 -29.51 -17.31 -7.98
CA MET E 465 -30.57 -18.07 -7.34
C MET E 465 -30.09 -19.47 -6.95
N ASP E 466 -29.35 -20.13 -7.84
CA ASP E 466 -28.81 -21.44 -7.51
C ASP E 466 -27.82 -21.36 -6.36
N TYR E 467 -26.96 -20.34 -6.37
CA TYR E 467 -26.00 -20.19 -5.29
C TYR E 467 -26.69 -19.89 -3.96
N LEU E 468 -27.88 -19.31 -4.01
CA LEU E 468 -28.59 -18.90 -2.82
C LEU E 468 -29.64 -19.90 -2.37
N THR E 469 -29.73 -21.06 -3.00
CA THR E 469 -30.71 -22.07 -2.62
C THR E 469 -30.07 -23.43 -2.36
N SER E 470 -28.75 -23.50 -2.31
CA SER E 470 -28.05 -24.76 -2.04
C SER E 470 -27.45 -24.69 -0.65
N ASP E 471 -27.86 -25.64 0.20
CA ASP E 471 -27.35 -25.67 1.56
C ASP E 471 -25.92 -26.20 1.63
N ARG E 472 -25.55 -27.11 0.73
CA ARG E 472 -24.27 -27.80 0.88
C ARG E 472 -23.08 -26.91 0.50
N TYR E 473 -23.27 -25.94 -0.38
CA TYR E 473 -22.18 -25.05 -0.75
C TYR E 473 -22.58 -23.59 -0.88
N GLY E 474 -23.80 -23.22 -0.47
CA GLY E 474 -24.22 -21.84 -0.57
C GLY E 474 -24.99 -21.37 0.64
N ALA E 475 -25.83 -20.35 0.46
CA ALA E 475 -26.67 -19.85 1.54
C ALA E 475 -27.94 -20.68 1.61
N ASP E 476 -28.20 -21.24 2.79
CA ASP E 476 -29.37 -22.11 2.99
C ASP E 476 -30.61 -21.22 3.07
N ILE E 477 -31.05 -20.79 1.89
CA ILE E 477 -32.27 -20.00 1.75
C ILE E 477 -33.25 -20.83 0.96
N THR E 478 -34.40 -21.14 1.55
CA THR E 478 -35.39 -21.95 0.86
C THR E 478 -36.03 -21.16 -0.27
N LEU E 479 -36.45 -21.89 -1.30
CA LEU E 479 -37.09 -21.25 -2.44
C LEU E 479 -38.35 -20.50 -2.06
N ASP E 480 -38.96 -20.82 -0.91
CA ASP E 480 -40.19 -20.17 -0.51
C ASP E 480 -39.97 -18.79 0.08
N GLN E 481 -38.73 -18.30 0.11
CA GLN E 481 -38.43 -16.94 0.52
C GLN E 481 -38.07 -16.05 -0.67
N PHE E 482 -38.55 -16.40 -1.86
CA PHE E 482 -38.23 -15.68 -3.09
C PHE E 482 -39.51 -15.43 -3.87
N PRO E 483 -39.75 -14.21 -4.37
CA PRO E 483 -40.84 -14.01 -5.33
C PRO E 483 -40.45 -14.53 -6.70
N LEU E 484 -41.05 -15.65 -7.10
CA LEU E 484 -40.64 -16.31 -8.34
C LEU E 484 -40.89 -15.41 -9.54
N GLN E 485 -42.05 -14.77 -9.61
CA GLN E 485 -42.39 -13.99 -10.80
C GLN E 485 -41.43 -12.84 -11.00
N LYS E 486 -41.12 -12.10 -9.94
CA LYS E 486 -40.20 -10.97 -10.07
C LYS E 486 -38.80 -11.43 -10.46
N VAL E 487 -38.34 -12.53 -9.86
CA VAL E 487 -37.03 -13.06 -10.22
C VAL E 487 -37.00 -13.48 -11.68
N ILE E 488 -38.06 -14.12 -12.16
CA ILE E 488 -38.11 -14.55 -13.55
C ILE E 488 -38.11 -13.34 -14.48
N SER E 489 -38.87 -12.31 -14.14
CA SER E 489 -38.88 -11.11 -14.97
C SER E 489 -37.50 -10.48 -15.02
N GLU E 490 -36.81 -10.42 -13.88
CA GLU E 490 -35.45 -9.86 -13.88
C GLU E 490 -34.51 -10.71 -14.72
N ALA E 491 -34.64 -12.04 -14.63
CA ALA E 491 -33.81 -12.91 -15.45
C ALA E 491 -34.05 -12.64 -16.93
N LYS E 492 -35.32 -12.42 -17.31
CA LYS E 492 -35.60 -12.03 -18.68
C LYS E 492 -34.92 -10.70 -19.02
N ILE E 493 -34.96 -9.76 -18.09
CA ILE E 493 -34.33 -8.45 -18.33
C ILE E 493 -32.85 -8.63 -18.62
N LEU E 494 -32.19 -9.54 -17.91
CA LEU E 494 -30.78 -9.79 -18.16
C LEU E 494 -30.54 -10.69 -19.36
N ASP E 495 -31.60 -11.12 -20.07
CA ASP E 495 -31.48 -11.93 -21.27
C ASP E 495 -31.87 -11.16 -22.53
N ILE E 496 -32.01 -9.83 -22.43
CA ILE E 496 -32.34 -9.03 -23.60
C ILE E 496 -31.28 -9.21 -24.66
N ILE E 497 -31.71 -9.41 -25.90
CA ILE E 497 -30.76 -9.58 -27.00
C ILE E 497 -30.01 -8.29 -27.22
N ASP E 498 -28.69 -8.38 -27.31
CA ASP E 498 -27.83 -7.24 -27.58
C ASP E 498 -27.39 -7.29 -29.03
N GLU E 499 -27.51 -6.16 -29.73
CA GLU E 499 -27.32 -6.10 -31.17
C GLU E 499 -26.07 -5.30 -31.55
N SER E 500 -25.17 -5.06 -30.61
CA SER E 500 -23.97 -4.29 -30.90
C SER E 500 -22.91 -5.08 -31.66
N TYR E 501 -23.10 -6.38 -31.84
CA TYR E 501 -22.12 -7.21 -32.53
C TYR E 501 -22.80 -8.46 -33.07
N GLN E 502 -22.10 -9.14 -33.95
CA GLN E 502 -22.58 -10.37 -34.56
C GLN E 502 -21.99 -11.58 -33.84
N THR E 503 -22.62 -12.74 -34.07
CA THR E 503 -22.13 -13.97 -33.45
C THR E 503 -20.89 -14.50 -34.16
N SER E 504 -20.66 -14.08 -35.40
CA SER E 504 -19.49 -14.53 -36.14
C SER E 504 -18.22 -13.77 -35.77
N TRP E 505 -18.33 -12.71 -34.98
CA TRP E 505 -17.16 -11.92 -34.63
C TRP E 505 -16.32 -12.59 -33.53
N GLN E 506 -16.98 -13.34 -32.64
CA GLN E 506 -16.27 -14.03 -31.58
C GLN E 506 -15.98 -15.45 -32.03
N PRO E 507 -14.73 -15.80 -32.36
CA PRO E 507 -14.45 -17.15 -32.85
C PRO E 507 -14.49 -18.22 -31.77
N TYR E 508 -14.01 -17.91 -30.58
CA TYR E 508 -13.93 -18.90 -29.50
C TYR E 508 -15.28 -19.05 -28.80
N TRP E 509 -16.31 -19.33 -29.60
CA TRP E 509 -17.66 -19.40 -29.09
C TRP E 509 -17.82 -20.52 -28.07
N ARG E 510 -17.29 -21.71 -28.37
CA ARG E 510 -17.49 -22.84 -27.47
C ARG E 510 -16.91 -22.58 -26.09
N TYR E 511 -15.84 -21.79 -26.02
CA TYR E 511 -15.13 -21.56 -24.76
C TYR E 511 -15.46 -20.20 -24.15
N VAL E 512 -16.61 -19.63 -24.48
CA VAL E 512 -17.18 -18.50 -23.77
C VAL E 512 -18.58 -18.79 -23.28
N GLY E 513 -19.00 -20.05 -23.29
CA GLY E 513 -20.29 -20.45 -22.78
C GLY E 513 -21.37 -20.63 -23.83
N TRP E 514 -21.03 -20.56 -25.12
CA TRP E 514 -22.01 -20.70 -26.19
C TRP E 514 -22.09 -22.16 -26.59
N ASN E 515 -23.26 -22.77 -26.42
CA ASN E 515 -23.46 -24.18 -26.69
C ASN E 515 -23.78 -24.48 -28.15
N ASP E 516 -23.94 -23.45 -28.99
CA ASP E 516 -24.30 -23.66 -30.37
C ASP E 516 -23.66 -22.55 -31.20
N PRO E 517 -23.12 -22.86 -32.39
CA PRO E 517 -22.47 -21.83 -33.19
C PRO E 517 -23.42 -21.02 -34.08
N LEU E 518 -24.71 -21.36 -34.11
CA LEU E 518 -25.68 -20.66 -34.93
C LEU E 518 -26.79 -19.99 -34.13
N SER E 519 -27.36 -20.68 -33.15
CA SER E 519 -28.54 -20.17 -32.47
C SER E 519 -28.23 -18.89 -31.72
N GLU E 520 -29.23 -18.04 -31.59
CA GLU E 520 -29.09 -16.72 -30.98
C GLU E 520 -28.62 -16.84 -29.53
N ASN E 521 -27.42 -16.35 -29.25
CA ASN E 521 -26.88 -16.36 -27.89
C ASN E 521 -26.15 -15.05 -27.61
N ARG E 522 -26.74 -13.94 -28.06
CA ARG E 522 -26.23 -12.61 -27.75
C ARG E 522 -27.03 -12.06 -26.57
N GLN E 523 -26.81 -12.63 -25.40
CA GLN E 523 -27.44 -12.12 -24.19
C GLN E 523 -26.75 -10.84 -23.75
N ILE E 524 -27.51 -9.96 -23.12
CA ILE E 524 -26.96 -8.66 -22.73
C ILE E 524 -25.88 -8.84 -21.67
N VAL E 525 -26.03 -9.81 -20.77
CA VAL E 525 -25.01 -10.11 -19.77
C VAL E 525 -24.76 -11.61 -19.78
N GLN E 526 -23.49 -12.00 -19.70
CA GLN E 526 -23.09 -13.40 -19.68
C GLN E 526 -21.94 -13.55 -18.68
N LEU E 527 -22.19 -14.20 -17.57
CA LEU E 527 -21.21 -14.34 -16.50
C LEU E 527 -20.73 -15.78 -16.44
N ASN E 528 -19.43 -15.97 -16.67
CA ASN E 528 -18.77 -17.27 -16.47
C ASN E 528 -18.06 -17.18 -15.13
N THR E 529 -18.75 -17.63 -14.08
CA THR E 529 -18.34 -17.37 -12.71
C THR E 529 -17.57 -18.55 -12.13
N ILE E 530 -16.50 -18.24 -11.40
CA ILE E 530 -15.83 -19.18 -10.51
C ILE E 530 -16.10 -18.71 -9.10
N LEU E 531 -16.85 -19.49 -8.34
CA LEU E 531 -17.23 -19.13 -6.97
C LEU E 531 -16.29 -19.86 -6.02
N ASP E 532 -15.17 -19.22 -5.71
CA ASP E 532 -14.24 -19.78 -4.74
C ASP E 532 -14.88 -19.77 -3.36
N THR E 533 -15.29 -20.96 -2.88
CA THR E 533 -16.02 -21.05 -1.63
C THR E 533 -15.16 -20.72 -0.41
N SER E 534 -13.85 -20.58 -0.58
CA SER E 534 -13.00 -20.19 0.56
C SER E 534 -13.47 -18.86 1.14
N GLU E 535 -13.87 -17.93 0.29
CA GLU E 535 -14.31 -16.62 0.76
C GLU E 535 -15.73 -16.69 1.31
N SER E 536 -16.10 -15.66 2.06
CA SER E 536 -17.42 -15.59 2.66
C SER E 536 -18.50 -15.54 1.58
N VAL E 537 -19.63 -16.15 1.87
CA VAL E 537 -20.75 -16.12 0.92
C VAL E 537 -21.19 -14.69 0.67
N PHE E 538 -21.02 -13.81 1.66
CA PHE E 538 -21.28 -12.40 1.47
C PHE E 538 -20.48 -11.85 0.29
N LYS E 539 -19.17 -12.13 0.27
CA LYS E 539 -18.32 -11.63 -0.79
C LYS E 539 -18.68 -12.25 -2.13
N ASN E 540 -19.04 -13.53 -2.14
CA ASN E 540 -19.42 -14.18 -3.39
C ASN E 540 -20.69 -13.55 -3.97
N VAL E 541 -21.69 -13.33 -3.13
CA VAL E 541 -22.92 -12.72 -3.60
C VAL E 541 -22.65 -11.30 -4.10
N GLN E 542 -21.83 -10.55 -3.38
CA GLN E 542 -21.51 -9.20 -3.82
C GLN E 542 -20.77 -9.23 -5.16
N GLY E 543 -19.86 -10.18 -5.32
CA GLY E 543 -19.15 -10.28 -6.59
C GLY E 543 -20.04 -10.64 -7.75
N ILE E 544 -21.02 -11.53 -7.52
CA ILE E 544 -21.97 -11.85 -8.58
C ILE E 544 -22.82 -10.63 -8.91
N LEU E 545 -23.30 -9.93 -7.89
CA LEU E 545 -24.17 -8.78 -8.15
C LEU E 545 -23.43 -7.65 -8.83
N GLU E 546 -22.14 -7.47 -8.52
CA GLU E 546 -21.38 -6.41 -9.18
C GLU E 546 -21.16 -6.68 -10.66
N SER E 547 -21.41 -7.89 -11.14
CA SER E 547 -21.17 -8.19 -12.55
C SER E 547 -22.22 -7.52 -13.44
N PHE E 548 -23.49 -7.61 -13.08
CA PHE E 548 -24.56 -6.97 -13.84
C PHE E 548 -25.16 -5.77 -13.12
N GLY E 549 -24.53 -5.30 -12.04
CA GLY E 549 -25.02 -4.13 -11.33
C GLY E 549 -26.38 -4.32 -10.70
N GLY E 550 -26.67 -5.51 -10.20
CA GLY E 550 -27.91 -5.76 -9.51
C GLY E 550 -27.82 -5.38 -8.04
N ALA E 551 -28.88 -5.71 -7.30
CA ALA E 551 -28.93 -5.40 -5.89
C ALA E 551 -29.92 -6.35 -5.22
N ILE E 552 -29.52 -6.88 -4.06
CA ILE E 552 -30.35 -7.80 -3.28
C ILE E 552 -30.75 -7.08 -2.00
N ASN E 553 -32.06 -7.08 -1.72
CA ASN E 553 -32.60 -6.46 -0.52
C ASN E 553 -33.63 -7.40 0.08
N ASN E 554 -33.74 -7.40 1.40
CA ASN E 554 -34.70 -8.23 2.13
C ASN E 554 -35.44 -7.35 3.12
N LEU E 555 -36.53 -6.74 2.66
CA LEU E 555 -37.45 -5.99 3.50
C LEU E 555 -38.80 -6.68 3.46
N SER E 556 -39.38 -6.91 4.65
CA SER E 556 -40.65 -7.61 4.77
C SER E 556 -40.50 -9.11 4.56
N GLY E 557 -39.28 -9.61 4.70
CA GLY E 557 -39.04 -11.04 4.68
C GLY E 557 -38.87 -11.66 3.31
N GLU E 558 -39.11 -10.90 2.23
CA GLU E 558 -38.95 -11.39 0.87
C GLU E 558 -37.59 -10.94 0.35
N TYR E 559 -36.86 -11.85 -0.28
CA TYR E 559 -35.57 -11.53 -0.89
C TYR E 559 -35.82 -11.00 -2.30
N ARG E 560 -35.54 -9.73 -2.51
CA ARG E 560 -35.72 -9.09 -3.81
C ARG E 560 -34.36 -8.95 -4.48
N ILE E 561 -34.25 -9.49 -5.69
CA ILE E 561 -33.08 -9.31 -6.54
C ILE E 561 -33.52 -8.43 -7.70
N THR E 562 -32.99 -7.21 -7.77
CA THR E 562 -33.49 -6.22 -8.71
C THR E 562 -32.32 -5.49 -9.35
N VAL E 563 -32.60 -4.93 -10.53
CA VAL E 563 -31.60 -4.24 -11.34
C VAL E 563 -32.20 -2.92 -11.81
N GLU E 564 -31.39 -1.87 -11.81
CA GLU E 564 -31.84 -0.56 -12.28
C GLU E 564 -32.42 -0.71 -13.67
N LYS E 565 -33.73 -0.50 -13.81
CA LYS E 565 -34.39 -0.74 -15.08
C LYS E 565 -35.62 0.15 -15.20
N TYR E 566 -35.95 0.51 -16.43
CA TYR E 566 -37.12 1.33 -16.69
C TYR E 566 -38.40 0.55 -16.39
N SER E 567 -39.44 1.29 -15.99
CA SER E 567 -40.75 0.70 -15.71
C SER E 567 -41.82 1.56 -16.33
N THR E 568 -42.85 0.90 -16.88
CA THR E 568 -44.01 1.60 -17.43
C THR E 568 -45.13 1.74 -16.43
N ASN E 569 -44.97 1.23 -15.21
CA ASN E 569 -45.96 1.36 -14.14
C ASN E 569 -45.27 1.77 -12.85
N PRO E 570 -44.70 2.97 -12.80
CA PRO E 570 -44.09 3.44 -11.56
C PRO E 570 -45.13 3.86 -10.54
N LEU E 571 -44.73 3.88 -9.28
CA LEU E 571 -45.57 4.41 -8.23
C LEU E 571 -45.60 5.93 -8.33
N ARG E 572 -46.79 6.50 -8.34
CA ARG E 572 -46.96 7.95 -8.46
C ARG E 572 -46.98 8.56 -7.06
N ILE E 573 -46.07 9.51 -6.84
CA ILE E 573 -46.00 10.26 -5.59
C ILE E 573 -46.08 11.73 -5.93
N ASN E 574 -47.00 12.44 -5.27
CA ASN E 574 -47.09 13.88 -5.40
C ASN E 574 -46.44 14.54 -4.18
N PHE E 575 -45.89 15.73 -4.39
CA PHE E 575 -45.22 16.42 -3.30
C PHE E 575 -46.15 16.61 -2.11
N LEU E 576 -47.44 16.85 -2.36
CA LEU E 576 -48.37 17.06 -1.26
C LEU E 576 -48.55 15.81 -0.40
N ASP E 577 -48.22 14.64 -0.92
CA ASP E 577 -48.19 13.45 -0.08
C ASP E 577 -46.95 13.42 0.81
N THR E 578 -45.87 14.05 0.37
CA THR E 578 -44.65 14.15 1.16
C THR E 578 -44.94 14.87 2.47
N TYR E 579 -44.03 14.73 3.43
CA TYR E 579 -44.07 15.52 4.65
C TYR E 579 -43.64 16.96 4.41
N GLY E 580 -43.41 17.33 3.15
CA GLY E 580 -43.08 18.68 2.78
C GLY E 580 -41.60 19.00 2.80
N ASP E 581 -40.79 18.17 3.45
CA ASP E 581 -39.35 18.35 3.39
C ASP E 581 -38.83 17.81 2.06
N LEU E 582 -37.95 18.57 1.42
CA LEU E 582 -37.44 18.20 0.12
C LEU E 582 -35.99 18.65 0.02
N ASP E 583 -35.21 17.89 -0.76
CA ASP E 583 -33.79 18.19 -0.89
C ASP E 583 -33.30 17.60 -2.20
N LEU E 584 -33.05 18.45 -3.19
CA LEU E 584 -32.48 18.06 -4.47
C LEU E 584 -31.01 18.44 -4.48
N SER E 585 -30.15 17.46 -4.75
CA SER E 585 -28.72 17.67 -4.74
C SER E 585 -28.13 17.12 -6.02
N ASP E 586 -27.06 17.77 -6.50
CA ASP E 586 -26.40 17.40 -7.74
C ASP E 586 -25.10 16.69 -7.44
N THR E 587 -24.88 15.56 -8.11
CA THR E 587 -23.67 14.76 -7.92
C THR E 587 -22.97 14.46 -9.23
N THR E 588 -23.36 15.12 -10.33
CA THR E 588 -22.77 14.80 -11.62
C THR E 588 -21.29 15.09 -11.65
N GLY E 589 -20.87 16.22 -11.06
CA GLY E 589 -19.46 16.56 -11.06
C GLY E 589 -18.61 15.49 -10.39
N ARG E 590 -19.09 14.95 -9.28
CA ARG E 590 -18.32 13.92 -8.57
C ARG E 590 -18.36 12.58 -9.29
N ASN E 591 -19.49 12.23 -9.90
CA ASN E 591 -19.70 10.91 -10.47
C ASN E 591 -19.50 10.86 -11.97
N LYS E 592 -18.97 11.92 -12.58
CA LYS E 592 -18.64 11.87 -14.00
C LYS E 592 -17.53 10.85 -14.21
N PHE E 593 -17.74 9.94 -15.15
CA PHE E 593 -16.75 8.90 -15.48
C PHE E 593 -16.64 8.78 -16.98
N ASN E 594 -15.41 8.58 -17.46
CA ASN E 594 -15.16 8.55 -18.89
C ASN E 594 -14.18 7.47 -19.32
N SER E 595 -13.80 6.56 -18.43
CA SER E 595 -12.90 5.47 -18.80
C SER E 595 -13.06 4.35 -17.77
N VAL E 596 -12.61 3.16 -18.15
CA VAL E 596 -12.64 2.02 -17.24
C VAL E 596 -11.58 1.04 -17.69
N GLN E 597 -10.87 0.47 -16.72
CA GLN E 597 -9.84 -0.53 -16.98
C GLN E 597 -10.47 -1.91 -16.82
N ALA E 598 -10.41 -2.72 -17.87
CA ALA E 598 -11.02 -4.04 -17.90
C ALA E 598 -9.92 -5.08 -17.93
N SER E 599 -9.75 -5.79 -16.81
CA SER E 599 -8.82 -6.91 -16.73
C SER E 599 -9.65 -8.18 -16.81
N LEU E 600 -9.71 -8.77 -18.00
CA LEU E 600 -10.54 -9.92 -18.27
C LEU E 600 -9.72 -11.04 -18.88
N VAL E 601 -9.98 -12.27 -18.43
CA VAL E 601 -9.29 -13.44 -18.95
C VAL E 601 -9.90 -13.82 -20.30
N ASP E 602 -9.05 -13.92 -21.31
CA ASP E 602 -9.51 -14.16 -22.68
C ASP E 602 -9.21 -15.60 -23.06
N PRO E 603 -10.21 -16.45 -23.30
CA PRO E 603 -9.91 -17.86 -23.60
C PRO E 603 -9.11 -18.07 -24.87
N ALA E 604 -9.09 -17.10 -25.78
CA ALA E 604 -8.37 -17.29 -27.04
C ALA E 604 -6.91 -17.67 -26.79
N LEU E 605 -6.27 -16.94 -25.90
CA LEU E 605 -4.96 -17.31 -25.40
C LEU E 605 -5.10 -18.03 -24.06
N SER E 606 -4.12 -18.87 -23.74
CA SER E 606 -4.14 -19.60 -22.48
C SER E 606 -4.61 -18.66 -21.37
N TRP E 607 -5.60 -19.10 -20.60
CA TRP E 607 -6.41 -18.18 -19.83
C TRP E 607 -5.54 -17.24 -19.01
N LYS E 608 -5.52 -15.98 -19.38
CA LYS E 608 -4.68 -14.97 -18.75
C LYS E 608 -5.33 -13.61 -18.95
N THR E 609 -5.11 -12.73 -17.98
CA THR E 609 -5.74 -11.42 -17.99
C THR E 609 -5.20 -10.58 -19.14
N ASN E 610 -6.10 -9.85 -19.81
CA ASN E 610 -5.72 -8.80 -20.73
C ASN E 610 -6.09 -7.46 -20.11
N SER E 611 -5.09 -6.60 -19.91
CA SER E 611 -5.33 -5.27 -19.36
C SER E 611 -5.89 -4.40 -20.49
N ILE E 612 -7.21 -4.38 -20.61
CA ILE E 612 -7.91 -3.66 -21.66
C ILE E 612 -8.61 -2.46 -21.04
N THR E 613 -8.43 -1.30 -21.64
CA THR E 613 -9.02 -0.06 -21.14
C THR E 613 -10.10 0.40 -22.10
N PHE E 614 -11.32 0.56 -21.59
CA PHE E 614 -12.43 1.11 -22.36
C PHE E 614 -12.63 2.56 -21.95
N TYR E 615 -12.63 3.46 -22.93
CA TYR E 615 -12.84 4.87 -22.67
C TYR E 615 -13.78 5.43 -23.73
N ASN E 616 -14.47 6.50 -23.38
CA ASN E 616 -15.39 7.19 -24.26
C ASN E 616 -14.78 8.53 -24.63
N SER E 617 -14.43 8.69 -25.91
CA SER E 617 -13.69 9.88 -26.34
C SER E 617 -14.50 11.14 -26.08
N LYS E 618 -15.80 11.12 -26.38
CA LYS E 618 -16.62 12.31 -26.18
C LYS E 618 -16.63 12.74 -24.72
N PHE E 619 -16.77 11.78 -23.81
CA PHE E 619 -16.79 12.12 -22.39
C PHE E 619 -15.47 12.74 -21.96
N LYS E 620 -14.34 12.20 -22.44
CA LYS E 620 -13.05 12.79 -22.10
C LYS E 620 -12.94 14.21 -22.63
N GLU E 621 -13.43 14.46 -23.85
CA GLU E 621 -13.41 15.82 -24.37
C GLU E 621 -14.26 16.75 -23.50
N GLN E 622 -15.44 16.29 -23.09
CA GLN E 622 -16.25 17.09 -22.17
C GLN E 622 -15.53 17.27 -20.84
N ASP E 623 -14.84 16.23 -20.38
CA ASP E 623 -14.07 16.30 -19.15
C ASP E 623 -12.77 17.08 -19.32
N LYS E 624 -12.58 17.75 -20.45
CA LYS E 624 -11.36 18.50 -20.72
C LYS E 624 -10.15 17.58 -20.79
N GLY E 625 -10.34 16.36 -21.29
CA GLY E 625 -9.28 15.40 -21.42
C GLY E 625 -8.88 14.71 -20.14
N LEU E 626 -9.46 15.10 -19.01
CA LEU E 626 -9.09 14.50 -17.74
C LEU E 626 -9.61 13.07 -17.65
N ASP E 627 -8.79 12.18 -17.07
CA ASP E 627 -9.14 10.78 -16.97
C ASP E 627 -9.90 10.52 -15.68
N LYS E 628 -11.02 9.79 -15.80
CA LYS E 628 -11.86 9.44 -14.65
C LYS E 628 -12.29 8.00 -14.82
N LYS E 629 -11.72 7.10 -14.00
CA LYS E 629 -11.93 5.68 -14.12
C LYS E 629 -12.87 5.20 -13.01
N LEU E 630 -13.88 4.43 -13.38
CA LEU E 630 -14.76 3.78 -12.41
C LEU E 630 -14.36 2.32 -12.28
N GLN E 631 -14.21 1.86 -11.04
CA GLN E 631 -13.78 0.49 -10.80
C GLN E 631 -14.93 -0.45 -11.13
N LEU E 632 -14.74 -1.27 -12.17
CA LEU E 632 -15.77 -2.15 -12.68
C LEU E 632 -15.24 -3.57 -12.69
N SER E 633 -16.03 -4.50 -12.15
CA SER E 633 -15.58 -5.88 -12.00
C SER E 633 -15.78 -6.65 -13.31
N PHE E 634 -14.69 -7.13 -13.89
CA PHE E 634 -14.74 -7.97 -15.08
C PHE E 634 -14.27 -9.39 -14.79
N ALA E 635 -14.22 -9.78 -13.52
CA ALA E 635 -13.71 -11.09 -13.17
C ALA E 635 -14.59 -12.21 -13.71
N ASN E 636 -15.91 -12.00 -13.73
CA ASN E 636 -16.86 -13.05 -14.09
C ASN E 636 -17.23 -13.03 -15.57
N ILE E 637 -16.60 -12.18 -16.38
CA ILE E 637 -16.94 -12.03 -17.79
C ILE E 637 -15.75 -12.45 -18.63
N THR E 638 -15.97 -13.36 -19.57
CA THR E 638 -14.96 -13.79 -20.51
C THR E 638 -15.25 -13.38 -21.94
N ASN E 639 -16.49 -12.99 -22.24
CA ASN E 639 -16.84 -12.52 -23.57
C ASN E 639 -16.45 -11.05 -23.70
N TYR E 640 -15.57 -10.76 -24.66
CA TYR E 640 -15.09 -9.38 -24.79
C TYR E 640 -16.24 -8.42 -25.07
N TYR E 641 -17.16 -8.80 -25.95
CA TYR E 641 -18.19 -7.86 -26.38
C TYR E 641 -19.17 -7.55 -25.26
N THR E 642 -19.54 -8.56 -24.46
CA THR E 642 -20.40 -8.28 -23.32
C THR E 642 -19.72 -7.35 -22.34
N ALA E 643 -18.42 -7.55 -22.12
CA ALA E 643 -17.67 -6.65 -21.25
C ALA E 643 -17.67 -5.23 -21.80
N ARG E 644 -17.45 -5.08 -23.12
CA ARG E 644 -17.44 -3.76 -23.71
C ARG E 644 -18.79 -3.07 -23.60
N SER E 645 -19.86 -3.80 -23.89
CA SER E 645 -21.20 -3.21 -23.80
C SER E 645 -21.50 -2.81 -22.37
N TYR E 646 -21.13 -3.64 -21.40
CA TYR E 646 -21.31 -3.31 -19.99
C TYR E 646 -20.55 -2.05 -19.63
N ALA E 647 -19.30 -1.95 -20.07
CA ALA E 647 -18.50 -0.77 -19.76
C ALA E 647 -19.10 0.49 -20.37
N ASP E 648 -19.50 0.42 -21.64
CA ASP E 648 -20.09 1.58 -22.29
C ASP E 648 -21.40 1.97 -21.62
N ARG E 649 -22.21 0.98 -21.24
CA ARG E 649 -23.48 1.28 -20.58
C ARG E 649 -23.25 1.99 -19.25
N GLU E 650 -22.30 1.50 -18.45
CA GLU E 650 -22.02 2.16 -17.18
C GLU E 650 -21.46 3.56 -17.39
N LEU E 651 -20.56 3.73 -18.36
CA LEU E 651 -20.03 5.06 -18.62
C LEU E 651 -21.14 6.02 -19.01
N LYS E 652 -22.05 5.59 -19.88
CA LYS E 652 -23.19 6.44 -20.22
C LYS E 652 -24.03 6.75 -19.00
N LYS E 653 -24.32 5.74 -18.18
CA LYS E 653 -25.20 5.93 -17.03
C LYS E 653 -24.57 6.84 -15.97
N SER E 654 -23.26 7.02 -15.98
CA SER E 654 -22.57 7.83 -14.98
C SER E 654 -22.45 9.29 -15.38
N ARG E 655 -23.31 9.79 -16.27
CA ARG E 655 -23.21 11.15 -16.75
C ARG E 655 -24.26 12.09 -16.19
N TYR E 656 -25.40 11.58 -15.75
CA TYR E 656 -26.46 12.38 -15.15
C TYR E 656 -26.89 11.71 -13.86
N SER E 657 -26.85 12.43 -12.75
CA SER E 657 -27.18 11.84 -11.45
C SER E 657 -27.47 12.93 -10.45
N ARG E 658 -28.63 12.84 -9.81
CA ARG E 658 -29.01 13.70 -8.70
C ARG E 658 -29.58 12.83 -7.59
N THR E 659 -29.48 13.32 -6.36
CA THR E 659 -30.04 12.64 -5.21
C THR E 659 -31.18 13.48 -4.64
N LEU E 660 -32.36 12.89 -4.57
CA LEU E 660 -33.55 13.55 -4.04
C LEU E 660 -34.02 12.78 -2.83
N SER E 661 -34.07 13.45 -1.68
CA SER E 661 -34.43 12.81 -0.42
C SER E 661 -35.59 13.55 0.21
N PHE E 662 -36.63 12.81 0.59
CA PHE E 662 -37.77 13.37 1.29
C PHE E 662 -38.35 12.28 2.18
N SER E 663 -39.57 12.49 2.67
CA SER E 663 -40.23 11.55 3.55
C SER E 663 -41.66 11.32 3.08
N VAL E 664 -42.26 10.24 3.55
CA VAL E 664 -43.58 9.84 3.09
C VAL E 664 -44.33 9.19 4.25
N PRO E 665 -45.63 9.43 4.42
CA PRO E 665 -46.34 8.82 5.55
C PRO E 665 -46.43 7.30 5.45
N TYR E 666 -47.04 6.67 6.46
CA TYR E 666 -47.14 5.21 6.50
C TYR E 666 -48.05 4.65 5.42
N LYS E 667 -48.82 5.49 4.75
CA LYS E 667 -49.68 5.02 3.67
C LYS E 667 -48.87 4.26 2.63
N PHE E 668 -47.67 4.74 2.32
CA PHE E 668 -46.79 4.13 1.31
C PHE E 668 -45.84 3.12 1.93
N ILE E 669 -46.37 2.17 2.69
CA ILE E 669 -45.53 1.17 3.34
C ILE E 669 -45.17 0.08 2.35
N GLY E 670 -43.88 -0.24 2.26
CA GLY E 670 -43.42 -1.30 1.38
C GLY E 670 -42.71 -0.79 0.14
N ILE E 671 -41.93 0.27 0.28
CA ILE E 671 -41.16 0.83 -0.84
C ILE E 671 -39.77 0.22 -0.77
N GLU E 672 -39.53 -0.82 -1.57
CA GLU E 672 -38.24 -1.47 -1.58
C GLU E 672 -37.22 -0.58 -2.31
N PRO E 673 -35.93 -0.80 -2.05
CA PRO E 673 -34.91 -0.11 -2.84
C PRO E 673 -34.97 -0.50 -4.30
N ASN E 674 -34.56 0.43 -5.15
CA ASN E 674 -34.49 0.19 -6.60
C ASN E 674 -35.88 0.08 -7.20
N ASP E 675 -36.82 0.83 -6.65
CA ASP E 675 -38.21 0.82 -7.08
C ASP E 675 -38.49 2.03 -7.96
N PRO E 676 -39.37 1.90 -8.95
CA PRO E 676 -39.64 3.03 -9.86
C PRO E 676 -40.63 4.01 -9.26
N ILE E 677 -40.21 5.26 -9.10
CA ILE E 677 -41.03 6.32 -8.52
C ILE E 677 -41.32 7.35 -9.58
N ALA E 678 -42.58 7.72 -9.73
CA ALA E 678 -43.01 8.78 -10.64
C ALA E 678 -43.42 9.98 -9.79
N PHE E 679 -42.45 10.86 -9.52
CA PHE E 679 -42.66 11.98 -8.62
C PHE E 679 -43.15 13.19 -9.41
N THR E 680 -44.35 13.66 -9.10
CA THR E 680 -44.96 14.80 -9.77
C THR E 680 -45.00 15.99 -8.82
N TYR E 681 -44.52 17.14 -9.29
CA TYR E 681 -44.45 18.35 -8.47
C TYR E 681 -44.48 19.55 -9.40
N GLU E 682 -45.65 20.19 -9.50
CA GLU E 682 -45.87 21.16 -10.57
C GLU E 682 -45.01 22.41 -10.41
N ARG E 683 -44.67 22.78 -9.18
CA ARG E 683 -43.89 24.00 -8.98
C ARG E 683 -42.54 23.90 -9.69
N TYR E 684 -41.89 22.74 -9.60
CA TYR E 684 -40.60 22.53 -10.24
C TYR E 684 -40.73 22.31 -11.75
N GLY E 685 -41.92 21.98 -12.24
CA GLY E 685 -42.08 21.54 -13.61
C GLY E 685 -42.02 20.05 -13.80
N TRP E 686 -42.11 19.28 -12.71
CA TRP E 686 -42.05 17.82 -12.79
C TRP E 686 -43.46 17.26 -12.91
N LYS E 687 -43.70 16.48 -13.96
CA LYS E 687 -44.94 15.73 -14.13
C LYS E 687 -44.57 14.27 -14.29
N ASP E 688 -44.65 13.52 -13.20
CA ASP E 688 -44.34 12.09 -13.21
C ASP E 688 -42.91 11.85 -13.68
N LYS E 689 -41.97 12.66 -13.19
CA LYS E 689 -40.56 12.43 -13.46
C LYS E 689 -40.16 11.07 -12.91
N PHE E 690 -39.32 10.35 -13.65
CA PHE E 690 -38.95 8.99 -13.30
C PHE E 690 -37.72 9.00 -12.40
N PHE E 691 -37.86 8.42 -11.21
CA PHE E 691 -36.76 8.25 -10.26
C PHE E 691 -36.64 6.77 -9.89
N LEU E 692 -35.58 6.45 -9.18
CA LEU E 692 -35.38 5.11 -8.64
C LEU E 692 -34.98 5.20 -7.18
N VAL E 693 -35.65 4.43 -6.34
CA VAL E 693 -35.39 4.46 -4.90
C VAL E 693 -33.99 3.93 -4.63
N ASP E 694 -33.16 4.76 -4.02
CA ASP E 694 -31.80 4.35 -3.65
C ASP E 694 -31.71 3.89 -2.20
N GLU E 695 -32.41 4.56 -1.29
CA GLU E 695 -32.32 4.28 0.14
C GLU E 695 -33.71 4.43 0.75
N VAL E 696 -34.13 3.42 1.49
CA VAL E 696 -35.41 3.44 2.19
C VAL E 696 -35.17 3.09 3.64
N GLU E 697 -35.70 3.91 4.55
CA GLU E 697 -35.58 3.68 5.98
C GLU E 697 -36.98 3.62 6.57
N ASN E 698 -37.24 2.58 7.36
CA ASN E 698 -38.53 2.40 8.02
C ASN E 698 -38.38 2.77 9.48
N THR E 699 -39.24 3.66 9.96
CA THR E 699 -39.24 4.08 11.35
C THR E 699 -40.45 3.49 12.06
N ARG E 700 -40.31 3.26 13.36
CA ARG E 700 -41.41 2.72 14.14
C ARG E 700 -42.62 3.64 14.17
N ASP E 701 -42.41 4.95 13.98
CA ASP E 701 -43.52 5.89 13.95
C ASP E 701 -44.33 5.79 12.67
N GLY E 702 -43.75 5.26 11.60
CA GLY E 702 -44.40 5.18 10.31
C GLY E 702 -43.76 6.04 9.25
N LYS E 703 -43.02 7.07 9.64
CA LYS E 703 -42.32 7.90 8.68
C LYS E 703 -41.34 7.05 7.88
N ILE E 704 -41.47 7.10 6.55
CA ILE E 704 -40.65 6.29 5.65
C ILE E 704 -39.72 7.25 4.92
N ASN E 705 -38.50 7.41 5.43
CA ASN E 705 -37.52 8.24 4.77
C ASN E 705 -37.10 7.62 3.44
N LEU E 706 -36.86 8.47 2.44
CA LEU E 706 -36.47 8.03 1.12
C LEU E 706 -35.31 8.87 0.62
N VAL E 707 -34.50 8.27 -0.25
CA VAL E 707 -33.46 8.96 -1.00
C VAL E 707 -33.58 8.48 -2.43
N LEU E 708 -34.29 9.22 -3.27
CA LEU E 708 -34.45 8.83 -4.66
C LEU E 708 -33.19 9.20 -5.45
N GLN E 709 -33.09 8.60 -6.63
CA GLN E 709 -32.00 8.86 -7.56
C GLN E 709 -32.58 9.25 -8.91
N GLU E 710 -31.94 10.21 -9.57
CA GLU E 710 -32.35 10.66 -10.90
C GLU E 710 -31.32 10.26 -11.93
N TYR E 711 -31.79 9.78 -13.07
CA TYR E 711 -30.94 9.29 -14.15
C TYR E 711 -31.23 10.04 -15.44
N GLY E 712 -30.27 10.02 -16.34
CA GLY E 712 -30.47 10.60 -17.65
C GLY E 712 -31.49 9.81 -18.44
N GLU E 713 -31.86 10.36 -19.59
CA GLU E 713 -32.85 9.70 -20.43
C GLU E 713 -32.28 8.42 -21.04
N ASP E 714 -33.15 7.41 -21.12
CA ASP E 714 -32.86 6.13 -21.77
C ASP E 714 -31.45 5.61 -21.48
N VAL E 715 -31.01 5.70 -20.22
CA VAL E 715 -29.72 5.16 -19.82
C VAL E 715 -29.83 3.78 -19.20
N PHE E 716 -31.04 3.25 -19.03
CA PHE E 716 -31.21 1.95 -18.40
C PHE E 716 -30.99 0.82 -19.41
N ILE E 717 -30.84 -0.39 -18.86
CA ILE E 717 -30.61 -1.55 -19.70
C ILE E 717 -31.82 -1.86 -20.58
N ASN E 718 -33.02 -1.47 -20.14
CA ASN E 718 -34.24 -1.89 -20.81
C ASN E 718 -34.34 -1.38 -22.24
N SER E 719 -34.42 -0.06 -22.43
CA SER E 719 -34.74 0.51 -23.73
C SER E 719 -33.84 1.69 -24.04
N GLU E 720 -33.65 1.93 -25.34
CA GLU E 720 -32.97 3.12 -25.85
C GLU E 720 -33.79 3.68 -27.00
N MET F 1 1.48 41.67 -2.95
CA MET F 1 0.20 42.36 -2.60
C MET F 1 -0.30 43.17 -3.79
N LYS F 2 -1.62 43.19 -3.96
CA LYS F 2 -2.25 43.91 -5.06
C LYS F 2 -2.46 45.36 -4.63
N LYS F 3 -1.72 46.27 -5.25
CA LYS F 3 -1.92 47.69 -4.98
C LYS F 3 -3.27 48.14 -5.52
N ILE F 4 -3.82 49.18 -4.90
CA ILE F 4 -5.08 49.76 -5.32
C ILE F 4 -4.87 51.25 -5.57
N LEU F 5 -5.83 51.86 -6.26
CA LEU F 5 -5.73 53.26 -6.58
C LEU F 5 -5.57 54.08 -5.30
N ASP F 6 -4.84 55.20 -5.43
CA ASP F 6 -4.66 56.08 -4.27
C ASP F 6 -6.00 56.62 -3.79
N SER F 7 -6.87 57.02 -4.73
CA SER F 7 -8.20 57.47 -4.35
C SER F 7 -8.95 56.37 -3.62
N ALA F 8 -8.72 55.11 -3.97
CA ALA F 8 -9.38 54.02 -3.27
C ALA F 8 -8.96 53.99 -1.81
N LYS F 9 -7.65 54.10 -1.55
CA LYS F 9 -7.18 54.12 -0.16
C LYS F 9 -7.75 55.32 0.58
N ASN F 10 -7.76 56.49 -0.05
CA ASN F 10 -8.28 57.68 0.61
C ASN F 10 -9.75 57.51 0.97
N TYR F 11 -10.56 56.99 0.04
CA TYR F 11 -11.97 56.77 0.31
C TYR F 11 -12.17 55.75 1.41
N LEU F 12 -11.43 54.64 1.37
CA LEU F 12 -11.60 53.61 2.37
C LEU F 12 -11.23 54.12 3.76
N ASN F 13 -10.14 54.88 3.87
CA ASN F 13 -9.77 55.43 5.16
C ASN F 13 -10.77 56.46 5.65
N THR F 14 -11.21 57.36 4.77
CA THR F 14 -12.04 58.48 5.20
C THR F 14 -13.49 58.06 5.47
N HIS F 15 -14.02 57.14 4.68
CA HIS F 15 -15.44 56.80 4.75
C HIS F 15 -15.63 55.55 5.61
N ASP F 16 -16.54 55.64 6.57
CA ASP F 16 -16.83 54.54 7.48
C ASP F 16 -17.99 53.68 7.03
N LYS F 17 -18.91 54.23 6.25
CA LYS F 17 -20.09 53.49 5.76
C LYS F 17 -19.86 53.15 4.30
N LEU F 18 -19.46 51.91 4.04
CA LEU F 18 -19.20 51.44 2.68
C LEU F 18 -20.42 50.69 2.17
N LYS F 19 -20.92 51.11 1.00
CA LYS F 19 -22.08 50.49 0.37
C LYS F 19 -21.58 49.55 -0.71
N THR F 20 -21.16 48.35 -0.30
CA THR F 20 -20.60 47.39 -1.23
C THR F 20 -21.71 46.70 -2.03
N ALA F 21 -21.31 46.07 -3.12
CA ALA F 21 -22.21 45.29 -3.95
C ALA F 21 -21.40 44.28 -4.74
N CYS F 22 -21.95 43.09 -4.90
CA CYS F 22 -21.32 42.03 -5.67
C CYS F 22 -22.06 41.92 -7.00
N LEU F 23 -21.32 42.01 -8.11
CA LEU F 23 -21.90 42.07 -9.44
C LEU F 23 -21.63 40.74 -10.15
N ILE F 24 -22.51 39.78 -9.97
CA ILE F 24 -22.35 38.47 -10.57
C ILE F 24 -22.65 38.56 -12.05
N ALA F 25 -21.73 38.06 -12.87
CA ALA F 25 -21.90 37.96 -14.33
C ALA F 25 -21.83 36.49 -14.68
N LEU F 26 -22.98 35.82 -14.61
CA LEU F 26 -23.05 34.38 -14.77
C LEU F 26 -23.25 34.01 -16.24
N GLU F 27 -22.58 32.94 -16.66
CA GLU F 27 -22.73 32.45 -18.03
C GLU F 27 -23.96 31.56 -18.13
N LEU F 28 -24.54 31.50 -19.32
CA LEU F 28 -25.80 30.82 -19.55
C LEU F 28 -25.62 29.82 -20.69
N PRO F 29 -26.12 28.59 -20.54
CA PRO F 29 -25.87 27.57 -21.57
C PRO F 29 -26.68 27.81 -22.83
N SER F 30 -26.21 27.21 -23.92
CA SER F 30 -26.91 27.26 -25.19
C SER F 30 -26.60 25.99 -25.97
N SER F 31 -27.53 25.61 -26.85
CA SER F 31 -27.37 24.37 -27.60
C SER F 31 -26.13 24.42 -28.50
N SER F 32 -26.02 25.47 -29.31
CA SER F 32 -24.92 25.61 -30.26
C SER F 32 -23.90 26.61 -29.73
N GLY F 33 -22.62 26.29 -29.93
CA GLY F 33 -21.56 27.16 -29.46
C GLY F 33 -21.55 28.53 -30.12
N SER F 34 -22.26 28.69 -31.23
CA SER F 34 -22.34 29.97 -31.90
C SER F 34 -23.33 30.93 -31.24
N ALA F 35 -24.02 30.49 -30.19
CA ALA F 35 -24.91 31.34 -29.41
C ALA F 35 -24.38 31.44 -27.99
N ALA F 36 -24.29 32.67 -27.47
CA ALA F 36 -23.82 32.90 -26.11
C ALA F 36 -24.68 33.98 -25.46
N THR F 37 -24.93 33.81 -24.16
CA THR F 37 -25.73 34.77 -23.40
C THR F 37 -25.25 34.79 -21.97
N TYR F 38 -25.53 35.88 -21.28
CA TYR F 38 -25.11 36.09 -19.90
C TYR F 38 -26.27 36.63 -19.09
N ILE F 39 -26.41 36.15 -17.86
CA ILE F 39 -27.39 36.66 -16.91
C ILE F 39 -26.63 37.38 -15.79
N TYR F 40 -26.94 38.66 -15.59
CA TYR F 40 -26.25 39.49 -14.63
C TYR F 40 -27.11 39.67 -13.39
N LEU F 41 -26.47 39.65 -12.23
CA LEU F 41 -27.16 39.70 -10.95
C LEU F 41 -26.33 40.50 -9.97
N THR F 42 -26.98 40.98 -8.91
CA THR F 42 -26.30 41.67 -7.83
C THR F 42 -27.18 41.63 -6.60
N ASP F 43 -26.55 41.77 -5.43
CA ASP F 43 -27.26 41.80 -4.16
C ASP F 43 -27.57 43.21 -3.70
N TYR F 44 -27.20 44.22 -4.47
CA TYR F 44 -27.52 45.60 -4.13
C TYR F 44 -29.03 45.82 -4.26
N PHE F 45 -29.54 46.79 -3.50
CA PHE F 45 -30.98 47.02 -3.51
C PHE F 45 -31.48 47.59 -4.82
N ARG F 46 -30.60 48.11 -5.67
CA ARG F 46 -30.98 48.63 -6.98
C ARG F 46 -30.03 48.09 -8.03
N ASP F 47 -30.56 47.93 -9.25
CA ASP F 47 -29.74 47.47 -10.36
C ASP F 47 -28.56 48.42 -10.57
N VAL F 48 -27.38 47.84 -10.76
CA VAL F 48 -26.14 48.58 -10.92
C VAL F 48 -25.69 48.47 -12.37
N THR F 49 -25.40 49.61 -12.99
CA THR F 49 -24.95 49.66 -14.38
C THR F 49 -23.44 49.92 -14.40
N TYR F 50 -22.70 48.97 -14.95
CA TYR F 50 -21.26 49.10 -15.11
C TYR F 50 -20.85 48.70 -16.52
N ASN F 51 -20.10 49.57 -17.19
CA ASN F 51 -19.65 49.33 -18.55
C ASN F 51 -20.83 49.02 -19.46
N GLY F 52 -21.93 49.71 -19.25
CA GLY F 52 -23.13 49.47 -20.03
C GLY F 52 -23.70 48.08 -19.87
N ILE F 53 -23.51 47.46 -18.71
CA ILE F 53 -24.07 46.16 -18.40
C ILE F 53 -24.99 46.34 -17.20
N LEU F 54 -26.27 45.99 -17.38
CA LEU F 54 -27.28 46.22 -16.35
C LEU F 54 -27.35 45.00 -15.45
N TYR F 55 -26.69 45.08 -14.30
CA TYR F 55 -26.69 43.99 -13.34
C TYR F 55 -28.01 44.02 -12.56
N ARG F 56 -28.95 43.18 -12.96
CA ARG F 56 -30.23 43.11 -12.28
C ARG F 56 -30.02 42.77 -10.81
N SER F 57 -31.08 42.95 -10.02
CA SER F 57 -31.01 42.73 -8.59
C SER F 57 -32.26 42.00 -8.12
N GLY F 58 -32.22 41.54 -6.88
CA GLY F 58 -33.38 40.93 -6.25
C GLY F 58 -33.43 39.41 -6.30
N LYS F 59 -32.34 38.74 -6.65
CA LYS F 59 -32.35 37.29 -6.71
C LYS F 59 -31.19 36.67 -5.94
N VAL F 60 -30.06 37.36 -5.87
CA VAL F 60 -28.90 36.85 -5.14
C VAL F 60 -29.13 37.08 -3.66
N LYS F 61 -29.21 35.99 -2.90
CA LYS F 61 -29.47 36.10 -1.47
C LYS F 61 -28.18 36.36 -0.70
N SER F 62 -27.21 35.45 -0.83
CA SER F 62 -25.96 35.57 -0.08
C SER F 62 -24.84 34.90 -0.86
N ILE F 63 -23.61 35.29 -0.52
CA ILE F 63 -22.41 34.76 -1.16
C ILE F 63 -21.50 34.24 -0.05
N SER F 64 -20.81 33.13 -0.33
CA SER F 64 -19.85 32.59 0.62
C SER F 64 -18.56 33.39 0.53
N SER F 65 -17.50 32.90 1.17
CA SER F 65 -16.23 33.59 1.25
C SER F 65 -15.17 32.87 0.41
N HIS F 66 -14.22 33.64 -0.10
CA HIS F 66 -13.16 33.13 -0.95
C HIS F 66 -11.91 32.93 -0.10
N LYS F 67 -11.49 31.67 0.05
CA LYS F 67 -10.32 31.32 0.84
C LYS F 67 -9.23 30.75 -0.06
N GLN F 68 -7.99 31.18 0.17
CA GLN F 68 -6.88 30.77 -0.66
C GLN F 68 -5.60 30.85 0.14
N ASN F 69 -4.78 29.79 0.08
CA ASN F 69 -3.54 29.73 0.86
C ASN F 69 -2.35 29.46 -0.06
N ARG F 70 -1.18 29.20 0.53
CA ARG F 70 0.04 29.07 -0.24
C ARG F 70 0.14 27.76 -1.00
N GLN F 71 -0.74 26.81 -0.75
CA GLN F 71 -0.74 25.53 -1.45
C GLN F 71 -1.73 25.57 -2.60
N LEU F 72 -1.28 25.12 -3.77
CA LEU F 72 -2.12 25.16 -4.96
C LEU F 72 -3.26 24.16 -4.81
N SER F 73 -4.48 24.66 -4.72
CA SER F 73 -5.66 23.81 -4.59
C SER F 73 -6.84 24.52 -5.23
N ILE F 74 -7.84 23.73 -5.63
CA ILE F 74 -8.99 24.24 -6.37
C ILE F 74 -9.98 24.79 -5.35
N GLY F 75 -9.88 26.10 -5.08
CA GLY F 75 -10.79 26.73 -4.15
C GLY F 75 -12.22 26.70 -4.63
N SER F 76 -13.14 26.90 -3.70
CA SER F 76 -14.57 26.78 -3.96
C SER F 76 -15.31 27.97 -3.36
N LEU F 77 -16.45 28.28 -3.97
CA LEU F 77 -17.31 29.36 -3.51
C LEU F 77 -18.75 29.02 -3.86
N SER F 78 -19.66 29.33 -2.93
CA SER F 78 -21.07 29.02 -3.11
C SER F 78 -21.91 30.26 -2.81
N PHE F 79 -22.80 30.59 -3.73
CA PHE F 79 -23.73 31.69 -3.56
C PHE F 79 -25.15 31.17 -3.73
N THR F 80 -26.07 31.65 -2.89
CA THR F 80 -27.44 31.18 -2.89
C THR F 80 -28.32 32.12 -3.71
N ILE F 81 -29.36 31.54 -4.29
CA ILE F 81 -30.36 32.28 -5.05
C ILE F 81 -31.72 32.01 -4.41
N THR F 82 -32.55 33.05 -4.34
CA THR F 82 -33.86 32.89 -3.74
C THR F 82 -34.64 31.81 -4.48
N GLY F 83 -35.17 30.85 -3.73
CA GLY F 83 -35.92 29.76 -4.31
C GLY F 83 -37.36 30.08 -4.62
N THR F 84 -37.79 31.31 -4.37
CA THR F 84 -39.14 31.73 -4.68
C THR F 84 -39.27 32.28 -6.09
N ALA F 85 -38.17 32.73 -6.68
CA ALA F 85 -38.21 33.17 -8.07
C ALA F 85 -38.46 31.97 -8.97
N GLU F 86 -39.35 32.13 -9.95
CA GLU F 86 -39.69 31.01 -10.82
C GLU F 86 -38.57 30.72 -11.81
N ASP F 87 -37.97 31.77 -12.38
CA ASP F 87 -36.90 31.57 -13.35
C ASP F 87 -35.81 30.68 -12.79
N GLU F 88 -35.34 30.99 -11.59
CA GLU F 88 -34.17 30.30 -11.05
C GLU F 88 -34.51 28.89 -10.61
N VAL F 89 -35.70 28.68 -10.03
CA VAL F 89 -36.08 27.33 -9.65
C VAL F 89 -36.19 26.45 -10.89
N LEU F 90 -36.84 26.95 -11.94
CA LEU F 90 -36.91 26.17 -13.17
C LEU F 90 -35.53 25.89 -13.74
N LYS F 91 -34.68 26.92 -13.79
CA LYS F 91 -33.34 26.74 -14.34
C LYS F 91 -32.57 25.66 -13.59
N LEU F 92 -32.52 25.77 -12.26
CA LEU F 92 -31.77 24.78 -11.50
C LEU F 92 -32.36 23.39 -11.64
N VAL F 93 -33.69 23.27 -11.54
CA VAL F 93 -34.30 21.94 -11.50
C VAL F 93 -34.15 21.24 -12.84
N GLN F 94 -34.50 21.92 -13.93
CA GLN F 94 -34.59 21.27 -15.24
C GLN F 94 -33.36 21.49 -16.11
N ASN F 95 -32.38 22.27 -15.66
CA ASN F 95 -31.16 22.47 -16.42
C ASN F 95 -29.92 22.54 -15.53
N GLY F 96 -30.05 22.26 -14.24
CA GLY F 96 -28.94 22.43 -13.32
C GLY F 96 -27.75 21.53 -13.61
N VAL F 97 -27.93 20.51 -14.45
CA VAL F 97 -26.81 19.66 -14.83
C VAL F 97 -26.15 20.19 -16.10
N SER F 98 -26.89 20.92 -16.93
CA SER F 98 -26.30 21.55 -18.10
C SER F 98 -25.50 22.80 -17.75
N PHE F 99 -25.62 23.31 -16.52
CA PHE F 99 -24.84 24.46 -16.09
C PHE F 99 -23.41 24.08 -15.70
N LEU F 100 -23.11 22.80 -15.55
CA LEU F 100 -21.78 22.39 -15.13
C LEU F 100 -20.74 22.95 -16.09
N ASP F 101 -19.64 23.46 -15.52
CA ASP F 101 -18.54 24.02 -16.30
C ASP F 101 -19.00 25.22 -17.12
N ARG F 102 -19.67 26.15 -16.44
CA ARG F 102 -20.07 27.42 -17.04
C ARG F 102 -19.50 28.56 -16.21
N GLY F 103 -18.94 29.56 -16.88
CA GLY F 103 -18.19 30.58 -16.19
C GLY F 103 -19.04 31.42 -15.26
N ILE F 104 -18.36 32.12 -14.36
CA ILE F 104 -19.01 33.05 -13.44
C ILE F 104 -17.95 34.01 -12.95
N THR F 105 -18.32 35.29 -12.88
CA THR F 105 -17.41 36.34 -12.42
C THR F 105 -18.15 37.22 -11.43
N ILE F 106 -17.53 37.47 -10.27
CA ILE F 106 -18.11 38.28 -9.21
C ILE F 106 -17.15 39.41 -8.90
N HIS F 107 -17.67 40.63 -8.86
CA HIS F 107 -16.89 41.83 -8.61
C HIS F 107 -17.33 42.45 -7.29
N GLN F 108 -16.37 42.71 -6.41
CA GLN F 108 -16.62 43.45 -5.17
C GLN F 108 -16.58 44.93 -5.52
N ALA F 109 -17.76 45.56 -5.58
CA ALA F 109 -17.90 46.94 -6.03
C ALA F 109 -18.32 47.83 -4.88
N ILE F 110 -17.60 48.93 -4.68
CA ILE F 110 -17.95 49.93 -3.69
C ILE F 110 -18.75 51.02 -4.38
N ILE F 111 -19.95 51.28 -3.88
CA ILE F 111 -20.85 52.26 -4.49
C ILE F 111 -20.56 53.62 -3.88
N ASN F 112 -20.33 54.61 -4.72
CA ASN F 112 -20.02 55.95 -4.27
C ASN F 112 -21.24 56.58 -3.62
N GLU F 113 -21.08 57.80 -3.11
CA GLU F 113 -22.20 58.53 -2.55
C GLU F 113 -23.15 59.02 -3.63
N GLU F 114 -22.67 59.19 -4.86
CA GLU F 114 -23.50 59.58 -5.99
C GLU F 114 -24.07 58.38 -6.72
N GLY F 115 -23.96 57.19 -6.15
CA GLY F 115 -24.46 55.98 -6.78
C GLY F 115 -23.53 55.37 -7.81
N ASN F 116 -22.42 56.03 -8.13
CA ASN F 116 -21.45 55.48 -9.06
C ASN F 116 -20.57 54.46 -8.35
N ILE F 117 -19.77 53.75 -9.15
CA ILE F 117 -18.86 52.74 -8.63
C ILE F 117 -17.49 53.36 -8.48
N LEU F 118 -16.95 53.33 -7.27
CA LEU F 118 -15.68 53.97 -6.99
C LEU F 118 -14.55 53.20 -7.66
N PRO F 119 -13.74 53.84 -8.53
CA PRO F 119 -12.68 53.09 -9.20
C PRO F 119 -11.63 52.64 -8.20
N VAL F 120 -11.41 51.33 -8.13
CA VAL F 120 -10.49 50.74 -7.17
C VAL F 120 -9.32 50.12 -7.90
N ASP F 121 -9.61 49.15 -8.77
CA ASP F 121 -8.57 48.45 -9.49
C ASP F 121 -7.88 49.41 -10.45
N PRO F 122 -6.57 49.65 -10.33
CA PRO F 122 -5.91 50.61 -11.23
C PRO F 122 -5.68 50.08 -12.64
N ASP F 123 -5.99 48.81 -12.90
CA ASP F 123 -5.79 48.27 -14.25
C ASP F 123 -6.90 48.74 -15.18
N THR F 124 -8.13 48.87 -14.67
CA THR F 124 -9.26 49.27 -15.49
C THR F 124 -10.12 50.33 -14.82
N ASP F 125 -9.71 50.84 -13.66
CA ASP F 125 -10.48 51.84 -12.92
C ASP F 125 -11.88 51.33 -12.59
N GLY F 126 -12.00 50.04 -12.32
CA GLY F 126 -13.28 49.43 -12.04
C GLY F 126 -13.31 48.78 -10.67
N PRO F 127 -14.28 47.89 -10.46
CA PRO F 127 -14.32 47.14 -9.21
C PRO F 127 -13.14 46.19 -9.09
N LEU F 128 -12.83 45.84 -7.85
CA LEU F 128 -11.79 44.86 -7.57
C LEU F 128 -12.40 43.46 -7.66
N LEU F 129 -11.92 42.66 -8.60
CA LEU F 129 -12.51 41.35 -8.84
C LEU F 129 -12.45 40.51 -7.58
N PHE F 130 -13.54 39.79 -7.31
CA PHE F 130 -13.68 38.98 -6.10
C PHE F 130 -13.56 37.49 -6.36
N PHE F 131 -14.04 37.01 -7.49
CA PHE F 131 -14.02 35.58 -7.78
C PHE F 131 -14.24 35.36 -9.26
N ARG F 132 -13.68 34.28 -9.77
CA ARG F 132 -13.88 33.87 -11.15
C ARG F 132 -13.71 32.37 -11.22
N GLY F 133 -14.46 31.72 -12.11
CA GLY F 133 -14.38 30.28 -12.22
C GLY F 133 -15.62 29.71 -12.88
N ARG F 134 -15.83 28.42 -12.65
CA ARG F 134 -16.89 27.67 -13.31
C ARG F 134 -17.76 26.97 -12.28
N ILE F 135 -19.03 26.80 -12.63
CA ILE F 135 -19.98 26.13 -11.73
C ILE F 135 -19.66 24.64 -11.67
N THR F 136 -20.02 24.02 -10.56
CA THR F 136 -19.92 22.57 -10.38
C THR F 136 -21.08 22.14 -9.48
N GLY F 137 -22.18 21.74 -10.10
CA GLY F 137 -23.32 21.24 -9.37
C GLY F 137 -24.17 22.34 -8.75
N GLY F 138 -25.39 21.98 -8.40
CA GLY F 138 -26.32 22.89 -7.76
C GLY F 138 -27.13 22.21 -6.67
N GLY F 139 -28.22 22.84 -6.25
CA GLY F 139 -29.08 22.24 -5.25
C GLY F 139 -30.20 23.15 -4.80
N ILE F 140 -31.36 22.57 -4.52
CA ILE F 140 -32.52 23.31 -4.00
C ILE F 140 -33.01 22.59 -2.76
N LYS F 141 -33.69 23.33 -1.89
CA LYS F 141 -34.21 22.76 -0.65
C LYS F 141 -35.48 23.51 -0.29
N ASP F 142 -36.62 22.83 -0.40
CA ASP F 142 -37.92 23.38 -0.01
C ASP F 142 -38.32 22.72 1.30
N ASN F 143 -38.35 23.50 2.38
CA ASN F 143 -38.79 23.04 3.69
C ASN F 143 -40.06 23.82 4.02
N VAL F 144 -41.20 23.17 3.86
CA VAL F 144 -42.49 23.81 4.04
C VAL F 144 -43.07 23.36 5.37
N ASN F 145 -43.19 24.30 6.30
CA ASN F 145 -43.84 24.03 7.56
C ASN F 145 -45.35 24.12 7.38
N THR F 146 -46.06 23.12 7.92
CA THR F 146 -47.51 23.09 7.80
C THR F 146 -48.19 24.18 8.59
N SER F 147 -47.46 24.88 9.46
CA SER F 147 -48.02 25.95 10.28
C SER F 147 -47.42 27.31 9.96
N GLY F 148 -46.10 27.42 9.97
CA GLY F 148 -45.44 28.71 9.88
C GLY F 148 -45.02 29.12 8.49
N ILE F 149 -43.76 29.52 8.34
CA ILE F 149 -43.22 30.07 7.10
C ILE F 149 -42.14 29.14 6.58
N GLY F 150 -42.32 28.62 5.37
CA GLY F 150 -41.34 27.77 4.75
C GLY F 150 -40.32 28.56 3.95
N THR F 151 -39.18 27.92 3.67
CA THR F 151 -38.09 28.53 2.92
C THR F 151 -37.75 27.70 1.70
N SER F 152 -37.36 28.37 0.63
CA SER F 152 -36.90 27.74 -0.60
C SER F 152 -35.61 28.41 -1.02
N VAL F 153 -34.51 27.67 -0.94
CA VAL F 153 -33.17 28.22 -1.15
C VAL F 153 -32.48 27.44 -2.26
N ILE F 154 -31.95 28.16 -3.24
CA ILE F 154 -31.19 27.58 -4.34
C ILE F 154 -29.72 27.86 -4.09
N THR F 155 -28.89 26.83 -4.24
CA THR F 155 -27.46 26.94 -3.95
C THR F 155 -26.68 26.54 -5.19
N TRP F 156 -25.65 27.33 -5.52
CA TRP F 156 -24.74 27.05 -6.62
C TRP F 156 -23.33 26.91 -6.06
N ASN F 157 -22.63 25.86 -6.47
CA ASN F 157 -21.27 25.60 -6.03
C ASN F 157 -20.32 25.84 -7.18
N CYS F 158 -19.33 26.69 -6.97
CA CYS F 158 -18.37 27.06 -7.99
C CYS F 158 -16.97 26.60 -7.59
N SER F 159 -16.00 26.89 -8.46
CA SER F 159 -14.61 26.60 -8.20
C SER F 159 -13.76 27.73 -8.78
N ASN F 160 -12.74 28.13 -8.04
CA ASN F 160 -11.99 29.33 -8.39
C ASN F 160 -11.20 29.07 -9.67
N GLN F 161 -10.38 30.05 -10.08
CA GLN F 161 -9.79 30.04 -11.40
C GLN F 161 -8.88 28.84 -11.66
N PHE F 162 -8.46 28.13 -10.61
CA PHE F 162 -7.60 26.97 -10.79
C PHE F 162 -8.37 25.73 -11.23
N TYR F 163 -9.69 25.80 -11.33
CA TYR F 163 -10.43 24.70 -11.92
C TYR F 163 -10.16 24.58 -13.41
N ASP F 164 -9.69 25.65 -14.05
CA ASP F 164 -9.27 25.57 -15.44
C ASP F 164 -7.96 24.80 -15.61
N PHE F 165 -7.26 24.51 -14.51
CA PHE F 165 -6.00 23.80 -14.59
C PHE F 165 -6.17 22.28 -14.70
N ASP F 166 -7.30 21.75 -14.22
CA ASP F 166 -7.50 20.31 -14.25
C ASP F 166 -7.45 19.75 -15.66
N ARG F 167 -7.69 20.57 -16.67
CA ARG F 167 -7.63 20.11 -18.04
C ARG F 167 -6.23 19.59 -18.36
N VAL F 168 -6.17 18.51 -19.12
CA VAL F 168 -4.92 18.01 -19.66
C VAL F 168 -4.83 18.44 -21.11
N ASN F 169 -3.78 19.19 -21.43
CA ASN F 169 -3.62 19.81 -22.75
C ASN F 169 -2.26 19.41 -23.29
N GLY F 170 -2.20 18.25 -23.93
CA GLY F 170 -0.95 17.74 -24.45
C GLY F 170 -1.14 17.20 -25.85
N ARG F 171 -0.26 17.62 -26.76
CA ARG F 171 -0.36 17.19 -28.14
C ARG F 171 -0.26 15.67 -28.22
N TYR F 172 -1.10 15.08 -29.06
CA TYR F 172 -1.24 13.64 -29.19
C TYR F 172 -0.75 13.22 -30.57
N THR F 173 0.00 12.12 -30.63
CA THR F 173 0.53 11.67 -31.90
C THR F 173 -0.55 11.22 -32.87
N ASP F 174 -1.78 11.00 -32.41
CA ASP F 174 -2.85 10.59 -33.30
C ASP F 174 -3.02 11.60 -34.42
N ASP F 175 -3.18 11.09 -35.64
CA ASP F 175 -3.34 11.97 -36.79
C ASP F 175 -4.60 12.81 -36.68
N ALA F 176 -5.71 12.20 -36.28
CA ALA F 176 -6.98 12.92 -36.24
C ALA F 176 -6.90 14.09 -35.27
N SER F 177 -6.35 13.85 -34.08
CA SER F 177 -6.25 14.93 -33.09
C SER F 177 -5.37 16.05 -33.62
N HIS F 178 -4.18 15.72 -34.13
CA HIS F 178 -3.26 16.75 -34.58
C HIS F 178 -3.87 17.57 -35.71
N ARG F 179 -4.50 16.91 -36.67
CA ARG F 179 -5.14 17.63 -37.78
C ARG F 179 -6.53 18.14 -37.40
N GLY F 180 -7.02 17.81 -36.22
CA GLY F 180 -8.29 18.33 -35.77
C GLY F 180 -9.48 17.91 -36.61
N LEU F 181 -9.48 16.67 -37.08
CA LEU F 181 -10.63 16.18 -37.84
C LEU F 181 -11.84 16.06 -36.93
N GLU F 182 -13.02 16.25 -37.51
CA GLU F 182 -14.24 16.21 -36.72
C GLU F 182 -14.41 14.85 -36.07
N VAL F 183 -14.91 14.85 -34.83
CA VAL F 183 -15.09 13.61 -34.09
C VAL F 183 -15.89 12.63 -34.95
N VAL F 184 -15.38 11.40 -35.06
CA VAL F 184 -15.93 10.44 -35.99
C VAL F 184 -17.35 10.09 -35.56
N ASN F 185 -18.34 10.55 -36.33
CA ASN F 185 -19.74 10.20 -36.14
C ASN F 185 -20.18 9.14 -37.14
N GLY F 186 -19.27 8.25 -37.54
CA GLY F 186 -19.46 7.37 -38.66
C GLY F 186 -18.73 7.80 -39.91
N THR F 187 -18.24 9.06 -39.94
CA THR F 187 -17.44 9.57 -41.03
C THR F 187 -16.35 10.46 -40.45
N LEU F 188 -15.33 10.73 -41.26
CA LEU F 188 -14.16 11.47 -40.80
C LEU F 188 -13.81 12.54 -41.83
N GLN F 189 -14.00 13.80 -41.47
CA GLN F 189 -13.67 14.94 -42.31
C GLN F 189 -13.10 16.04 -41.43
N PRO F 190 -12.33 16.96 -42.02
CA PRO F 190 -11.68 18.00 -41.21
C PRO F 190 -12.69 18.93 -40.53
N SER F 191 -12.21 19.61 -39.49
CA SER F 191 -13.05 20.48 -38.68
C SER F 191 -12.26 21.72 -38.28
N ASN F 192 -13.00 22.74 -37.83
CA ASN F 192 -12.37 23.98 -37.40
C ASN F 192 -11.44 23.77 -36.21
N GLY F 193 -11.89 22.99 -35.23
CA GLY F 193 -11.13 22.81 -34.01
C GLY F 193 -9.73 22.29 -34.24
N ALA F 194 -8.73 23.08 -33.85
CA ALA F 194 -7.34 22.68 -33.97
C ALA F 194 -6.48 23.72 -33.27
N LYS F 195 -5.35 23.27 -32.72
CA LYS F 195 -4.48 24.17 -31.99
C LYS F 195 -3.77 25.19 -32.89
N ARG F 196 -3.90 25.05 -34.20
CA ARG F 196 -3.31 25.99 -35.14
C ARG F 196 -3.94 25.80 -36.50
N PRO F 197 -4.34 26.87 -37.19
CA PRO F 197 -4.97 26.67 -38.51
C PRO F 197 -4.07 25.94 -39.50
N GLU F 198 -2.75 26.06 -39.34
CA GLU F 198 -1.82 25.42 -40.25
C GLU F 198 -1.71 23.92 -40.03
N TYR F 199 -2.08 23.41 -38.86
CA TYR F 199 -1.96 21.98 -38.61
C TYR F 199 -2.80 21.17 -39.58
N GLN F 200 -3.97 21.68 -39.97
CA GLN F 200 -4.90 20.90 -40.78
C GLN F 200 -4.28 20.43 -42.08
N GLU F 201 -3.27 21.14 -42.60
CA GLU F 201 -2.57 20.72 -43.79
C GLU F 201 -1.32 19.91 -43.50
N ASP F 202 -0.99 19.70 -42.24
CA ASP F 202 0.20 18.94 -41.86
C ASP F 202 -0.19 17.48 -41.64
N TYR F 203 0.51 16.58 -42.34
CA TYR F 203 0.26 15.15 -42.25
C TYR F 203 1.44 14.41 -41.60
N GLY F 204 2.20 15.11 -40.76
CA GLY F 204 3.37 14.50 -40.17
C GLY F 204 3.05 13.25 -39.38
N PHE F 205 1.93 13.25 -38.67
CA PHE F 205 1.54 12.13 -37.83
C PHE F 205 0.68 11.10 -38.57
N PHE F 206 0.48 11.27 -39.86
CA PHE F 206 -0.02 10.16 -40.66
C PHE F 206 0.93 8.98 -40.53
N HIS F 207 0.41 7.79 -40.75
CA HIS F 207 1.16 6.54 -40.61
C HIS F 207 1.54 6.26 -39.17
N SER F 208 1.07 7.06 -38.21
CA SER F 208 1.33 6.83 -36.80
C SER F 208 0.05 6.37 -36.12
N ASN F 209 0.22 5.82 -34.92
CA ASN F 209 -0.88 5.30 -34.11
C ASN F 209 -1.43 3.98 -34.63
N LYS F 210 -0.87 3.48 -35.72
CA LYS F 210 -1.35 2.25 -36.35
C LYS F 210 -0.42 1.09 -35.98
N SER F 211 -0.67 -0.06 -36.59
CA SER F 211 0.14 -1.25 -36.37
C SER F 211 0.24 -2.02 -37.67
N THR F 212 1.40 -2.61 -37.93
CA THR F 212 1.65 -3.39 -39.14
C THR F 212 2.43 -4.63 -38.74
N THR F 213 1.72 -5.71 -38.47
CA THR F 213 2.31 -7.00 -38.10
C THR F 213 1.86 -8.01 -39.17
N ILE F 214 2.72 -8.23 -40.15
CA ILE F 214 2.43 -9.13 -41.26
C ILE F 214 3.66 -9.97 -41.54
N LEU F 215 3.46 -11.05 -42.30
CA LEU F 215 4.57 -11.85 -42.82
C LEU F 215 4.83 -11.40 -44.25
N ALA F 216 5.44 -10.22 -44.37
CA ALA F 216 5.71 -9.64 -45.67
C ALA F 216 6.77 -10.45 -46.42
N LYS F 217 6.73 -10.33 -47.74
CA LYS F 217 7.71 -10.97 -48.61
C LYS F 217 8.47 -9.89 -49.36
N TYR F 218 9.80 -9.88 -49.18
CA TYR F 218 10.68 -8.93 -49.85
C TYR F 218 11.42 -9.66 -50.97
N GLN F 219 11.46 -9.03 -52.15
CA GLN F 219 12.24 -9.56 -53.27
C GLN F 219 13.66 -9.00 -53.21
N VAL F 220 14.39 -9.46 -52.19
CA VAL F 220 15.71 -8.91 -51.91
C VAL F 220 16.61 -9.13 -53.12
N LYS F 221 17.29 -8.07 -53.54
CA LYS F 221 18.23 -8.17 -54.64
C LYS F 221 19.47 -8.95 -54.22
N GLU F 222 20.12 -9.55 -55.21
CA GLU F 222 21.40 -10.24 -55.04
C GLU F 222 21.22 -11.61 -54.40
N GLU F 223 22.16 -12.52 -54.66
CA GLU F 223 22.09 -13.93 -54.23
C GLU F 223 21.02 -14.73 -54.97
N ARG F 224 20.91 -14.55 -56.28
CA ARG F 224 20.20 -15.56 -57.07
C ARG F 224 20.99 -16.00 -58.31
N TYR F 225 21.66 -15.08 -58.99
CA TYR F 225 22.33 -15.37 -60.25
C TYR F 225 23.69 -14.69 -60.31
N LYS F 226 24.28 -14.64 -61.50
CA LYS F 226 25.48 -13.84 -61.75
C LYS F 226 26.71 -14.44 -61.08
N LEU F 227 27.89 -13.94 -61.46
CA LEU F 227 29.14 -14.56 -61.03
C LEU F 227 29.25 -14.60 -59.52
N GLN F 228 29.78 -15.71 -59.00
CA GLN F 228 29.98 -15.89 -57.57
C GLN F 228 31.35 -15.33 -57.19
N SER F 229 31.62 -15.25 -55.88
CA SER F 229 32.87 -14.70 -55.37
C SER F 229 33.75 -15.80 -54.78
N LYS F 230 33.77 -16.95 -55.45
CA LYS F 230 34.57 -18.10 -55.01
C LYS F 230 35.49 -18.54 -56.13
N LYS F 231 36.74 -18.84 -55.77
CA LYS F 231 37.73 -19.32 -56.73
C LYS F 231 38.39 -20.58 -56.15
N LYS F 232 38.16 -21.72 -56.79
CA LYS F 232 38.71 -22.97 -56.30
C LYS F 232 40.23 -22.93 -56.31
N LEU F 233 40.83 -23.62 -55.32
CA LEU F 233 42.29 -23.66 -55.23
C LEU F 233 42.91 -24.10 -56.54
N PHE F 234 42.36 -25.14 -57.16
CA PHE F 234 42.83 -25.57 -58.47
C PHE F 234 42.75 -24.41 -59.46
N GLY F 235 43.81 -24.24 -60.25
CA GLY F 235 43.90 -23.07 -61.10
C GLY F 235 42.76 -22.98 -62.10
N LEU F 236 42.47 -24.08 -62.79
CA LEU F 236 41.45 -24.05 -63.82
C LEU F 236 40.04 -24.08 -63.26
N SER F 237 39.81 -24.82 -62.18
CA SER F 237 38.46 -25.00 -61.67
C SER F 237 37.86 -23.67 -61.23
N ARG F 238 36.57 -23.51 -61.48
CA ARG F 238 35.83 -22.31 -61.09
C ARG F 238 34.45 -22.71 -60.60
N SER F 239 33.88 -21.87 -59.73
CA SER F 239 32.55 -22.11 -59.19
C SER F 239 31.52 -21.63 -60.20
N TYR F 240 31.03 -22.56 -61.03
CA TYR F 240 29.99 -22.22 -62.00
C TYR F 240 28.65 -21.93 -61.35
N SER F 241 28.49 -22.24 -60.06
CA SER F 241 27.28 -21.88 -59.36
C SER F 241 27.19 -20.36 -59.21
N LEU F 242 26.03 -19.79 -59.54
CA LEU F 242 25.86 -18.35 -59.59
C LEU F 242 25.19 -17.87 -58.30
N LYS F 243 25.75 -16.83 -57.69
CA LYS F 243 25.20 -16.26 -56.47
C LYS F 243 26.00 -15.00 -56.13
N LYS F 244 25.57 -14.34 -55.05
CA LYS F 244 26.23 -13.20 -54.42
C LYS F 244 26.23 -11.93 -55.28
N TYR F 245 25.64 -11.95 -56.47
CA TYR F 245 25.56 -10.78 -57.33
C TYR F 245 24.09 -10.49 -57.64
N TYR F 246 23.84 -9.28 -58.13
CA TYR F 246 22.49 -8.73 -58.18
C TYR F 246 21.53 -9.59 -58.99
N GLU F 247 20.56 -10.19 -58.28
CA GLU F 247 19.40 -10.85 -58.87
C GLU F 247 18.43 -11.17 -57.75
N THR F 248 17.14 -10.90 -58.00
CA THR F 248 16.15 -10.95 -56.93
C THR F 248 15.89 -12.37 -56.47
N VAL F 249 15.74 -12.54 -55.16
CA VAL F 249 15.42 -13.83 -54.54
C VAL F 249 14.37 -13.59 -53.47
N THR F 250 13.40 -14.50 -53.38
CA THR F 250 12.34 -14.35 -52.39
C THR F 250 12.92 -14.51 -50.98
N LYS F 251 12.36 -13.73 -50.05
CA LYS F 251 12.84 -13.74 -48.66
C LYS F 251 11.68 -13.32 -47.76
N GLU F 252 11.24 -14.23 -46.90
CA GLU F 252 10.15 -13.94 -45.98
C GLU F 252 10.71 -13.22 -44.76
N VAL F 253 10.28 -11.98 -44.55
CA VAL F 253 10.64 -11.20 -43.38
C VAL F 253 9.39 -10.97 -42.56
N ASP F 254 9.43 -11.37 -41.29
CA ASP F 254 8.28 -11.25 -40.40
C ASP F 254 8.44 -9.98 -39.58
N LEU F 255 8.12 -8.86 -40.20
CA LEU F 255 8.20 -7.58 -39.55
C LEU F 255 6.98 -7.35 -38.65
N ASP F 256 7.20 -6.60 -37.58
CA ASP F 256 6.15 -6.36 -36.59
C ASP F 256 6.37 -4.97 -36.00
N PHE F 257 5.67 -3.98 -36.54
CA PHE F 257 5.78 -2.59 -36.10
C PHE F 257 4.49 -2.19 -35.41
N ASN F 258 4.61 -1.60 -34.21
CA ASN F 258 3.48 -1.16 -33.40
C ASN F 258 3.76 0.28 -32.97
N LEU F 259 3.31 1.23 -33.78
CA LEU F 259 3.53 2.65 -33.51
C LEU F 259 2.42 3.14 -32.60
N ALA F 260 2.68 3.14 -31.30
CA ALA F 260 1.69 3.52 -30.31
C ALA F 260 1.45 5.03 -30.36
N ALA F 261 0.50 5.49 -29.55
CA ALA F 261 0.10 6.89 -29.50
C ALA F 261 0.31 7.40 -28.07
N LYS F 262 1.40 8.11 -27.86
CA LYS F 262 1.78 8.61 -26.54
C LYS F 262 1.88 10.12 -26.57
N PHE F 263 1.58 10.73 -25.43
CA PHE F 263 1.62 12.19 -25.33
C PHE F 263 3.06 12.67 -25.44
N ILE F 264 3.28 13.71 -26.24
CA ILE F 264 4.63 14.24 -26.43
C ILE F 264 5.02 15.05 -25.20
N PRO F 265 6.16 14.79 -24.59
CA PRO F 265 6.58 15.58 -23.42
C PRO F 265 7.16 16.92 -23.81
N VAL F 266 7.21 17.81 -22.82
CA VAL F 266 7.87 19.11 -22.94
C VAL F 266 9.05 19.11 -21.98
N VAL F 267 10.24 19.39 -22.49
CA VAL F 267 11.47 19.30 -21.72
C VAL F 267 12.09 20.69 -21.63
N TYR F 268 12.50 21.05 -20.42
CA TYR F 268 13.21 22.30 -20.17
C TYR F 268 14.59 21.97 -19.62
N GLY F 269 15.59 22.75 -20.04
CA GLY F 269 16.95 22.43 -19.63
C GLY F 269 17.49 21.25 -20.43
N VAL F 270 18.33 20.45 -19.75
CA VAL F 270 18.95 19.28 -20.36
C VAL F 270 18.44 18.05 -19.63
N GLN F 271 17.83 17.13 -20.37
CA GLN F 271 17.31 15.90 -19.80
C GLN F 271 17.34 14.81 -20.86
N LYS F 272 17.23 13.56 -20.40
CA LYS F 272 17.18 12.41 -21.29
C LYS F 272 15.74 11.93 -21.40
N ILE F 273 15.28 11.75 -22.63
CA ILE F 273 13.90 11.32 -22.89
C ILE F 273 13.92 10.20 -23.92
N PRO F 274 12.98 9.27 -23.87
CA PRO F 274 12.93 8.20 -24.88
C PRO F 274 12.30 8.71 -26.17
N GLY F 275 12.28 7.83 -27.16
CA GLY F 275 11.65 8.11 -28.43
C GLY F 275 10.22 7.59 -28.46
N ILE F 276 9.40 8.24 -29.27
CA ILE F 276 8.02 7.84 -29.51
C ILE F 276 7.84 7.64 -31.00
N PRO F 277 8.17 6.46 -31.52
CA PRO F 277 8.21 6.29 -32.99
C PRO F 277 6.89 6.64 -33.63
N ILE F 278 6.96 7.38 -34.73
CA ILE F 278 5.77 7.85 -35.44
C ILE F 278 5.70 7.35 -36.87
N PHE F 279 6.78 6.80 -37.41
CA PHE F 279 6.76 6.21 -38.75
C PHE F 279 7.90 5.21 -38.82
N ALA F 280 7.56 3.92 -38.96
CA ALA F 280 8.54 2.87 -39.12
C ALA F 280 8.38 2.26 -40.51
N ASP F 281 9.48 1.80 -41.08
CA ASP F 281 9.47 1.29 -42.44
C ASP F 281 10.81 0.62 -42.73
N THR F 282 10.91 0.05 -43.93
CA THR F 282 12.15 -0.52 -44.42
C THR F 282 12.18 -0.39 -45.94
N GLU F 283 13.38 -0.43 -46.49
CA GLU F 283 13.53 -0.24 -47.93
C GLU F 283 12.67 -1.24 -48.70
N LEU F 284 12.37 -0.87 -49.95
CA LEU F 284 11.52 -1.72 -50.77
C LEU F 284 12.18 -3.06 -51.05
N ASN F 285 13.48 -3.05 -51.33
CA ASN F 285 14.20 -4.25 -51.73
C ASN F 285 15.00 -4.86 -50.59
N ASN F 286 15.69 -4.04 -49.79
CA ASN F 286 16.52 -4.56 -48.73
C ASN F 286 15.80 -4.44 -47.40
N PRO F 287 15.40 -5.53 -46.76
CA PRO F 287 14.80 -5.41 -45.42
C PRO F 287 15.78 -4.97 -44.36
N ASN F 288 17.08 -5.06 -44.62
CA ASN F 288 18.09 -4.73 -43.62
C ASN F 288 18.21 -3.24 -43.36
N ILE F 289 17.56 -2.40 -44.17
CA ILE F 289 17.57 -0.95 -43.98
C ILE F 289 16.20 -0.55 -43.48
N VAL F 290 16.13 0.01 -42.28
CA VAL F 290 14.89 0.36 -41.62
C VAL F 290 14.92 1.84 -41.26
N TYR F 291 13.88 2.56 -41.65
CA TYR F 291 13.70 3.97 -41.31
C TYR F 291 12.68 4.06 -40.18
N VAL F 292 13.05 4.73 -39.10
CA VAL F 292 12.16 4.95 -37.97
C VAL F 292 12.32 6.38 -37.53
N VAL F 293 11.20 7.08 -37.33
CA VAL F 293 11.18 8.47 -36.95
C VAL F 293 10.59 8.57 -35.55
N TYR F 294 11.32 9.21 -34.64
CA TYR F 294 10.91 9.35 -33.25
C TYR F 294 10.58 10.81 -32.97
N ALA F 295 9.54 11.02 -32.18
CA ALA F 295 9.14 12.35 -31.72
C ALA F 295 9.57 12.47 -30.26
N PHE F 296 10.56 13.32 -30.00
CA PHE F 296 11.17 13.38 -28.68
C PHE F 296 10.53 14.47 -27.81
N ALA F 297 10.60 15.72 -28.27
CA ALA F 297 10.16 16.85 -27.46
C ALA F 297 9.19 17.74 -28.24
N GLU F 298 8.88 18.90 -27.69
CA GLU F 298 7.90 19.81 -28.28
C GLU F 298 8.49 21.21 -28.38
N GLY F 299 7.94 22.00 -29.30
CA GLY F 299 8.36 23.36 -29.46
C GLY F 299 9.67 23.47 -30.21
N GLU F 300 10.22 24.69 -30.20
CA GLU F 300 11.50 24.97 -30.86
C GLU F 300 12.62 24.75 -29.84
N ILE F 301 13.05 23.50 -29.72
CA ILE F 301 14.10 23.15 -28.77
C ILE F 301 15.45 23.45 -29.40
N ASP F 302 16.51 23.41 -28.59
CA ASP F 302 17.86 23.43 -29.11
C ASP F 302 18.21 22.03 -29.58
N GLY F 303 19.48 21.80 -29.92
CA GLY F 303 19.85 20.54 -30.50
C GLY F 303 19.84 19.39 -29.51
N PHE F 304 20.13 18.21 -30.03
CA PHE F 304 20.23 17.01 -29.21
C PHE F 304 21.67 16.84 -28.75
N LEU F 305 21.85 16.59 -27.45
CA LEU F 305 23.19 16.40 -26.93
C LEU F 305 23.79 15.11 -27.46
N ASP F 306 23.05 14.01 -27.36
CA ASP F 306 23.57 12.69 -27.71
C ASP F 306 22.39 11.73 -27.82
N PHE F 307 22.60 10.64 -28.53
CA PHE F 307 21.60 9.59 -28.71
C PHE F 307 22.06 8.32 -28.02
N TYR F 308 21.16 7.73 -27.25
CA TYR F 308 21.46 6.52 -26.47
C TYR F 308 20.96 5.31 -27.27
N ILE F 309 21.85 4.73 -28.08
CA ILE F 309 21.51 3.53 -28.83
C ILE F 309 21.41 2.37 -27.84
N GLY F 310 20.20 1.90 -27.61
CA GLY F 310 19.99 0.91 -26.57
C GLY F 310 20.24 1.51 -25.21
N ASP F 311 21.36 1.11 -24.59
CA ASP F 311 21.79 1.69 -23.32
C ASP F 311 23.10 2.47 -23.44
N SER F 312 23.87 2.27 -24.51
CA SER F 312 25.18 2.86 -24.63
C SER F 312 25.11 4.18 -25.38
N PRO F 313 25.39 5.32 -24.76
CA PRO F 313 25.44 6.58 -25.50
C PRO F 313 26.62 6.60 -26.45
N MET F 314 26.49 7.38 -27.51
CA MET F 314 27.56 7.45 -28.51
C MET F 314 28.85 7.97 -27.90
N ILE F 315 28.77 9.02 -27.08
CA ILE F 315 29.92 9.57 -26.37
C ILE F 315 29.98 8.95 -24.99
N CYS F 316 31.18 8.50 -24.61
CA CYS F 316 31.37 7.83 -23.34
C CYS F 316 31.54 8.83 -22.21
N PHE F 317 31.34 8.34 -20.98
CA PHE F 317 31.44 9.19 -19.80
C PHE F 317 32.90 9.43 -19.41
N ASP F 318 33.68 8.37 -19.29
CA ASP F 318 35.05 8.46 -18.79
C ASP F 318 35.99 7.68 -19.70
N GLU F 319 37.27 7.72 -19.36
CA GLU F 319 38.27 6.94 -20.08
C GLU F 319 37.99 5.44 -19.96
N THR F 320 37.63 5.00 -18.75
CA THR F 320 37.34 3.58 -18.55
C THR F 320 36.23 3.13 -19.49
N ASP F 321 35.11 3.84 -19.51
CA ASP F 321 34.04 3.51 -20.44
C ASP F 321 34.54 3.61 -21.88
N SER F 322 35.44 4.55 -22.16
CA SER F 322 35.93 4.72 -23.51
C SER F 322 36.64 3.47 -24.01
N ASP F 323 37.49 2.87 -23.17
CA ASP F 323 38.10 1.61 -23.53
C ASP F 323 37.11 0.45 -23.44
N THR F 324 36.04 0.60 -22.68
CA THR F 324 35.09 -0.49 -22.51
C THR F 324 34.23 -0.68 -23.76
N ARG F 325 33.82 0.41 -24.43
CA ARG F 325 32.89 0.24 -25.54
C ARG F 325 33.22 1.14 -26.74
N THR F 326 34.49 1.44 -26.98
CA THR F 326 34.92 2.11 -28.21
C THR F 326 34.02 3.31 -28.53
N CYS F 327 34.07 4.30 -27.65
CA CYS F 327 33.23 5.48 -27.76
C CYS F 327 33.88 6.49 -28.71
N PHE F 328 33.34 7.71 -28.72
CA PHE F 328 33.91 8.82 -29.46
C PHE F 328 33.93 10.03 -28.54
N GLY F 329 35.13 10.57 -28.30
CA GLY F 329 35.25 11.71 -27.42
C GLY F 329 34.95 11.36 -25.97
N ARG F 330 34.71 12.41 -25.19
CA ARG F 330 34.37 12.27 -23.78
C ARG F 330 33.34 13.33 -23.41
N LYS F 331 32.60 13.06 -22.33
CA LYS F 331 31.56 13.97 -21.86
C LYS F 331 31.67 14.27 -20.38
N LYS F 332 32.79 13.96 -19.73
CA LYS F 332 32.95 14.26 -18.32
C LYS F 332 33.39 15.71 -18.11
N ILE F 333 34.57 16.06 -18.62
CA ILE F 333 35.10 17.40 -18.50
C ILE F 333 35.12 18.11 -19.85
N VAL F 334 35.44 17.38 -20.92
CA VAL F 334 35.36 17.96 -22.25
C VAL F 334 33.92 18.33 -22.58
N GLY F 335 32.98 17.51 -22.12
CA GLY F 335 31.57 17.80 -22.34
C GLY F 335 31.19 17.84 -23.81
N ASP F 336 31.66 16.87 -24.59
CA ASP F 336 31.35 16.85 -26.02
C ASP F 336 29.91 16.45 -26.25
N THR F 337 29.29 17.07 -27.25
CA THR F 337 27.93 16.80 -27.64
C THR F 337 27.93 15.94 -28.90
N MET F 338 26.74 15.74 -29.48
CA MET F 338 26.64 15.02 -30.74
C MET F 338 27.52 15.66 -31.81
N HIS F 339 27.53 16.99 -31.86
CA HIS F 339 28.18 17.69 -32.96
C HIS F 339 29.68 17.42 -33.04
N ARG F 340 30.25 16.70 -32.08
CA ARG F 340 31.65 16.29 -32.19
C ARG F 340 31.86 15.38 -33.40
N LEU F 341 30.93 14.47 -33.65
CA LEU F 341 31.10 13.50 -34.72
C LEU F 341 31.21 14.19 -36.08
N ALA F 342 30.34 15.16 -36.36
CA ALA F 342 30.34 15.77 -37.69
C ALA F 342 31.65 16.48 -37.98
N ALA F 343 32.18 17.23 -37.01
CA ALA F 343 33.43 17.93 -37.18
C ALA F 343 33.97 18.30 -35.81
N GLY F 344 35.27 18.60 -35.77
CA GLY F 344 35.90 19.03 -34.54
C GLY F 344 35.27 20.30 -34.01
N THR F 345 34.71 20.25 -32.81
CA THR F 345 33.97 21.37 -32.24
C THR F 345 34.82 21.98 -31.12
N SER F 346 35.23 23.24 -31.33
CA SER F 346 35.88 23.97 -30.24
C SER F 346 34.92 24.17 -29.08
N THR F 347 33.66 24.50 -29.38
CA THR F 347 32.60 24.60 -28.38
C THR F 347 31.74 23.35 -28.41
N SER F 348 30.97 23.16 -27.35
CA SER F 348 30.09 22.00 -27.21
C SER F 348 28.71 22.31 -27.81
N GLN F 349 28.73 22.74 -29.06
CA GLN F 349 27.50 23.12 -29.72
C GLN F 349 26.57 21.92 -29.84
N PRO F 350 25.27 22.09 -29.60
CA PRO F 350 24.36 20.95 -29.75
C PRO F 350 24.08 20.64 -31.21
N SER F 351 23.18 19.69 -31.47
CA SER F 351 22.91 19.26 -32.83
C SER F 351 22.33 20.40 -33.65
N VAL F 352 22.50 20.31 -34.97
CA VAL F 352 22.05 21.33 -35.90
C VAL F 352 20.76 20.85 -36.56
N HIS F 353 19.76 21.74 -36.60
CA HIS F 353 18.49 21.38 -37.21
C HIS F 353 18.68 21.04 -38.69
N GLY F 354 18.13 19.90 -39.09
CA GLY F 354 18.27 19.45 -40.47
C GLY F 354 19.69 19.06 -40.85
N GLN F 355 20.41 18.40 -39.96
CA GLN F 355 21.77 17.96 -40.20
C GLN F 355 21.87 16.46 -39.96
N GLU F 356 22.68 15.79 -40.76
CA GLU F 356 22.82 14.34 -40.70
C GLU F 356 24.11 13.97 -39.97
N TYR F 357 24.04 12.91 -39.17
CA TYR F 357 25.16 12.42 -38.39
C TYR F 357 25.31 10.92 -38.63
N LYS F 358 26.55 10.48 -38.87
CA LYS F 358 26.85 9.09 -39.16
C LYS F 358 27.66 8.51 -38.02
N TYR F 359 27.18 7.40 -37.45
CA TYR F 359 27.75 6.84 -36.24
C TYR F 359 27.95 5.34 -36.41
N ASN F 360 29.19 4.89 -36.17
CA ASN F 360 29.54 3.47 -36.28
C ASN F 360 30.20 3.05 -34.98
N ASP F 361 29.61 2.07 -34.30
CA ASP F 361 30.12 1.58 -33.03
C ASP F 361 30.80 0.23 -33.16
N GLY F 362 31.06 -0.24 -34.38
CA GLY F 362 31.62 -1.55 -34.60
C GLY F 362 30.60 -2.64 -34.74
N ASN F 363 29.33 -2.35 -34.52
CA ASN F 363 28.25 -3.33 -34.71
C ASN F 363 27.42 -3.07 -35.95
N GLY F 364 27.46 -1.86 -36.51
CA GLY F 364 26.67 -1.55 -37.68
C GLY F 364 26.80 -0.08 -38.02
N ASP F 365 25.81 0.42 -38.76
CA ASP F 365 25.78 1.81 -39.17
C ASP F 365 24.47 2.45 -38.73
N ILE F 366 24.56 3.67 -38.21
CA ILE F 366 23.41 4.41 -37.72
C ILE F 366 23.49 5.81 -38.30
N ARG F 367 22.47 6.18 -39.08
CA ARG F 367 22.37 7.52 -39.65
C ARG F 367 21.23 8.26 -38.97
N ILE F 368 21.53 9.46 -38.48
CA ILE F 368 20.61 10.23 -37.64
C ILE F 368 20.41 11.60 -38.24
N TRP F 369 19.15 11.98 -38.49
CA TRP F 369 18.78 13.30 -38.94
C TRP F 369 18.07 13.99 -37.78
N THR F 370 18.67 15.05 -37.26
CA THR F 370 18.14 15.77 -36.10
C THR F 370 17.33 16.97 -36.59
N PHE F 371 16.02 16.80 -36.63
CA PHE F 371 15.10 17.88 -36.98
C PHE F 371 14.56 18.48 -35.69
N HIS F 372 14.92 19.74 -35.43
CA HIS F 372 14.36 20.44 -34.28
C HIS F 372 12.95 20.91 -34.61
N GLY F 373 12.10 20.94 -33.61
CA GLY F 373 10.79 21.55 -33.78
C GLY F 373 10.93 23.01 -34.15
N LYS F 374 9.98 23.51 -34.94
CA LYS F 374 10.01 24.90 -35.37
C LYS F 374 8.60 25.34 -35.74
N PRO F 375 8.31 26.64 -35.64
CA PRO F 375 6.98 27.10 -36.06
C PRO F 375 6.67 26.83 -37.52
N ASP F 376 7.67 26.90 -38.39
CA ASP F 376 7.49 26.68 -39.83
C ASP F 376 8.74 25.98 -40.36
N GLN F 377 8.70 24.65 -40.43
CA GLN F 377 9.79 23.86 -40.96
C GLN F 377 9.27 22.95 -42.06
N THR F 378 10.11 22.72 -43.06
CA THR F 378 9.71 21.90 -44.20
C THR F 378 9.81 20.41 -43.85
N ALA F 379 9.40 19.57 -44.78
CA ALA F 379 9.40 18.13 -44.55
C ALA F 379 10.81 17.57 -44.61
N ALA F 380 10.95 16.32 -44.15
CA ALA F 380 12.22 15.62 -44.20
C ALA F 380 12.56 15.35 -45.66
N GLN F 381 13.60 16.02 -46.17
CA GLN F 381 13.92 15.90 -47.59
C GLN F 381 14.29 14.47 -47.95
N VAL F 382 15.05 13.80 -47.09
CA VAL F 382 15.48 12.43 -47.40
C VAL F 382 14.27 11.51 -47.56
N LEU F 383 13.32 11.58 -46.62
CA LEU F 383 12.16 10.71 -46.70
C LEU F 383 11.30 11.03 -47.91
N VAL F 384 11.15 12.31 -48.24
CA VAL F 384 10.38 12.69 -49.42
C VAL F 384 11.04 12.15 -50.68
N ASP F 385 12.35 12.29 -50.78
CA ASP F 385 13.06 11.81 -51.96
C ASP F 385 12.93 10.30 -52.09
N ILE F 386 13.03 9.58 -50.97
CA ILE F 386 12.85 8.13 -51.03
C ILE F 386 11.44 7.79 -51.47
N ALA F 387 10.43 8.48 -50.92
CA ALA F 387 9.05 8.18 -51.27
C ALA F 387 8.79 8.42 -52.75
N LYS F 388 9.38 9.48 -53.31
CA LYS F 388 9.21 9.74 -54.74
C LYS F 388 9.70 8.57 -55.57
N LYS F 389 10.69 7.83 -55.08
CA LYS F 389 11.18 6.63 -55.75
C LYS F 389 10.44 5.37 -55.31
N LYS F 390 9.45 5.49 -54.44
CA LYS F 390 8.72 4.34 -53.92
C LYS F 390 9.67 3.34 -53.26
N GLY F 391 10.66 3.85 -52.53
CA GLY F 391 11.63 2.99 -51.89
C GLY F 391 11.15 2.27 -50.65
N PHE F 392 10.06 2.73 -50.05
CA PHE F 392 9.54 2.13 -48.84
C PHE F 392 8.68 0.91 -49.18
N TYR F 393 8.96 -0.21 -48.51
CA TYR F 393 8.20 -1.42 -48.78
C TYR F 393 6.72 -1.22 -48.46
N LEU F 394 6.42 -0.77 -47.24
CA LEU F 394 5.02 -0.66 -46.84
C LEU F 394 4.25 0.27 -47.76
N GLN F 395 4.93 1.26 -48.35
CA GLN F 395 4.27 2.13 -49.31
C GLN F 395 3.81 1.34 -50.52
N ASN F 396 4.67 0.49 -51.08
CA ASN F 396 4.28 -0.30 -52.23
C ASN F 396 3.23 -1.34 -51.87
N GLN F 397 3.36 -1.96 -50.70
CA GLN F 397 2.37 -2.94 -50.27
C GLN F 397 1.00 -2.30 -50.13
N ASN F 398 0.93 -1.11 -49.52
CA ASN F 398 -0.33 -0.38 -49.39
C ASN F 398 -0.76 0.27 -50.69
N GLY F 399 0.14 0.39 -51.67
CA GLY F 399 -0.20 0.99 -52.94
C GLY F 399 0.01 2.49 -53.02
N ASN F 400 0.45 3.12 -51.93
CA ASN F 400 0.60 4.57 -51.93
C ASN F 400 1.68 5.00 -52.93
N GLY F 401 1.45 6.15 -53.56
CA GLY F 401 2.38 6.71 -54.51
C GLY F 401 3.28 7.76 -53.88
N PRO F 402 3.64 8.78 -54.65
CA PRO F 402 4.53 9.83 -54.10
C PRO F 402 3.94 10.54 -52.91
N GLU F 403 2.62 10.50 -52.72
CA GLU F 403 1.97 11.12 -51.58
C GLU F 403 2.15 10.34 -50.28
N TYR F 404 2.95 9.28 -50.30
CA TYR F 404 3.16 8.48 -49.08
C TYR F 404 3.78 9.33 -47.98
N TRP F 405 4.88 10.01 -48.27
CA TRP F 405 5.50 10.99 -47.37
C TRP F 405 5.74 12.23 -48.22
N ASP F 406 4.72 13.07 -48.33
CA ASP F 406 4.77 14.23 -49.20
C ASP F 406 5.36 15.43 -48.45
N SER F 407 5.53 16.54 -49.18
CA SER F 407 6.03 17.75 -48.56
C SER F 407 5.11 18.25 -47.45
N ARG F 408 3.84 17.89 -47.49
CA ARG F 408 2.90 18.31 -46.47
C ARG F 408 3.05 17.54 -45.17
N TYR F 409 4.06 16.66 -45.07
CA TYR F 409 4.32 15.91 -43.85
C TYR F 409 5.27 16.63 -42.91
N LYS F 410 5.35 17.95 -43.02
CA LYS F 410 6.20 18.73 -42.13
C LYS F 410 5.69 18.59 -40.70
N LEU F 411 6.45 17.89 -39.87
CA LEU F 411 6.08 17.74 -38.47
C LEU F 411 6.23 19.09 -37.79
N LEU F 412 5.12 19.77 -37.57
CA LEU F 412 5.17 21.15 -37.07
C LEU F 412 5.32 21.16 -35.56
N ASP F 413 6.25 21.98 -35.08
CA ASP F 413 6.44 22.23 -33.65
C ASP F 413 6.83 20.98 -32.88
N THR F 414 7.26 19.93 -33.57
CA THR F 414 7.71 18.70 -32.92
C THR F 414 9.18 18.49 -33.25
N ALA F 415 9.98 18.20 -32.24
CA ALA F 415 11.40 17.92 -32.41
C ALA F 415 11.58 16.43 -32.62
N TYR F 416 11.68 16.02 -33.88
CA TYR F 416 11.78 14.62 -34.25
C TYR F 416 13.14 14.33 -34.88
N ALA F 417 13.57 13.09 -34.76
CA ALA F 417 14.83 12.64 -35.35
C ALA F 417 14.57 11.39 -36.19
N ILE F 418 15.11 11.39 -37.41
CA ILE F 418 15.02 10.24 -38.29
C ILE F 418 16.27 9.40 -38.09
N VAL F 419 16.09 8.11 -37.85
CA VAL F 419 17.19 7.18 -37.59
C VAL F 419 17.11 6.05 -38.61
N ARG F 420 18.22 5.81 -39.30
CA ARG F 420 18.33 4.69 -40.24
C ARG F 420 19.28 3.67 -39.65
N PHE F 421 18.76 2.48 -39.37
CA PHE F 421 19.55 1.37 -38.86
C PHE F 421 19.92 0.45 -40.01
N THR F 422 21.20 0.11 -40.12
CA THR F 422 21.66 -0.88 -41.08
C THR F 422 21.66 -2.22 -40.36
N ILE F 423 20.54 -2.94 -40.45
CA ILE F 423 20.40 -4.20 -39.75
C ILE F 423 21.45 -5.18 -40.26
N ASN F 424 22.18 -5.79 -39.33
CA ASN F 424 23.23 -6.75 -39.68
C ASN F 424 23.16 -7.88 -38.66
N GLU F 425 24.13 -8.79 -38.74
CA GLU F 425 24.17 -9.91 -37.79
C GLU F 425 24.66 -9.48 -36.42
N ASN F 426 25.22 -8.27 -36.28
CA ASN F 426 25.65 -7.74 -34.99
C ASN F 426 24.57 -6.91 -34.32
N ARG F 427 23.78 -6.17 -35.09
CA ARG F 427 22.61 -5.45 -34.58
C ARG F 427 21.40 -6.09 -35.25
N THR F 428 20.85 -7.13 -34.61
CA THR F 428 19.85 -7.97 -35.22
C THR F 428 18.44 -7.41 -35.13
N GLU F 429 18.21 -6.37 -34.34
CA GLU F 429 16.87 -5.82 -34.15
C GLU F 429 16.97 -4.32 -33.95
N ILE F 430 15.83 -3.70 -33.68
CA ILE F 430 15.74 -2.25 -33.50
C ILE F 430 15.91 -1.97 -32.01
N PRO F 431 17.02 -1.35 -31.58
CA PRO F 431 17.16 -1.02 -30.17
C PRO F 431 16.40 0.24 -29.82
N GLU F 432 15.65 0.19 -28.72
CA GLU F 432 14.87 1.34 -28.30
C GLU F 432 15.76 2.55 -28.14
N ILE F 433 15.38 3.66 -28.77
CA ILE F 433 16.23 4.84 -28.89
C ILE F 433 15.84 5.84 -27.82
N SER F 434 16.84 6.42 -27.15
CA SER F 434 16.66 7.53 -26.25
C SER F 434 17.74 8.56 -26.55
N ALA F 435 17.46 9.82 -26.22
CA ALA F 435 18.39 10.89 -26.54
C ALA F 435 18.44 11.88 -25.38
N GLU F 436 19.53 12.65 -25.35
CA GLU F 436 19.70 13.77 -24.45
C GLU F 436 19.44 15.04 -25.24
N VAL F 437 18.53 15.88 -24.75
CA VAL F 437 18.08 17.05 -25.49
C VAL F 437 18.16 18.28 -24.60
N GLN F 438 18.34 19.43 -25.24
CA GLN F 438 18.19 20.71 -24.56
C GLN F 438 16.74 21.16 -24.63
N GLY F 439 16.34 21.93 -23.62
CA GLY F 439 14.94 22.24 -23.44
C GLY F 439 14.41 23.21 -24.48
N LYS F 440 13.10 23.41 -24.43
CA LYS F 440 12.43 24.35 -25.30
C LYS F 440 12.96 25.76 -25.07
N LYS F 441 13.06 26.52 -26.17
CA LYS F 441 13.39 27.93 -26.04
C LYS F 441 12.32 28.64 -25.22
N VAL F 442 12.75 29.44 -24.26
CA VAL F 442 11.85 30.12 -23.34
C VAL F 442 12.17 31.60 -23.34
N LYS F 443 11.14 32.43 -23.44
CA LYS F 443 11.32 33.87 -23.39
C LYS F 443 11.77 34.27 -21.98
N VAL F 444 12.76 35.16 -21.92
CA VAL F 444 13.19 35.76 -20.67
C VAL F 444 12.92 37.24 -20.78
N TYR F 445 11.99 37.74 -19.96
CA TYR F 445 11.57 39.13 -20.02
C TYR F 445 12.49 39.96 -19.14
N ASN F 446 13.40 40.69 -19.76
CA ASN F 446 14.28 41.58 -19.01
C ASN F 446 13.48 42.77 -18.48
N SER F 447 13.89 43.25 -17.30
CA SER F 447 13.19 44.36 -16.66
C SER F 447 13.22 45.62 -17.52
N ASP F 448 14.16 45.71 -18.46
CA ASP F 448 14.20 46.88 -19.33
C ASP F 448 12.96 46.95 -20.21
N GLY F 449 12.46 45.80 -20.65
CA GLY F 449 11.35 45.74 -21.59
C GLY F 449 11.71 44.81 -22.73
N THR F 450 12.99 44.72 -23.05
CA THR F 450 13.47 43.80 -24.06
C THR F 450 13.38 42.36 -23.56
N ILE F 451 13.10 41.46 -24.49
CA ILE F 451 13.01 40.03 -24.18
C ILE F 451 14.06 39.31 -25.01
N LYS F 452 14.31 38.05 -24.65
CA LYS F 452 15.17 37.18 -25.43
C LYS F 452 14.68 35.76 -25.28
N ALA F 453 14.40 35.12 -26.41
CA ALA F 453 13.91 33.75 -26.43
C ALA F 453 14.77 32.89 -27.34
N ASP F 454 16.08 33.09 -27.27
CA ASP F 454 17.02 32.41 -28.15
C ASP F 454 17.71 31.23 -27.49
N LYS F 455 17.34 30.89 -26.26
CA LYS F 455 17.94 29.75 -25.56
C LYS F 455 16.96 29.25 -24.51
N THR F 456 17.22 28.03 -24.03
CA THR F 456 16.46 27.48 -22.94
C THR F 456 16.98 28.03 -21.61
N SER F 457 16.08 28.13 -20.63
CA SER F 457 16.39 28.71 -19.34
C SER F 457 16.13 27.71 -18.23
N LEU F 458 17.04 27.65 -17.27
CA LEU F 458 16.90 26.79 -16.11
C LEU F 458 16.14 27.46 -14.97
N ASN F 459 15.83 28.75 -15.10
CA ASN F 459 15.12 29.46 -14.05
C ASN F 459 13.70 28.91 -13.91
N GLY F 460 13.30 28.66 -12.67
CA GLY F 460 11.98 28.09 -12.44
C GLY F 460 10.85 29.03 -12.82
N ILE F 461 11.01 30.32 -12.51
CA ILE F 461 9.94 31.28 -12.79
C ILE F 461 9.68 31.36 -14.29
N TRP F 462 10.74 31.44 -15.09
CA TRP F 462 10.56 31.56 -16.53
C TRP F 462 10.01 30.28 -17.12
N GLN F 463 10.43 29.12 -16.62
CA GLN F 463 9.88 27.86 -17.10
C GLN F 463 8.39 27.77 -16.81
N LEU F 464 7.98 28.15 -15.59
CA LEU F 464 6.57 28.13 -15.26
C LEU F 464 5.79 29.15 -16.10
N MET F 465 6.38 30.32 -16.34
CA MET F 465 5.73 31.31 -17.18
C MET F 465 5.51 30.77 -18.58
N ASP F 466 6.52 30.09 -19.14
CA ASP F 466 6.39 29.50 -20.47
C ASP F 466 5.31 28.43 -20.47
N TYR F 467 5.24 27.62 -19.41
CA TYR F 467 4.23 26.59 -19.36
C TYR F 467 2.83 27.17 -19.25
N LEU F 468 2.69 28.30 -18.56
CA LEU F 468 1.38 28.90 -18.33
C LEU F 468 0.94 29.85 -19.43
N THR F 469 1.78 30.10 -20.44
CA THR F 469 1.44 31.03 -21.50
C THR F 469 1.40 30.37 -22.87
N SER F 470 1.47 29.05 -22.93
CA SER F 470 1.46 28.33 -24.21
C SER F 470 0.15 27.56 -24.32
N ASP F 471 -0.61 27.85 -25.38
CA ASP F 471 -1.87 27.16 -25.61
C ASP F 471 -1.66 25.74 -26.13
N ARG F 472 -0.54 25.48 -26.81
CA ARG F 472 -0.36 24.20 -27.46
C ARG F 472 -0.21 23.07 -26.47
N TYR F 473 0.47 23.31 -25.35
CA TYR F 473 0.76 22.24 -24.40
C TYR F 473 0.56 22.61 -22.93
N GLY F 474 0.18 23.85 -22.63
CA GLY F 474 0.04 24.29 -21.26
C GLY F 474 -1.22 25.08 -21.04
N ALA F 475 -1.44 25.45 -19.78
CA ALA F 475 -2.60 26.25 -19.42
C ALA F 475 -2.59 27.56 -20.20
N ASP F 476 -3.57 27.74 -21.09
CA ASP F 476 -3.62 28.91 -21.95
C ASP F 476 -4.05 30.12 -21.13
N ILE F 477 -3.08 30.90 -20.68
CA ILE F 477 -3.33 32.13 -19.94
C ILE F 477 -2.69 33.28 -20.72
N THR F 478 -3.49 34.30 -21.02
CA THR F 478 -2.99 35.44 -21.77
C THR F 478 -2.03 36.26 -20.91
N LEU F 479 -1.06 36.89 -21.58
CA LEU F 479 0.00 37.61 -20.88
C LEU F 479 -0.51 38.81 -20.09
N ASP F 480 -1.74 39.26 -20.34
CA ASP F 480 -2.28 40.39 -19.59
C ASP F 480 -2.73 40.00 -18.18
N GLN F 481 -2.57 38.74 -17.81
CA GLN F 481 -2.97 38.26 -16.49
C GLN F 481 -1.77 38.01 -15.59
N PHE F 482 -0.70 38.78 -15.77
CA PHE F 482 0.49 38.67 -14.96
C PHE F 482 1.03 40.06 -14.67
N PRO F 483 1.49 40.32 -13.44
CA PRO F 483 2.31 41.51 -13.19
C PRO F 483 3.75 41.27 -13.64
N LEU F 484 4.13 41.89 -14.75
CA LEU F 484 5.42 41.59 -15.35
C LEU F 484 6.57 41.95 -14.42
N GLN F 485 6.50 43.13 -13.79
CA GLN F 485 7.59 43.56 -12.92
C GLN F 485 7.79 42.60 -11.77
N LYS F 486 6.70 42.16 -11.14
CA LYS F 486 6.83 41.25 -10.01
C LYS F 486 7.42 39.91 -10.43
N VAL F 487 6.99 39.40 -11.59
CA VAL F 487 7.54 38.15 -12.09
C VAL F 487 9.02 38.29 -12.38
N ILE F 488 9.42 39.41 -12.99
CA ILE F 488 10.82 39.62 -13.30
C ILE F 488 11.64 39.69 -12.02
N SER F 489 11.13 40.39 -11.01
CA SER F 489 11.85 40.48 -9.74
C SER F 489 11.98 39.11 -9.09
N GLU F 490 10.93 38.30 -9.14
CA GLU F 490 11.02 36.95 -8.58
C GLU F 490 12.04 36.10 -9.33
N ALA F 491 12.04 36.19 -10.66
CA ALA F 491 13.03 35.48 -11.44
C ALA F 491 14.44 35.88 -11.04
N LYS F 492 14.65 37.18 -10.83
CA LYS F 492 15.93 37.63 -10.30
C LYS F 492 16.23 36.99 -8.95
N ILE F 493 15.21 36.93 -8.08
CA ILE F 493 15.40 36.36 -6.75
C ILE F 493 15.89 34.92 -6.84
N LEU F 494 15.34 34.15 -7.79
CA LEU F 494 15.79 32.77 -7.96
C LEU F 494 17.10 32.66 -8.71
N ASP F 495 17.66 33.77 -9.19
CA ASP F 495 18.95 33.76 -9.87
C ASP F 495 20.09 34.24 -8.98
N ILE F 496 19.85 34.33 -7.67
CA ILE F 496 20.91 34.74 -6.74
C ILE F 496 22.03 33.73 -6.81
N ILE F 497 23.26 34.22 -6.95
CA ILE F 497 24.42 33.34 -7.08
C ILE F 497 24.73 32.70 -5.73
N ASP F 498 24.87 31.38 -5.72
CA ASP F 498 25.20 30.65 -4.51
C ASP F 498 26.70 30.48 -4.39
N GLU F 499 27.19 30.56 -3.16
CA GLU F 499 28.62 30.49 -2.88
C GLU F 499 29.02 29.20 -2.16
N SER F 500 28.11 28.24 -2.03
CA SER F 500 28.44 27.01 -1.32
C SER F 500 29.56 26.25 -2.02
N TYR F 501 29.54 26.20 -3.35
CA TYR F 501 30.44 25.37 -4.12
C TYR F 501 31.03 26.16 -5.27
N GLN F 502 32.16 25.67 -5.78
CA GLN F 502 32.81 26.27 -6.93
C GLN F 502 32.35 25.58 -8.21
N THR F 503 32.52 26.28 -9.34
CA THR F 503 32.08 25.75 -10.62
C THR F 503 32.90 24.52 -11.03
N SER F 504 34.19 24.51 -10.69
CA SER F 504 35.06 23.41 -11.11
C SER F 504 34.78 22.11 -10.37
N TRP F 505 33.94 22.13 -9.34
CA TRP F 505 33.74 20.93 -8.54
C TRP F 505 32.86 19.90 -9.22
N GLN F 506 32.04 20.33 -10.20
CA GLN F 506 31.07 19.44 -10.79
C GLN F 506 31.50 19.11 -12.21
N PRO F 507 32.01 17.90 -12.49
CA PRO F 507 32.60 17.64 -13.82
C PRO F 507 31.62 17.76 -14.98
N TYR F 508 30.49 17.07 -14.90
CA TYR F 508 29.57 16.96 -16.03
C TYR F 508 28.78 18.26 -16.21
N TRP F 509 29.52 19.34 -16.42
CA TRP F 509 28.89 20.65 -16.49
C TRP F 509 27.97 20.79 -17.69
N ARG F 510 28.34 20.21 -18.83
CA ARG F 510 27.50 20.37 -20.02
C ARG F 510 26.14 19.75 -19.81
N TYR F 511 26.07 18.59 -19.17
CA TYR F 511 24.84 17.83 -19.04
C TYR F 511 24.10 18.12 -17.74
N VAL F 512 24.33 19.30 -17.17
CA VAL F 512 23.51 19.83 -16.08
C VAL F 512 22.94 21.21 -16.45
N GLY F 513 22.97 21.55 -17.74
CA GLY F 513 22.40 22.78 -18.24
C GLY F 513 23.39 23.91 -18.44
N TRP F 514 24.59 23.81 -17.88
CA TRP F 514 25.56 24.90 -17.96
C TRP F 514 26.07 25.00 -19.39
N ASN F 515 25.62 26.02 -20.11
CA ASN F 515 26.04 26.19 -21.50
C ASN F 515 27.51 26.55 -21.62
N ASP F 516 28.15 27.01 -20.54
CA ASP F 516 29.53 27.46 -20.59
C ASP F 516 30.30 26.88 -19.42
N PRO F 517 31.61 26.61 -19.59
CA PRO F 517 32.40 26.10 -18.47
C PRO F 517 32.99 27.16 -17.58
N LEU F 518 33.00 28.44 -18.01
CA LEU F 518 33.60 29.51 -17.26
C LEU F 518 32.60 30.51 -16.69
N SER F 519 31.47 30.73 -17.36
CA SER F 519 30.53 31.76 -16.94
C SER F 519 29.91 31.38 -15.60
N GLU F 520 29.28 32.36 -14.97
CA GLU F 520 28.69 32.16 -13.65
C GLU F 520 27.44 31.29 -13.75
N ASN F 521 27.61 29.98 -13.59
CA ASN F 521 26.53 29.03 -13.71
C ASN F 521 25.93 28.66 -12.37
N ARG F 522 26.36 29.29 -11.28
CA ARG F 522 25.85 28.97 -9.95
C ARG F 522 24.67 29.89 -9.65
N GLN F 523 23.48 29.44 -10.01
CA GLN F 523 22.24 30.08 -9.57
C GLN F 523 21.65 29.25 -8.43
N ILE F 524 21.02 29.95 -7.48
CA ILE F 524 20.54 29.29 -6.27
C ILE F 524 19.52 28.21 -6.60
N VAL F 525 18.92 28.25 -7.79
CA VAL F 525 17.94 27.25 -8.21
C VAL F 525 18.13 26.97 -9.69
N GLN F 526 18.25 25.70 -10.05
CA GLN F 526 18.36 25.27 -11.43
C GLN F 526 17.46 24.06 -11.63
N LEU F 527 16.51 24.17 -12.54
CA LEU F 527 15.53 23.13 -12.78
C LEU F 527 15.67 22.58 -14.20
N ASN F 528 15.85 21.27 -14.30
CA ASN F 528 15.85 20.55 -15.57
C ASN F 528 14.63 19.66 -15.57
N THR F 529 13.56 20.10 -16.24
CA THR F 529 12.24 19.52 -16.10
C THR F 529 11.84 18.74 -17.34
N ILE F 530 11.19 17.61 -17.13
CA ILE F 530 10.51 16.85 -18.17
C ILE F 530 9.02 16.92 -17.85
N LEU F 531 8.30 17.78 -18.58
CA LEU F 531 6.87 17.99 -18.32
C LEU F 531 6.08 16.98 -19.12
N ASP F 532 5.79 15.84 -18.49
CA ASP F 532 4.96 14.82 -19.13
C ASP F 532 3.55 15.36 -19.27
N THR F 533 3.16 15.74 -20.48
CA THR F 533 1.87 16.36 -20.70
C THR F 533 0.70 15.41 -20.47
N SER F 534 0.96 14.10 -20.32
CA SER F 534 -0.12 13.17 -19.99
C SER F 534 -0.79 13.56 -18.68
N GLU F 535 0.00 13.93 -17.68
CA GLU F 535 -0.53 14.33 -16.40
C GLU F 535 -1.25 15.67 -16.51
N SER F 536 -2.14 15.93 -15.55
CA SER F 536 -2.92 17.14 -15.58
C SER F 536 -2.03 18.36 -15.42
N VAL F 537 -2.44 19.46 -16.07
CA VAL F 537 -1.67 20.71 -15.96
C VAL F 537 -1.55 21.12 -14.50
N PHE F 538 -2.57 20.84 -13.71
CA PHE F 538 -2.51 21.07 -12.27
C PHE F 538 -1.30 20.35 -11.67
N LYS F 539 -1.16 19.06 -11.96
CA LYS F 539 -0.06 18.28 -11.40
C LYS F 539 1.28 18.79 -11.88
N ASN F 540 1.39 19.15 -13.15
CA ASN F 540 2.66 19.66 -13.67
C ASN F 540 3.05 20.97 -12.99
N VAL F 541 2.08 21.88 -12.83
CA VAL F 541 2.38 23.16 -12.18
C VAL F 541 2.78 22.92 -10.73
N GLN F 542 2.08 22.02 -10.04
CA GLN F 542 2.44 21.72 -8.66
C GLN F 542 3.85 21.14 -8.58
N GLY F 543 4.19 20.25 -9.51
CA GLY F 543 5.52 19.68 -9.52
C GLY F 543 6.60 20.71 -9.76
N ILE F 544 6.34 21.66 -10.66
CA ILE F 544 7.31 22.72 -10.89
C ILE F 544 7.46 23.59 -9.65
N LEU F 545 6.34 23.97 -9.02
CA LEU F 545 6.41 24.85 -7.87
C LEU F 545 7.11 24.19 -6.69
N GLU F 546 6.85 22.89 -6.48
CA GLU F 546 7.46 22.20 -5.34
C GLU F 546 8.98 22.17 -5.43
N SER F 547 9.55 22.37 -6.63
CA SER F 547 10.99 22.30 -6.77
C SER F 547 11.69 23.41 -6.01
N PHE F 548 11.19 24.65 -6.12
CA PHE F 548 11.81 25.80 -5.48
C PHE F 548 10.93 26.41 -4.40
N GLY F 549 9.91 25.69 -3.93
CA GLY F 549 9.11 26.18 -2.82
C GLY F 549 8.27 27.39 -3.10
N GLY F 550 8.05 27.72 -4.37
CA GLY F 550 7.22 28.85 -4.73
C GLY F 550 5.74 28.52 -4.58
N ALA F 551 4.92 29.53 -4.85
CA ALA F 551 3.48 29.38 -4.73
C ALA F 551 2.80 30.30 -5.73
N ILE F 552 1.72 29.81 -6.33
CA ILE F 552 0.91 30.59 -7.27
C ILE F 552 -0.46 30.81 -6.66
N ASN F 553 -0.96 32.04 -6.81
CA ASN F 553 -2.27 32.40 -6.29
C ASN F 553 -2.89 33.45 -7.19
N ASN F 554 -4.22 33.39 -7.32
CA ASN F 554 -4.97 34.35 -8.11
C ASN F 554 -6.07 34.94 -7.25
N LEU F 555 -5.88 36.18 -6.81
CA LEU F 555 -6.91 36.96 -6.14
C LEU F 555 -7.00 38.31 -6.83
N SER F 556 -8.21 38.69 -7.22
CA SER F 556 -8.44 39.92 -7.97
C SER F 556 -8.02 39.79 -9.43
N GLY F 557 -7.91 38.56 -9.93
CA GLY F 557 -7.70 38.32 -11.34
C GLY F 557 -6.26 38.40 -11.81
N GLU F 558 -5.31 38.71 -10.92
CA GLU F 558 -3.90 38.73 -11.26
C GLU F 558 -3.26 37.44 -10.77
N TYR F 559 -2.53 36.78 -11.66
CA TYR F 559 -1.87 35.52 -11.30
C TYR F 559 -0.51 35.83 -10.69
N ARG F 560 -0.41 35.66 -9.39
CA ARG F 560 0.82 35.97 -8.66
C ARG F 560 1.62 34.70 -8.46
N ILE F 561 2.90 34.74 -8.83
CA ILE F 561 3.85 33.67 -8.59
C ILE F 561 4.90 34.23 -7.64
N THR F 562 4.87 33.78 -6.39
CA THR F 562 5.73 34.34 -5.36
C THR F 562 6.33 33.22 -4.53
N VAL F 563 7.49 33.51 -3.94
CA VAL F 563 8.23 32.56 -3.13
C VAL F 563 8.57 33.22 -1.80
N GLU F 564 8.79 32.40 -0.78
CA GLU F 564 9.05 32.90 0.56
C GLU F 564 10.37 33.65 0.57
N LYS F 565 10.31 34.97 0.62
CA LYS F 565 11.51 35.80 0.57
C LYS F 565 11.41 36.89 1.62
N TYR F 566 12.57 37.38 2.04
CA TYR F 566 12.64 38.50 2.96
C TYR F 566 12.41 39.80 2.19
N SER F 567 11.66 40.73 2.81
CA SER F 567 11.34 42.00 2.19
C SER F 567 11.72 43.13 3.14
N THR F 568 12.22 44.22 2.56
CA THR F 568 12.56 45.42 3.31
C THR F 568 11.44 46.44 3.34
N ASN F 569 10.29 46.14 2.73
CA ASN F 569 9.14 47.04 2.72
C ASN F 569 7.87 46.24 3.04
N PRO F 570 7.75 45.73 4.26
CA PRO F 570 6.53 45.02 4.63
C PRO F 570 5.37 45.98 4.88
N LEU F 571 4.16 45.41 4.91
CA LEU F 571 2.98 46.18 5.26
C LEU F 571 2.85 46.23 6.77
N ARG F 572 2.81 47.43 7.33
CA ARG F 572 2.76 47.59 8.78
C ARG F 572 1.32 47.41 9.26
N ILE F 573 1.09 46.34 10.02
CA ILE F 573 -0.18 46.07 10.67
C ILE F 573 0.03 46.21 12.17
N ASN F 574 -0.85 46.96 12.81
CA ASN F 574 -0.81 47.11 14.26
C ASN F 574 -1.98 46.36 14.88
N PHE F 575 -1.78 45.87 16.11
CA PHE F 575 -2.81 45.08 16.75
C PHE F 575 -4.12 45.87 16.87
N LEU F 576 -4.03 47.18 17.06
CA LEU F 576 -5.23 48.00 17.13
C LEU F 576 -5.98 48.01 15.80
N ASP F 577 -5.25 48.12 14.69
CA ASP F 577 -5.91 48.05 13.38
C ASP F 577 -6.65 46.74 13.22
N THR F 578 -6.14 45.66 13.82
CA THR F 578 -6.80 44.37 13.78
C THR F 578 -8.11 44.42 14.56
N TYR F 579 -8.99 43.48 14.28
CA TYR F 579 -10.14 43.26 15.15
C TYR F 579 -9.64 42.79 16.52
N GLY F 580 -10.58 42.55 17.42
CA GLY F 580 -10.18 42.17 18.77
C GLY F 580 -9.44 40.84 18.80
N ASP F 581 -9.93 39.84 18.08
CA ASP F 581 -9.41 38.49 18.23
C ASP F 581 -7.96 38.40 17.79
N LEU F 582 -7.21 37.56 18.51
CA LEU F 582 -5.83 37.22 18.15
C LEU F 582 -5.59 35.78 18.57
N ASP F 583 -4.64 35.13 17.91
CA ASP F 583 -4.35 33.73 18.20
C ASP F 583 -2.91 33.45 17.74
N LEU F 584 -2.02 33.28 18.71
CA LEU F 584 -0.64 32.88 18.45
C LEU F 584 -0.46 31.44 18.87
N SER F 585 0.01 30.60 17.96
CA SER F 585 0.17 29.18 18.21
C SER F 585 1.55 28.72 17.76
N ASP F 586 2.08 27.72 18.45
CA ASP F 586 3.40 27.17 18.18
C ASP F 586 3.27 25.78 17.57
N THR F 587 3.96 25.55 16.45
CA THR F 587 3.94 24.27 15.76
C THR F 587 5.34 23.76 15.47
N THR F 588 6.35 24.25 16.20
CA THR F 588 7.72 23.83 15.93
C THR F 588 7.93 22.36 16.24
N GLY F 589 7.31 21.86 17.31
CA GLY F 589 7.53 20.48 17.69
C GLY F 589 7.11 19.50 16.61
N ARG F 590 5.99 19.77 15.95
CA ARG F 590 5.50 18.86 14.93
C ARG F 590 6.28 18.97 13.62
N ASN F 591 6.70 20.18 13.26
CA ASN F 591 7.31 20.43 11.96
C ASN F 591 8.83 20.38 11.98
N LYS F 592 9.44 20.07 13.12
CA LYS F 592 10.89 19.92 13.16
C LYS F 592 11.31 18.84 12.18
N PHE F 593 12.34 19.13 11.38
CA PHE F 593 12.86 18.19 10.40
C PHE F 593 14.37 18.24 10.43
N ASN F 594 14.99 17.06 10.27
CA ASN F 594 16.44 16.96 10.32
C ASN F 594 17.02 16.02 9.27
N SER F 595 16.22 15.52 8.34
CA SER F 595 16.72 14.63 7.30
C SER F 595 15.85 14.76 6.07
N VAL F 596 16.37 14.31 4.94
CA VAL F 596 15.62 14.32 3.69
C VAL F 596 16.25 13.31 2.75
N GLN F 597 15.41 12.49 2.14
CA GLN F 597 15.85 11.51 1.16
C GLN F 597 15.73 12.14 -0.23
N ALA F 598 16.85 12.19 -0.94
CA ALA F 598 16.92 12.82 -2.25
C ALA F 598 17.13 11.74 -3.30
N SER F 599 16.11 11.49 -4.12
CA SER F 599 16.20 10.57 -5.24
C SER F 599 16.37 11.40 -6.51
N LEU F 600 17.62 11.78 -6.78
CA LEU F 600 17.96 12.60 -7.93
C LEU F 600 18.72 11.76 -8.94
N VAL F 601 18.51 12.06 -10.22
CA VAL F 601 19.15 11.33 -11.31
C VAL F 601 20.46 12.02 -11.63
N ASP F 602 21.55 11.25 -11.68
CA ASP F 602 22.88 11.78 -11.90
C ASP F 602 23.35 11.42 -13.30
N PRO F 603 23.60 12.38 -14.19
CA PRO F 603 24.04 12.03 -15.54
C PRO F 603 25.31 11.20 -15.58
N ALA F 604 26.21 11.35 -14.61
CA ALA F 604 27.49 10.64 -14.66
C ALA F 604 27.28 9.13 -14.68
N LEU F 605 26.32 8.64 -13.90
CA LEU F 605 26.01 7.23 -13.83
C LEU F 605 24.97 6.81 -14.86
N SER F 606 24.90 7.52 -15.99
CA SER F 606 23.76 7.43 -16.89
C SER F 606 22.54 7.92 -16.13
N TRP F 607 21.50 8.34 -16.84
CA TRP F 607 20.41 9.03 -16.16
C TRP F 607 19.59 8.04 -15.34
N LYS F 608 20.18 7.58 -14.24
CA LYS F 608 19.55 6.66 -13.30
C LYS F 608 19.57 7.26 -11.91
N THR F 609 18.57 6.88 -11.11
CA THR F 609 18.39 7.50 -9.81
C THR F 609 19.52 7.14 -8.86
N ASN F 610 19.88 8.10 -8.00
CA ASN F 610 20.77 7.87 -6.87
C ASN F 610 19.98 8.09 -5.60
N SER F 611 19.93 7.08 -4.74
CA SER F 611 19.23 7.19 -3.46
C SER F 611 20.16 7.88 -2.48
N ILE F 612 20.07 9.21 -2.44
CA ILE F 612 20.95 10.05 -1.65
C ILE F 612 20.13 10.66 -0.53
N THR F 613 20.70 10.66 0.68
CA THR F 613 20.04 11.21 1.87
C THR F 613 20.86 12.37 2.40
N PHE F 614 20.19 13.48 2.69
CA PHE F 614 20.80 14.64 3.33
C PHE F 614 20.24 14.77 4.73
N TYR F 615 21.12 14.84 5.72
CA TYR F 615 20.71 14.97 7.12
C TYR F 615 21.63 15.96 7.80
N ASN F 616 21.06 16.79 8.67
CA ASN F 616 21.82 17.76 9.45
C ASN F 616 22.15 17.13 10.80
N SER F 617 23.44 16.85 11.02
CA SER F 617 23.84 16.14 12.23
C SER F 617 23.47 16.91 13.48
N LYS F 618 23.70 18.22 13.48
CA LYS F 618 23.39 19.03 14.66
C LYS F 618 21.91 18.95 15.00
N PHE F 619 21.05 19.02 13.98
CA PHE F 619 19.61 18.90 14.23
C PHE F 619 19.27 17.56 14.84
N LYS F 620 19.88 16.48 14.35
CA LYS F 620 19.64 15.16 14.92
C LYS F 620 20.05 15.11 16.38
N GLU F 621 21.20 15.70 16.72
CA GLU F 621 21.59 15.75 18.13
C GLU F 621 20.58 16.54 18.95
N GLN F 622 20.06 17.63 18.39
CA GLN F 622 19.02 18.39 19.09
C GLN F 622 17.74 17.59 19.22
N ASP F 623 17.41 16.78 18.20
CA ASP F 623 16.20 15.99 18.18
C ASP F 623 16.36 14.65 18.91
N LYS F 624 17.38 14.52 19.74
CA LYS F 624 17.67 13.28 20.45
C LYS F 624 17.95 12.14 19.47
N GLY F 625 18.50 12.48 18.30
CA GLY F 625 18.86 11.48 17.31
C GLY F 625 17.68 10.94 16.51
N LEU F 626 16.46 11.33 16.82
CA LEU F 626 15.32 10.82 16.10
C LEU F 626 15.33 11.31 14.66
N ASP F 627 14.91 10.45 13.75
CA ASP F 627 14.91 10.77 12.32
C ASP F 627 13.58 11.41 11.93
N LYS F 628 13.65 12.57 11.29
CA LYS F 628 12.47 13.32 10.85
C LYS F 628 12.69 13.75 9.41
N LYS F 629 12.23 12.93 8.47
CA LYS F 629 12.41 13.19 7.06
C LYS F 629 11.22 13.99 6.51
N LEU F 630 11.52 14.99 5.69
CA LEU F 630 10.51 15.77 5.01
C LEU F 630 10.50 15.41 3.54
N GLN F 631 9.32 15.09 3.02
CA GLN F 631 9.19 14.64 1.63
C GLN F 631 9.44 15.83 0.71
N LEU F 632 10.57 15.81 0.03
CA LEU F 632 10.98 16.86 -0.88
C LEU F 632 11.08 16.30 -2.29
N SER F 633 10.83 17.15 -3.28
CA SER F 633 10.81 16.73 -4.68
C SER F 633 12.12 17.13 -5.35
N PHE F 634 12.89 16.13 -5.79
CA PHE F 634 14.12 16.35 -6.54
C PHE F 634 14.00 15.88 -7.98
N ALA F 635 12.78 15.62 -8.45
CA ALA F 635 12.60 15.11 -9.80
C ALA F 635 13.12 16.08 -10.84
N ASN F 636 12.97 17.38 -10.61
CA ASN F 636 13.30 18.41 -11.59
C ASN F 636 14.72 18.92 -11.45
N ILE F 637 15.50 18.43 -10.48
CA ILE F 637 16.86 18.89 -10.23
C ILE F 637 17.82 17.76 -10.55
N THR F 638 18.83 18.06 -11.37
CA THR F 638 19.88 17.10 -11.71
C THR F 638 21.25 17.50 -11.19
N ASN F 639 21.53 18.79 -11.08
CA ASN F 639 22.78 19.24 -10.52
C ASN F 639 22.81 18.93 -9.03
N TYR F 640 23.81 18.16 -8.60
CA TYR F 640 23.83 17.69 -7.21
C TYR F 640 23.92 18.84 -6.23
N TYR F 641 24.77 19.83 -6.51
CA TYR F 641 25.02 20.88 -5.53
C TYR F 641 23.78 21.72 -5.29
N THR F 642 23.03 22.04 -6.34
CA THR F 642 21.79 22.77 -6.16
C THR F 642 20.82 21.98 -5.31
N ALA F 643 20.73 20.67 -5.55
CA ALA F 643 19.87 19.82 -4.74
C ALA F 643 20.28 19.84 -3.28
N ARG F 644 21.59 19.76 -3.01
CA ARG F 644 22.06 19.77 -1.63
C ARG F 644 21.76 21.11 -0.96
N SER F 645 22.00 22.21 -1.67
CA SER F 645 21.70 23.52 -1.09
C SER F 645 20.21 23.65 -0.80
N TYR F 646 19.37 23.16 -1.72
CA TYR F 646 17.93 23.14 -1.48
C TYR F 646 17.61 22.36 -0.21
N ALA F 647 18.20 21.18 -0.06
CA ALA F 647 17.92 20.35 1.11
C ALA F 647 18.34 21.06 2.40
N ASP F 648 19.54 21.62 2.42
CA ASP F 648 20.02 22.30 3.61
C ASP F 648 19.15 23.51 3.95
N ARG F 649 18.78 24.29 2.94
CA ARG F 649 17.95 25.46 3.18
C ARG F 649 16.59 25.06 3.74
N GLU F 650 15.96 24.03 3.16
CA GLU F 650 14.66 23.62 3.64
C GLU F 650 14.75 23.06 5.06
N LEU F 651 15.80 22.29 5.36
CA LEU F 651 15.95 21.78 6.72
C LEU F 651 16.13 22.91 7.71
N LYS F 652 16.94 23.92 7.37
CA LYS F 652 17.11 25.06 8.27
C LYS F 652 15.79 25.79 8.47
N LYS F 653 15.04 26.00 7.39
CA LYS F 653 13.82 26.80 7.46
C LYS F 653 12.72 26.16 8.28
N SER F 654 12.84 24.89 8.64
CA SER F 654 11.79 24.16 9.33
C SER F 654 12.03 24.04 10.84
N ARG F 655 12.98 24.79 11.38
CA ARG F 655 13.31 24.67 12.81
C ARG F 655 12.53 25.64 13.68
N TYR F 656 12.05 26.75 13.12
CA TYR F 656 11.27 27.73 13.87
C TYR F 656 10.01 28.02 13.08
N SER F 657 8.84 27.87 13.71
CA SER F 657 7.59 28.03 13.00
C SER F 657 6.46 28.28 13.99
N ARG F 658 5.73 29.37 13.77
CA ARG F 658 4.54 29.69 14.54
C ARG F 658 3.46 30.15 13.58
N THR F 659 2.21 30.04 14.04
CA THR F 659 1.06 30.53 13.29
C THR F 659 0.35 31.60 14.11
N LEU F 660 0.10 32.74 13.50
CA LEU F 660 -0.61 33.84 14.13
C LEU F 660 -1.85 34.15 13.30
N SER F 661 -3.02 34.00 13.92
CA SER F 661 -4.29 34.14 13.22
C SER F 661 -5.06 35.33 13.78
N PHE F 662 -5.47 36.23 12.90
CA PHE F 662 -6.29 37.36 13.30
C PHE F 662 -7.06 37.87 12.10
N SER F 663 -7.94 38.84 12.35
CA SER F 663 -8.82 39.40 11.32
C SER F 663 -8.62 40.90 11.24
N VAL F 664 -8.44 41.40 10.03
CA VAL F 664 -8.14 42.81 9.80
C VAL F 664 -9.25 43.40 8.95
N PRO F 665 -9.67 44.65 9.17
CA PRO F 665 -10.84 45.18 8.44
C PRO F 665 -10.61 45.35 6.95
N TYR F 666 -11.63 45.82 6.24
CA TYR F 666 -11.61 45.93 4.79
C TYR F 666 -10.63 46.98 4.29
N LYS F 667 -10.10 47.82 5.17
CA LYS F 667 -9.13 48.82 4.74
C LYS F 667 -7.95 48.16 4.03
N PHE F 668 -7.52 47.00 4.52
CA PHE F 668 -6.39 46.27 3.93
C PHE F 668 -6.96 45.23 2.96
N ILE F 669 -7.37 45.70 1.79
CA ILE F 669 -7.92 44.83 0.75
C ILE F 669 -6.81 44.49 -0.23
N GLY F 670 -6.80 43.24 -0.68
CA GLY F 670 -5.79 42.78 -1.61
C GLY F 670 -4.55 42.18 -0.97
N ILE F 671 -4.63 41.78 0.30
CA ILE F 671 -3.50 41.16 0.98
C ILE F 671 -3.36 39.75 0.43
N GLU F 672 -2.36 39.54 -0.42
CA GLU F 672 -2.16 38.24 -1.05
C GLU F 672 -1.44 37.29 -0.09
N PRO F 673 -1.56 35.98 -0.31
CA PRO F 673 -0.76 35.03 0.47
C PRO F 673 0.71 35.16 0.16
N ASN F 674 1.53 34.78 1.14
CA ASN F 674 2.98 34.83 1.00
C ASN F 674 3.44 36.28 0.82
N ASP F 675 3.01 37.13 1.74
CA ASP F 675 3.23 38.57 1.68
C ASP F 675 3.91 39.04 2.96
N PRO F 676 4.78 40.05 2.88
CA PRO F 676 5.50 40.47 4.09
C PRO F 676 4.64 41.35 4.97
N ILE F 677 4.61 40.99 6.26
CA ILE F 677 3.81 41.70 7.26
C ILE F 677 4.73 42.13 8.39
N ALA F 678 4.61 43.38 8.81
CA ALA F 678 5.34 43.92 9.96
C ALA F 678 4.33 44.16 11.07
N PHE F 679 4.07 43.12 11.85
CA PHE F 679 3.05 43.18 12.89
C PHE F 679 3.64 43.77 14.17
N THR F 680 2.96 44.78 14.71
CA THR F 680 3.43 45.49 15.90
C THR F 680 2.39 45.37 17.02
N TYR F 681 2.83 44.89 18.17
CA TYR F 681 1.95 44.72 19.33
C TYR F 681 2.81 44.85 20.57
N GLU F 682 2.81 46.03 21.18
CA GLU F 682 3.81 46.35 22.20
C GLU F 682 3.66 45.51 23.46
N ARG F 683 2.44 45.07 23.80
CA ARG F 683 2.29 44.29 25.02
C ARG F 683 3.05 42.97 24.93
N TYR F 684 3.22 42.44 23.72
CA TYR F 684 3.95 41.20 23.51
C TYR F 684 5.46 41.41 23.37
N GLY F 685 5.91 42.64 23.20
CA GLY F 685 7.30 42.90 22.86
C GLY F 685 7.59 42.85 21.38
N TRP F 686 6.58 42.99 20.53
CA TRP F 686 6.75 42.96 19.08
C TRP F 686 6.81 44.38 18.54
N LYS F 687 7.81 44.66 17.71
CA LYS F 687 7.91 45.92 17.00
C LYS F 687 8.24 45.60 15.54
N ASP F 688 7.22 45.68 14.68
CA ASP F 688 7.39 45.38 13.26
C ASP F 688 7.96 43.98 13.07
N LYS F 689 7.48 43.03 13.86
CA LYS F 689 7.90 41.65 13.70
C LYS F 689 7.56 41.16 12.30
N PHE F 690 8.50 40.46 11.68
CA PHE F 690 8.36 40.03 10.30
C PHE F 690 7.58 38.72 10.22
N PHE F 691 6.48 38.73 9.48
CA PHE F 691 5.67 37.55 9.24
C PHE F 691 5.44 37.42 7.74
N LEU F 692 5.01 36.23 7.33
CA LEU F 692 4.62 35.97 5.95
C LEU F 692 3.20 35.44 5.92
N VAL F 693 2.34 36.08 5.14
CA VAL F 693 0.94 35.68 5.07
C VAL F 693 0.85 34.27 4.53
N ASP F 694 0.05 33.44 5.19
CA ASP F 694 -0.17 32.06 4.75
C ASP F 694 -1.55 31.87 4.11
N GLU F 695 -2.61 32.23 4.83
CA GLU F 695 -3.97 32.05 4.34
C GLU F 695 -4.71 33.37 4.48
N VAL F 696 -5.36 33.79 3.41
CA VAL F 696 -6.17 35.01 3.39
C VAL F 696 -7.55 34.65 2.85
N GLU F 697 -8.59 35.02 3.60
CA GLU F 697 -9.96 34.77 3.20
C GLU F 697 -10.68 36.11 3.07
N ASN F 698 -11.35 36.31 1.93
CA ASN F 698 -12.14 37.50 1.69
C ASN F 698 -13.60 37.18 1.94
N THR F 699 -14.27 38.03 2.69
CA THR F 699 -15.69 37.90 2.96
C THR F 699 -16.46 39.05 2.32
N ARG F 700 -17.73 38.79 2.02
CA ARG F 700 -18.57 39.84 1.46
C ARG F 700 -18.78 40.98 2.45
N ASP F 701 -18.63 40.70 3.75
CA ASP F 701 -18.76 41.75 4.75
C ASP F 701 -17.57 42.70 4.76
N GLY F 702 -16.51 42.37 4.03
CA GLY F 702 -15.30 43.15 4.02
C GLY F 702 -14.23 42.66 4.98
N LYS F 703 -14.59 41.82 5.95
CA LYS F 703 -13.62 41.28 6.88
C LYS F 703 -12.66 40.36 6.14
N ILE F 704 -11.36 40.55 6.37
CA ILE F 704 -10.32 39.69 5.82
C ILE F 704 -9.75 38.87 6.96
N ASN F 705 -9.86 37.55 6.86
CA ASN F 705 -9.29 36.64 7.84
C ASN F 705 -7.87 36.30 7.42
N LEU F 706 -6.91 36.51 8.32
CA LEU F 706 -5.51 36.28 8.04
C LEU F 706 -4.97 35.17 8.92
N VAL F 707 -3.98 34.44 8.40
CA VAL F 707 -3.22 33.47 9.15
C VAL F 707 -1.77 33.64 8.73
N LEU F 708 -0.94 34.12 9.63
CA LEU F 708 0.45 34.43 9.32
C LEU F 708 1.36 33.28 9.73
N GLN F 709 2.57 33.31 9.21
CA GLN F 709 3.60 32.31 9.48
C GLN F 709 4.84 33.03 9.98
N GLU F 710 5.43 32.54 11.07
CA GLU F 710 6.65 33.10 11.62
C GLU F 710 7.82 32.18 11.32
N TYR F 711 8.97 32.77 11.03
CA TYR F 711 10.16 32.04 10.62
C TYR F 711 11.34 32.44 11.49
N GLY F 712 12.47 31.79 11.27
CA GLY F 712 13.69 32.15 11.95
C GLY F 712 14.19 33.52 11.53
N GLU F 713 15.34 33.88 12.08
CA GLU F 713 15.87 35.22 11.83
C GLU F 713 16.28 35.39 10.37
N ASP F 714 17.07 34.46 9.84
CA ASP F 714 17.65 34.59 8.50
C ASP F 714 17.53 33.27 7.74
N VAL F 715 16.33 32.69 7.75
CA VAL F 715 16.12 31.38 7.14
C VAL F 715 15.59 31.47 5.71
N PHE F 716 15.47 32.68 5.16
CA PHE F 716 14.91 32.85 3.83
C PHE F 716 16.00 32.77 2.76
N ILE F 717 15.57 32.39 1.55
CA ILE F 717 16.50 32.34 0.41
C ILE F 717 17.10 33.70 0.16
N ASN F 718 16.36 34.78 0.46
CA ASN F 718 16.78 36.14 0.14
C ASN F 718 17.45 36.84 1.32
N SER F 719 17.74 36.10 2.39
CA SER F 719 18.29 36.69 3.60
C SER F 719 19.74 37.08 3.41
N GLU F 720 20.20 38.02 4.24
CA GLU F 720 21.57 38.53 4.20
C GLU F 720 21.88 39.18 2.85
#